data_5THW
#
_entry.id   5THW
#
_cell.length_a   86.460
_cell.length_b   88.510
_cell.length_c   126.440
_cell.angle_alpha   90.000
_cell.angle_beta   90.210
_cell.angle_gamma   90.000
#
_symmetry.space_group_name_H-M   'P 1 21 1'
#
loop_
_entity.id
_entity.type
_entity.pdbx_description
1 polymer Deacylase
2 non-polymer 'ZINC ION'
3 non-polymer N-(AMINOCARBONYL)-BETA-ALANINE
4 non-polymer 1,2-ETHANEDIOL
5 water water
#
_entity_poly.entity_id   1
_entity_poly.type   'polypeptide(L)'
_entity_poly.pdbx_seq_one_letter_code
;MAHHHHHHMNAVSEALKRTAIDPSIKVDGKRLWNSLMEMAKIGATPKGGVCRLALTDLDKAGRDLIVRWAKEAGCTVTVD
TMGNVFMRRAGRVADAAPVVTGSHADSQPTGGRFDGIYGVLGGLEVIRSLNDHGIETEHPIEVVIWTNEEGSRFAPAMVA
SGVFAGVFTLEYGLSRKDVDGKTIGEELQRIGYAGDVPCGGRPLHAAFELHIEQGPILEAERKTIGVVTDAQGQRWYEIT
FTGQEAHAGPTPMPRRRDALLGASRVVDLVNRIGLDHAPFGCATVGMMQVHPNSRNVIPGRVFFTVDFRHPDDAVLAQMD
AALRDGVARIAADIGLETALEQIFYYKPVAFDPACVQAVREAAERFGYPHRDIVSGAGHDACYLAQVAPTSMVFVPCVDG
ISHNEVEDATPEWIEAGANVLLHAMLSRACEPVS
;
_entity_poly.pdbx_strand_id   A,B,C,D
#
# COMPACT_ATOMS: atom_id res chain seq x y z
N ASP A 22 23.89 -3.44 -6.78
CA ASP A 22 24.15 -3.96 -8.12
C ASP A 22 23.35 -3.18 -9.18
N PRO A 23 24.07 -2.42 -10.02
CA PRO A 23 23.40 -1.49 -10.97
C PRO A 23 22.45 -2.14 -11.97
N SER A 24 22.52 -3.46 -12.21
CA SER A 24 21.57 -4.09 -13.14
C SER A 24 20.13 -3.96 -12.68
N ILE A 25 19.89 -3.76 -11.39
CA ILE A 25 18.56 -3.48 -10.88
C ILE A 25 18.36 -1.97 -10.99
N LYS A 26 17.44 -1.56 -11.85
CA LYS A 26 17.18 -0.15 -12.08
C LYS A 26 15.68 0.07 -12.15
N VAL A 27 15.27 1.33 -12.03
CA VAL A 27 13.85 1.66 -12.04
C VAL A 27 13.41 1.88 -13.48
N ASP A 28 12.10 1.87 -13.69
CA ASP A 28 11.52 2.17 -14.99
C ASP A 28 11.30 3.68 -15.03
N GLY A 29 12.25 4.39 -15.65
CA GLY A 29 12.16 5.84 -15.66
C GLY A 29 10.91 6.35 -16.34
N LYS A 30 10.51 5.73 -17.45
CA LYS A 30 9.32 6.17 -18.17
C LYS A 30 8.06 5.95 -17.35
N ARG A 31 7.95 4.78 -16.70
CA ARG A 31 6.78 4.49 -15.89
C ARG A 31 6.66 5.44 -14.70
N LEU A 32 7.79 5.71 -14.03
CA LEU A 32 7.79 6.68 -12.93
C LEU A 32 7.44 8.08 -13.43
N TRP A 33 8.01 8.49 -14.56
CA TRP A 33 7.70 9.81 -15.09
C TRP A 33 6.22 9.95 -15.42
N ASN A 34 5.63 8.94 -16.06
CA ASN A 34 4.22 9.02 -16.43
C ASN A 34 3.32 9.09 -15.21
N SER A 35 3.65 8.33 -14.16
CA SER A 35 2.87 8.42 -12.94
C SER A 35 2.86 9.85 -12.41
N LEU A 36 3.98 10.56 -12.53
CA LEU A 36 4.04 11.96 -12.12
C LEU A 36 3.18 12.85 -13.01
N MET A 37 3.21 12.62 -14.32
CA MET A 37 2.37 13.40 -15.22
C MET A 37 0.89 13.13 -14.97
N GLU A 38 0.54 11.90 -14.58
CA GLU A 38 -0.86 11.57 -14.34
C GLU A 38 -1.36 12.25 -13.07
N MET A 39 -0.54 12.24 -12.00
CA MET A 39 -0.90 12.90 -10.75
C MET A 39 -1.02 14.41 -10.93
N ALA A 40 -0.25 14.98 -11.86
CA ALA A 40 -0.29 16.42 -12.08
C ALA A 40 -1.63 16.89 -12.62
N LYS A 41 -2.45 15.98 -13.16
CA LYS A 41 -3.76 16.36 -13.62
C LYS A 41 -4.70 16.70 -12.46
N ILE A 42 -4.48 16.10 -11.30
CA ILE A 42 -5.34 16.26 -10.11
C ILE A 42 -4.95 17.57 -9.44
N GLY A 43 -5.77 18.60 -9.64
CA GLY A 43 -5.45 19.93 -9.16
C GLY A 43 -4.59 20.75 -10.12
N ALA A 44 -4.58 20.40 -11.39
CA ALA A 44 -3.76 21.14 -12.36
C ALA A 44 -4.22 22.59 -12.45
N THR A 45 -3.28 23.49 -12.46
CA THR A 45 -3.58 24.91 -12.62
C THR A 45 -3.28 25.36 -14.04
N PRO A 46 -3.84 26.48 -14.47
CA PRO A 46 -3.56 26.95 -15.85
C PRO A 46 -2.08 27.18 -16.14
N LYS A 47 -1.30 27.64 -15.16
CA LYS A 47 0.13 27.86 -15.39
C LYS A 47 0.94 26.57 -15.45
N GLY A 48 0.35 25.41 -15.17
CA GLY A 48 1.06 24.15 -15.24
C GLY A 48 1.52 23.59 -13.92
N GLY A 49 1.05 24.13 -12.80
CA GLY A 49 1.33 23.62 -11.49
C GLY A 49 0.16 22.83 -10.93
N VAL A 50 0.17 22.66 -9.61
CA VAL A 50 -0.81 21.86 -8.90
C VAL A 50 -1.35 22.67 -7.73
N CYS A 51 -2.67 22.69 -7.56
CA CYS A 51 -3.31 23.34 -6.41
C CYS A 51 -4.16 22.28 -5.72
N ARG A 52 -3.51 21.49 -4.85
CA ARG A 52 -4.11 20.35 -4.20
C ARG A 52 -3.85 20.47 -2.70
N LEU A 53 -4.53 21.42 -2.07
CA LEU A 53 -4.33 21.68 -0.65
C LEU A 53 -4.72 20.49 0.20
N ALA A 54 -4.04 20.34 1.34
CA ALA A 54 -4.23 19.21 2.22
C ALA A 54 -5.69 19.04 2.63
N LEU A 55 -6.18 17.80 2.57
CA LEU A 55 -7.50 17.42 3.06
C LEU A 55 -8.66 18.09 2.30
N THR A 56 -8.41 18.54 1.06
CA THR A 56 -9.47 18.96 0.17
C THR A 56 -10.01 17.76 -0.59
N ASP A 57 -11.04 17.99 -1.42
CA ASP A 57 -11.52 16.90 -2.28
C ASP A 57 -10.47 16.50 -3.31
N LEU A 58 -9.67 17.47 -3.78
CA LEU A 58 -8.60 17.15 -4.72
C LEU A 58 -7.49 16.38 -4.05
N ASP A 59 -7.18 16.71 -2.80
CA ASP A 59 -6.22 15.92 -2.04
C ASP A 59 -6.74 14.50 -1.85
N LYS A 60 -8.04 14.36 -1.58
CA LYS A 60 -8.64 13.04 -1.50
C LYS A 60 -8.50 12.28 -2.81
N ALA A 61 -8.74 12.94 -3.94
CA ALA A 61 -8.66 12.27 -5.23
C ALA A 61 -7.26 11.75 -5.46
N GLY A 62 -6.24 12.56 -5.15
CA GLY A 62 -4.87 12.11 -5.32
C GLY A 62 -4.53 10.94 -4.42
N ARG A 63 -4.99 10.99 -3.17
CA ARG A 63 -4.79 9.86 -2.27
C ARG A 63 -5.40 8.59 -2.84
N ASP A 64 -6.66 8.66 -3.27
CA ASP A 64 -7.33 7.45 -3.78
C ASP A 64 -6.58 6.85 -4.97
N LEU A 65 -6.05 7.72 -5.84
CA LEU A 65 -5.34 7.23 -7.01
C LEU A 65 -4.02 6.55 -6.63
N ILE A 66 -3.30 7.11 -5.66
CA ILE A 66 -2.05 6.51 -5.21
C ILE A 66 -2.31 5.17 -4.55
N VAL A 67 -3.34 5.10 -3.71
CA VAL A 67 -3.70 3.85 -3.05
C VAL A 67 -4.06 2.79 -4.07
N ARG A 68 -4.81 3.16 -5.11
CA ARG A 68 -5.19 2.21 -6.14
C ARG A 68 -3.96 1.70 -6.91
N TRP A 69 -3.04 2.60 -7.26
CA TRP A 69 -1.81 2.15 -7.92
C TRP A 69 -1.00 1.23 -7.02
N ALA A 70 -0.93 1.57 -5.73
CA ALA A 70 -0.17 0.73 -4.80
C ALA A 70 -0.80 -0.64 -4.64
N LYS A 71 -2.14 -0.69 -4.55
CA LYS A 71 -2.81 -1.98 -4.46
C LYS A 71 -2.60 -2.79 -5.73
N GLU A 72 -2.57 -2.13 -6.88
CA GLU A 72 -2.25 -2.83 -8.12
C GLU A 72 -0.83 -3.36 -8.12
N ALA A 73 0.05 -2.77 -7.29
CA ALA A 73 1.41 -3.26 -7.12
C ALA A 73 1.54 -4.25 -5.96
N GLY A 74 0.44 -4.75 -5.43
CA GLY A 74 0.48 -5.77 -4.39
C GLY A 74 0.64 -5.25 -2.98
N CYS A 75 0.37 -3.96 -2.75
CA CYS A 75 0.50 -3.38 -1.42
C CYS A 75 -0.77 -3.56 -0.60
N THR A 76 -0.59 -3.77 0.71
CA THR A 76 -1.67 -3.62 1.67
C THR A 76 -1.63 -2.20 2.23
N VAL A 77 -2.81 -1.62 2.42
CA VAL A 77 -2.94 -0.21 2.74
C VAL A 77 -3.67 -0.07 4.07
N THR A 78 -3.08 0.70 4.99
CA THR A 78 -3.72 1.10 6.23
C THR A 78 -3.62 2.62 6.37
N VAL A 79 -4.57 3.19 7.11
CA VAL A 79 -4.60 4.62 7.38
C VAL A 79 -4.65 4.83 8.88
N ASP A 80 -3.82 5.75 9.38
CA ASP A 80 -3.75 6.00 10.82
C ASP A 80 -4.60 7.21 11.23
N THR A 81 -4.57 7.52 12.53
CA THR A 81 -5.47 8.53 13.11
C THR A 81 -5.21 9.94 12.59
N MET A 82 -4.03 10.22 12.05
CA MET A 82 -3.74 11.51 11.44
C MET A 82 -3.95 11.50 9.94
N GLY A 83 -4.49 10.42 9.38
CA GLY A 83 -4.68 10.33 7.95
C GLY A 83 -3.48 9.87 7.16
N ASN A 84 -2.42 9.44 7.83
CA ASN A 84 -1.25 8.93 7.13
C ASN A 84 -1.57 7.59 6.48
N VAL A 85 -1.14 7.43 5.24
CA VAL A 85 -1.39 6.23 4.45
C VAL A 85 -0.11 5.42 4.38
N PHE A 86 -0.20 4.15 4.75
CA PHE A 86 0.95 3.25 4.78
C PHE A 86 0.70 2.14 3.76
N MET A 87 1.47 2.14 2.68
CA MET A 87 1.35 1.14 1.63
C MET A 87 2.51 0.15 1.77
N ARG A 88 2.17 -1.10 2.09
CA ARG A 88 3.11 -2.08 2.62
C ARG A 88 3.38 -3.16 1.60
N ARG A 89 4.67 -3.46 1.39
CA ARG A 89 5.10 -4.59 0.59
C ARG A 89 5.66 -5.63 1.54
N ALA A 90 5.05 -6.82 1.56
CA ALA A 90 5.40 -7.83 2.53
C ALA A 90 6.85 -8.26 2.39
N GLY A 91 7.44 -8.70 3.50
CA GLY A 91 8.77 -9.26 3.51
C GLY A 91 8.77 -10.75 3.84
N ARG A 92 9.95 -11.34 3.73
CA ARG A 92 10.13 -12.73 4.13
C ARG A 92 9.90 -12.90 5.63
N VAL A 93 10.35 -11.93 6.43
CA VAL A 93 10.18 -11.91 7.87
C VAL A 93 8.96 -11.07 8.21
N ALA A 94 7.87 -11.71 8.63
CA ALA A 94 6.60 -11.03 8.80
C ALA A 94 6.63 -9.99 9.92
N ASP A 95 7.43 -10.22 10.96
CA ASP A 95 7.44 -9.35 12.13
C ASP A 95 8.57 -8.33 12.12
N ALA A 96 9.33 -8.24 11.02
CA ALA A 96 10.45 -7.33 10.98
C ALA A 96 9.98 -5.88 10.88
N ALA A 97 10.78 -4.98 11.44
CA ALA A 97 10.51 -3.56 11.35
C ALA A 97 10.68 -3.09 9.91
N PRO A 98 9.76 -2.30 9.39
CA PRO A 98 9.83 -1.93 7.98
C PRO A 98 10.88 -0.88 7.69
N VAL A 99 11.40 -0.94 6.46
CA VAL A 99 12.16 0.16 5.87
C VAL A 99 11.17 0.99 5.08
N VAL A 100 11.01 2.26 5.47
CA VAL A 100 9.93 3.06 4.91
C VAL A 100 10.53 4.19 4.07
N THR A 101 9.79 4.54 3.03
CA THR A 101 10.00 5.74 2.27
C THR A 101 8.66 6.41 2.09
N GLY A 102 8.68 7.65 1.64
CA GLY A 102 7.44 8.35 1.41
C GLY A 102 7.64 9.84 1.54
N SER A 103 6.60 10.57 1.16
CA SER A 103 6.61 12.01 1.23
C SER A 103 5.16 12.47 1.40
N HIS A 104 4.78 13.57 0.76
CA HIS A 104 3.43 14.08 0.89
C HIS A 104 2.83 14.25 -0.50
N ALA A 105 1.49 14.12 -0.57
CA ALA A 105 0.78 14.32 -1.82
C ALA A 105 0.06 15.65 -1.87
N ASP A 106 0.03 16.41 -0.78
CA ASP A 106 -0.61 17.72 -0.77
C ASP A 106 0.36 18.80 -1.24
N SER A 107 -0.18 19.93 -1.69
CA SER A 107 0.63 20.96 -2.32
C SER A 107 0.28 22.35 -1.80
N GLN A 108 1.11 23.31 -2.17
CA GLN A 108 0.82 24.71 -1.96
C GLN A 108 -0.28 25.19 -2.92
N PRO A 109 -0.90 26.34 -2.64
CA PRO A 109 -1.78 26.94 -3.65
C PRO A 109 -1.09 27.21 -4.98
N THR A 110 0.21 27.55 -4.94
CA THR A 110 1.05 27.73 -6.11
C THR A 110 2.06 26.58 -6.24
N GLY A 111 1.64 25.37 -5.91
CA GLY A 111 2.55 24.24 -5.86
C GLY A 111 3.00 23.77 -7.23
N GLY A 112 4.16 23.09 -7.23
CA GLY A 112 4.68 22.46 -8.43
C GLY A 112 4.22 21.00 -8.55
N ARG A 113 4.61 20.41 -9.68
CA ARG A 113 4.27 19.02 -10.01
C ARG A 113 5.19 18.00 -9.38
N PHE A 114 6.23 18.42 -8.65
CA PHE A 114 7.21 17.50 -8.11
C PHE A 114 7.41 17.59 -6.60
N ASP A 115 7.08 18.72 -5.97
CA ASP A 115 7.20 18.86 -4.53
C ASP A 115 6.34 17.81 -3.83
N GLY A 116 6.98 16.95 -3.03
CA GLY A 116 6.27 15.92 -2.28
C GLY A 116 5.86 14.68 -3.06
N ILE A 117 5.10 14.87 -4.14
CA ILE A 117 4.54 13.74 -4.87
C ILE A 117 5.65 12.86 -5.47
N TYR A 118 6.80 13.47 -5.78
CA TYR A 118 7.93 12.70 -6.32
C TYR A 118 8.41 11.65 -5.33
N GLY A 119 8.48 11.99 -4.05
CA GLY A 119 8.91 11.03 -3.05
C GLY A 119 7.93 9.89 -2.89
N VAL A 120 6.63 10.19 -3.00
CA VAL A 120 5.62 9.14 -2.93
C VAL A 120 5.70 8.24 -4.15
N LEU A 121 5.63 8.85 -5.35
CA LEU A 121 5.64 8.05 -6.58
C LEU A 121 6.97 7.34 -6.79
N GLY A 122 8.07 7.96 -6.36
CA GLY A 122 9.35 7.27 -6.41
C GLY A 122 9.36 6.01 -5.56
N GLY A 123 8.73 6.07 -4.38
CA GLY A 123 8.61 4.86 -3.57
C GLY A 123 7.74 3.82 -4.21
N LEU A 124 6.66 4.25 -4.88
CA LEU A 124 5.84 3.33 -5.65
C LEU A 124 6.65 2.66 -6.75
N GLU A 125 7.51 3.43 -7.42
CA GLU A 125 8.35 2.83 -8.44
C GLU A 125 9.34 1.84 -7.85
N VAL A 126 9.77 2.07 -6.60
CA VAL A 126 10.64 1.09 -5.93
C VAL A 126 9.92 -0.24 -5.78
N ILE A 127 8.66 -0.20 -5.34
CA ILE A 127 7.88 -1.42 -5.16
C ILE A 127 7.65 -2.12 -6.49
N ARG A 128 7.34 -1.35 -7.54
CA ARG A 128 7.15 -1.95 -8.86
C ARG A 128 8.44 -2.57 -9.38
N SER A 129 9.57 -1.89 -9.19
CA SER A 129 10.84 -2.43 -9.71
C SER A 129 11.21 -3.72 -8.99
N LEU A 130 10.99 -3.79 -7.68
CA LEU A 130 11.24 -5.03 -6.95
C LEU A 130 10.37 -6.16 -7.47
N ASN A 131 9.10 -5.86 -7.77
CA ASN A 131 8.22 -6.86 -8.36
C ASN A 131 8.73 -7.28 -9.74
N ASP A 132 9.21 -6.32 -10.53
CA ASP A 132 9.66 -6.62 -11.89
C ASP A 132 10.82 -7.60 -11.88
N HIS A 133 11.71 -7.48 -10.89
CA HIS A 133 12.88 -8.35 -10.79
C HIS A 133 12.66 -9.50 -9.82
N GLY A 134 11.45 -9.66 -9.30
CA GLY A 134 11.15 -10.74 -8.38
C GLY A 134 11.99 -10.76 -7.13
N ILE A 135 12.32 -9.57 -6.60
CA ILE A 135 13.19 -9.46 -5.45
C ILE A 135 12.37 -9.55 -4.17
N GLU A 136 12.78 -10.43 -3.27
CA GLU A 136 12.20 -10.53 -1.93
C GLU A 136 13.21 -9.99 -0.93
N THR A 137 12.74 -9.14 -0.02
CA THR A 137 13.61 -8.52 0.98
C THR A 137 13.32 -9.10 2.35
N GLU A 138 14.31 -9.04 3.23
CA GLU A 138 14.13 -9.52 4.60
C GLU A 138 13.09 -8.68 5.34
N HIS A 139 13.30 -7.36 5.38
CA HIS A 139 12.34 -6.47 6.01
C HIS A 139 11.21 -6.12 5.05
N PRO A 140 10.00 -5.88 5.57
CA PRO A 140 8.94 -5.31 4.73
C PRO A 140 9.29 -3.88 4.35
N ILE A 141 8.75 -3.44 3.23
CA ILE A 141 8.97 -2.09 2.73
C ILE A 141 7.63 -1.38 2.70
N GLU A 142 7.62 -0.12 3.12
CA GLU A 142 6.41 0.67 3.13
C GLU A 142 6.67 2.00 2.44
N VAL A 143 5.65 2.49 1.73
CA VAL A 143 5.62 3.83 1.18
C VAL A 143 4.49 4.59 1.88
N VAL A 144 4.79 5.80 2.37
CA VAL A 144 3.90 6.53 3.26
C VAL A 144 3.52 7.86 2.64
N ILE A 145 2.24 8.21 2.74
CA ILE A 145 1.76 9.56 2.50
C ILE A 145 1.58 10.24 3.86
N TRP A 146 2.28 11.34 4.08
CA TRP A 146 2.13 12.11 5.32
C TRP A 146 1.12 13.22 5.13
N THR A 147 0.19 13.36 6.08
CA THR A 147 -0.89 14.33 5.98
C THR A 147 -0.41 15.75 6.22
N ASN A 148 -0.89 16.68 5.39
CA ASN A 148 -0.73 18.12 5.59
C ASN A 148 0.72 18.48 5.91
N GLU A 149 1.64 18.00 5.07
CA GLU A 149 3.05 18.29 5.29
C GLU A 149 3.37 19.76 5.03
N GLU A 150 2.70 20.37 4.05
CA GLU A 150 3.01 21.74 3.63
C GLU A 150 2.79 22.73 4.76
N GLY A 151 1.79 22.50 5.62
CA GLY A 151 1.51 23.46 6.66
C GLY A 151 0.91 24.76 6.17
N SER A 152 0.28 24.74 5.00
CA SER A 152 -0.31 25.94 4.43
C SER A 152 -1.77 26.12 4.84
N ARG A 153 -2.61 25.13 4.55
CA ARG A 153 -4.02 25.24 4.92
C ARG A 153 -4.19 25.12 6.44
N PHE A 154 -3.50 24.17 7.05
CA PHE A 154 -3.44 24.05 8.51
C PHE A 154 -1.98 24.16 8.90
N ALA A 155 -1.69 24.96 9.93
CA ALA A 155 -0.33 25.19 10.39
C ALA A 155 -0.08 24.48 11.72
N PRO A 156 1.16 24.05 11.98
CA PRO A 156 2.35 24.19 11.14
C PRO A 156 2.59 23.03 10.19
N ALA A 157 3.74 23.06 9.51
CA ALA A 157 4.13 22.00 8.60
C ALA A 157 4.47 20.71 9.35
N MET A 158 4.45 19.59 8.61
CA MET A 158 4.94 18.29 9.08
C MET A 158 4.23 17.83 10.35
N VAL A 159 2.98 18.23 10.56
CA VAL A 159 2.31 17.93 11.82
C VAL A 159 2.01 16.43 11.93
N ALA A 160 1.70 15.77 10.81
CA ALA A 160 1.29 14.38 10.89
C ALA A 160 2.48 13.47 11.17
N SER A 161 3.61 13.70 10.49
CA SER A 161 4.82 12.97 10.86
C SER A 161 5.30 13.37 12.24
N GLY A 162 4.99 14.60 12.67
CA GLY A 162 5.34 15.02 14.02
C GLY A 162 4.62 14.24 15.08
N VAL A 163 3.31 14.01 14.89
CA VAL A 163 2.57 13.15 15.82
C VAL A 163 3.12 11.73 15.77
N PHE A 164 3.49 11.26 14.58
CA PHE A 164 4.01 9.89 14.46
C PHE A 164 5.27 9.72 15.29
N ALA A 165 6.12 10.73 15.32
CA ALA A 165 7.40 10.62 16.02
C ALA A 165 7.30 10.96 17.49
N GLY A 166 6.10 11.26 18.00
CA GLY A 166 5.93 11.62 19.39
C GLY A 166 6.23 13.07 19.72
N VAL A 167 6.53 13.90 18.72
CA VAL A 167 6.77 15.32 18.95
C VAL A 167 5.48 16.02 19.35
N PHE A 168 4.37 15.69 18.69
CA PHE A 168 3.08 16.28 19.00
C PHE A 168 2.10 15.18 19.39
N THR A 169 1.15 15.57 20.25
CA THR A 169 0.06 14.67 20.61
C THR A 169 -0.98 14.61 19.50
N LEU A 170 -1.80 13.56 19.55
CA LEU A 170 -2.85 13.41 18.55
C LEU A 170 -3.87 14.54 18.66
N GLU A 171 -4.18 14.97 19.88
CA GLU A 171 -5.12 16.06 20.08
C GLU A 171 -4.61 17.34 19.43
N TYR A 172 -3.31 17.61 19.54
CA TYR A 172 -2.73 18.76 18.88
C TYR A 172 -2.82 18.63 17.36
N GLY A 173 -2.46 17.47 16.82
CA GLY A 173 -2.52 17.29 15.38
C GLY A 173 -3.91 17.46 14.82
N LEU A 174 -4.92 16.91 15.50
CA LEU A 174 -6.29 16.96 15.02
C LEU A 174 -6.94 18.32 15.23
N SER A 175 -6.44 19.16 16.14
CA SER A 175 -7.08 20.44 16.43
C SER A 175 -6.52 21.61 15.60
N ARG A 176 -5.56 21.38 14.71
CA ARG A 176 -5.05 22.48 13.88
C ARG A 176 -6.14 22.98 12.94
N LYS A 177 -6.26 24.31 12.84
CA LYS A 177 -7.38 24.94 12.15
C LYS A 177 -6.93 25.67 10.90
N ASP A 178 -7.80 25.69 9.89
CA ASP A 178 -7.60 26.51 8.71
C ASP A 178 -8.28 27.87 8.91
N VAL A 179 -8.24 28.73 7.89
CA VAL A 179 -8.78 30.07 8.07
C VAL A 179 -10.29 30.06 8.35
N ASP A 180 -10.99 28.99 8.00
CA ASP A 180 -12.43 28.91 8.21
C ASP A 180 -12.80 28.17 9.49
N GLY A 181 -11.82 27.81 10.31
CA GLY A 181 -12.10 27.12 11.54
C GLY A 181 -12.21 25.62 11.44
N LYS A 182 -12.08 25.04 10.24
CA LYS A 182 -12.13 23.59 10.07
C LYS A 182 -10.84 22.96 10.56
N THR A 183 -10.97 21.90 11.35
CA THR A 183 -9.83 21.21 11.91
C THR A 183 -9.36 20.09 10.99
N ILE A 184 -8.12 19.65 11.22
CA ILE A 184 -7.61 18.48 10.51
C ILE A 184 -8.48 17.26 10.78
N GLY A 185 -8.86 17.06 12.05
CA GLY A 185 -9.69 15.92 12.40
C GLY A 185 -11.03 15.92 11.68
N GLU A 186 -11.66 17.09 11.58
CA GLU A 186 -12.94 17.18 10.88
C GLU A 186 -12.78 16.85 9.41
N GLU A 187 -11.76 17.42 8.77
CA GLU A 187 -11.57 17.22 7.35
C GLU A 187 -11.12 15.81 7.01
N LEU A 188 -10.37 15.17 7.92
CA LEU A 188 -10.02 13.77 7.73
C LEU A 188 -11.28 12.92 7.67
N GLN A 189 -12.22 13.17 8.57
CA GLN A 189 -13.46 12.42 8.57
C GLN A 189 -14.27 12.71 7.30
N ARG A 190 -14.23 13.97 6.83
CA ARG A 190 -15.03 14.37 5.68
C ARG A 190 -14.59 13.66 4.41
N ILE A 191 -13.27 13.47 4.23
CA ILE A 191 -12.75 12.84 3.02
C ILE A 191 -12.48 11.36 3.20
N GLY A 192 -12.84 10.79 4.36
CA GLY A 192 -12.73 9.36 4.55
C GLY A 192 -11.34 8.85 4.84
N TYR A 193 -10.48 9.66 5.45
CA TYR A 193 -9.13 9.26 5.81
C TYR A 193 -8.87 9.43 7.30
N ALA A 194 -9.92 9.33 8.12
CA ALA A 194 -9.77 9.25 9.56
C ALA A 194 -9.58 7.78 9.91
N GLY A 195 -8.32 7.33 9.89
CA GLY A 195 -8.00 5.93 10.03
C GLY A 195 -8.13 5.43 11.45
N ASP A 196 -8.04 4.10 11.59
CA ASP A 196 -8.14 3.43 12.88
C ASP A 196 -6.78 3.07 13.50
N VAL A 197 -5.73 2.99 12.69
CA VAL A 197 -4.40 2.59 13.20
C VAL A 197 -3.84 3.70 14.06
N PRO A 198 -3.24 3.40 15.22
CA PRO A 198 -2.65 4.47 16.04
C PRO A 198 -1.49 5.14 15.31
N CYS A 199 -1.38 6.46 15.50
CA CYS A 199 -0.34 7.26 14.85
C CYS A 199 0.92 7.20 15.70
N GLY A 200 1.94 6.51 15.20
CA GLY A 200 3.18 6.36 15.93
C GLY A 200 3.17 5.15 16.83
N GLY A 201 4.30 4.96 17.52
CA GLY A 201 4.44 3.83 18.41
C GLY A 201 4.85 2.54 17.73
N ARG A 202 5.08 2.55 16.43
CA ARG A 202 5.49 1.38 15.67
C ARG A 202 6.95 1.52 15.28
N PRO A 203 7.79 0.54 15.57
CA PRO A 203 9.22 0.68 15.27
C PRO A 203 9.49 0.66 13.77
N LEU A 204 10.48 1.45 13.37
CA LEU A 204 10.92 1.51 11.98
C LEU A 204 12.39 1.13 11.91
N HIS A 205 12.75 0.30 10.93
CA HIS A 205 14.14 -0.13 10.79
C HIS A 205 15.00 0.99 10.19
N ALA A 206 14.51 1.62 9.13
CA ALA A 206 15.21 2.72 8.47
C ALA A 206 14.18 3.54 7.69
N ALA A 207 14.56 4.77 7.36
CA ALA A 207 13.69 5.67 6.60
C ALA A 207 14.50 6.48 5.61
N PHE A 208 13.97 6.62 4.39
CA PHE A 208 14.58 7.45 3.36
C PHE A 208 13.51 8.25 2.64
N GLU A 209 13.77 9.53 2.38
CA GLU A 209 12.85 10.38 1.65
C GLU A 209 13.52 10.97 0.42
N LEU A 210 12.93 10.74 -0.75
CA LEU A 210 13.39 11.32 -2.01
C LEU A 210 12.64 12.61 -2.30
N HIS A 211 13.36 13.67 -2.68
CA HIS A 211 12.76 14.99 -2.83
C HIS A 211 13.57 15.83 -3.82
N ILE A 212 12.90 16.79 -4.47
CA ILE A 212 13.63 17.81 -5.22
C ILE A 212 14.26 18.82 -4.26
N GLU A 213 15.39 19.40 -4.69
CA GLU A 213 16.17 20.27 -3.81
C GLU A 213 15.37 21.49 -3.35
N GLN A 214 14.51 22.01 -4.22
CA GLN A 214 13.81 23.27 -4.01
C GLN A 214 14.78 24.45 -3.92
N GLY A 215 16.02 24.25 -4.36
CA GLY A 215 17.03 25.28 -4.41
C GLY A 215 17.91 25.10 -5.64
N PRO A 216 18.84 26.02 -5.87
CA PRO A 216 19.62 26.04 -7.12
C PRO A 216 20.98 25.34 -7.10
N ILE A 217 21.41 24.75 -5.98
CA ILE A 217 22.80 24.32 -5.83
C ILE A 217 23.14 23.18 -6.78
N LEU A 218 22.34 22.11 -6.79
CA LEU A 218 22.70 20.93 -7.59
C LEU A 218 22.70 21.24 -9.08
N GLU A 219 21.76 22.08 -9.55
CA GLU A 219 21.77 22.49 -10.95
C GLU A 219 22.99 23.36 -11.25
N ALA A 220 23.30 24.30 -10.36
CA ALA A 220 24.43 25.19 -10.59
C ALA A 220 25.74 24.41 -10.70
N GLU A 221 25.89 23.37 -9.88
CA GLU A 221 27.10 22.55 -9.86
C GLU A 221 27.06 21.40 -10.86
N ARG A 222 26.01 21.30 -11.67
CA ARG A 222 25.83 20.19 -12.59
C ARG A 222 25.97 18.85 -11.86
N LYS A 223 25.36 18.76 -10.69
CA LYS A 223 25.31 17.54 -9.90
C LYS A 223 23.93 16.92 -10.02
N THR A 224 23.89 15.59 -10.12
CA THR A 224 22.63 14.88 -10.30
C THR A 224 21.99 14.49 -8.96
N ILE A 225 22.78 14.11 -7.96
CA ILE A 225 22.25 13.63 -6.69
C ILE A 225 22.82 14.48 -5.58
N GLY A 226 21.94 14.96 -4.69
CA GLY A 226 22.36 15.63 -3.48
C GLY A 226 22.28 14.66 -2.32
N VAL A 227 23.42 14.40 -1.69
CA VAL A 227 23.47 13.52 -0.52
C VAL A 227 23.14 14.37 0.71
N VAL A 228 21.87 14.32 1.13
CA VAL A 228 21.37 15.21 2.18
C VAL A 228 21.97 14.77 3.52
N THR A 229 22.83 15.60 4.09
CA THR A 229 23.43 15.30 5.38
C THR A 229 22.72 15.97 6.54
N ASP A 230 22.17 17.17 6.32
CA ASP A 230 21.51 17.90 7.40
C ASP A 230 20.29 18.63 6.85
N ALA A 231 19.41 19.02 7.77
CA ALA A 231 18.30 19.90 7.46
C ALA A 231 18.29 21.02 8.48
N GLN A 232 18.13 22.25 8.01
CA GLN A 232 18.19 23.42 8.89
C GLN A 232 16.97 23.47 9.79
N GLY A 233 17.15 24.10 10.97
CA GLY A 233 16.03 24.33 11.86
C GLY A 233 15.17 25.52 11.48
N GLN A 234 13.93 25.50 11.96
CA GLN A 234 12.94 26.51 11.63
C GLN A 234 12.19 26.98 12.88
N ARG A 235 11.71 28.22 12.80
CA ARG A 235 10.85 28.83 13.81
C ARG A 235 9.76 29.59 13.08
N TRP A 236 8.50 29.27 13.37
CA TRP A 236 7.35 29.94 12.75
C TRP A 236 6.56 30.71 13.80
N TYR A 237 6.06 31.86 13.40
CA TYR A 237 5.36 32.74 14.33
C TYR A 237 4.02 33.16 13.73
N GLU A 238 3.10 33.47 14.64
CA GLU A 238 1.85 34.13 14.29
C GLU A 238 1.78 35.38 15.14
N ILE A 239 1.63 36.52 14.48
CA ILE A 239 1.56 37.81 15.16
C ILE A 239 0.24 38.48 14.81
N THR A 240 -0.40 39.06 15.80
CA THR A 240 -1.57 39.90 15.59
C THR A 240 -1.27 41.24 16.23
N PHE A 241 -1.34 42.31 15.44
CA PHE A 241 -1.30 43.67 15.93
C PHE A 241 -2.73 44.17 16.03
N THR A 242 -3.04 44.86 17.13
CA THR A 242 -4.34 45.48 17.31
C THR A 242 -4.14 46.97 17.51
N GLY A 243 -4.75 47.77 16.64
CA GLY A 243 -4.71 49.21 16.81
C GLY A 243 -6.09 49.76 17.04
N GLN A 244 -6.45 50.80 16.30
CA GLN A 244 -7.76 51.40 16.39
C GLN A 244 -8.27 51.60 14.97
N GLU A 245 -9.34 50.90 14.64
CA GLU A 245 -9.99 51.07 13.36
C GLU A 245 -10.77 52.39 13.34
N ALA A 246 -10.56 53.19 12.30
CA ALA A 246 -11.20 54.49 12.21
C ALA A 246 -11.21 54.93 10.75
N HIS A 247 -12.01 55.93 10.44
CA HIS A 247 -12.15 56.38 9.06
C HIS A 247 -10.89 57.10 8.62
N ALA A 248 -10.41 56.75 7.42
CA ALA A 248 -9.14 57.28 6.91
C ALA A 248 -9.19 58.78 6.67
N GLY A 249 -10.37 59.36 6.58
CA GLY A 249 -10.53 60.76 6.28
C GLY A 249 -10.53 61.63 7.51
N PRO A 250 -11.62 61.57 8.30
CA PRO A 250 -11.74 62.48 9.44
C PRO A 250 -10.83 62.15 10.62
N THR A 251 -10.07 61.04 10.59
CA THR A 251 -9.12 60.76 11.66
C THR A 251 -7.77 61.42 11.34
N PRO A 252 -7.34 62.44 12.08
CA PRO A 252 -6.06 63.08 11.79
C PRO A 252 -4.89 62.15 12.11
N MET A 253 -3.79 62.36 11.37
CA MET A 253 -2.61 61.52 11.51
C MET A 253 -2.08 61.39 12.94
N PRO A 254 -2.03 62.45 13.77
CA PRO A 254 -1.50 62.24 15.13
C PRO A 254 -2.31 61.29 16.00
N ARG A 255 -3.60 61.08 15.69
CA ARG A 255 -4.48 60.27 16.50
C ARG A 255 -4.60 58.80 16.04
N ARG A 256 -3.67 58.32 15.21
CA ARG A 256 -3.81 56.99 14.61
C ARG A 256 -3.03 55.90 15.35
N ARG A 257 -3.61 54.70 15.36
CA ARG A 257 -2.95 53.45 15.77
C ARG A 257 -3.19 52.45 14.64
N ASP A 258 -2.42 52.61 13.56
CA ASP A 258 -2.56 51.83 12.33
C ASP A 258 -1.87 50.48 12.49
N ALA A 259 -2.65 49.39 12.48
CA ALA A 259 -2.07 48.06 12.67
C ALA A 259 -1.32 47.60 11.42
N LEU A 260 -1.73 48.05 10.24
CA LEU A 260 -1.02 47.67 9.02
C LEU A 260 0.31 48.42 8.90
N LEU A 261 0.38 49.65 9.43
CA LEU A 261 1.67 50.33 9.52
C LEU A 261 2.65 49.51 10.35
N GLY A 262 2.18 48.97 11.49
CA GLY A 262 3.03 48.11 12.30
C GLY A 262 3.43 46.83 11.59
N ALA A 263 2.46 46.13 10.99
CA ALA A 263 2.77 44.89 10.28
C ALA A 263 3.69 45.14 9.10
N SER A 264 3.51 46.27 8.40
CA SER A 264 4.38 46.57 7.27
C SER A 264 5.82 46.72 7.73
N ARG A 265 6.03 47.37 8.87
CA ARG A 265 7.39 47.55 9.38
C ARG A 265 7.97 46.24 9.89
N VAL A 266 7.14 45.32 10.37
CA VAL A 266 7.68 44.03 10.77
C VAL A 266 8.08 43.23 9.53
N VAL A 267 7.33 43.35 8.44
CA VAL A 267 7.74 42.70 7.19
C VAL A 267 9.15 43.12 6.80
N ASP A 268 9.42 44.43 6.86
CA ASP A 268 10.75 44.93 6.55
C ASP A 268 11.78 44.51 7.60
N LEU A 269 11.39 44.49 8.87
CA LEU A 269 12.28 44.02 9.93
C LEU A 269 12.64 42.56 9.72
N VAL A 270 11.65 41.74 9.38
CA VAL A 270 11.88 40.32 9.12
C VAL A 270 12.87 40.14 7.97
N ASN A 271 12.69 40.91 6.89
CA ASN A 271 13.63 40.87 5.79
C ASN A 271 15.03 41.26 6.24
N ARG A 272 15.12 42.25 7.13
CA ARG A 272 16.42 42.72 7.59
C ARG A 272 17.13 41.65 8.43
N ILE A 273 16.39 41.03 9.36
CA ILE A 273 16.96 39.98 10.20
C ILE A 273 17.56 38.87 9.34
N GLY A 274 16.88 38.49 8.25
CA GLY A 274 17.41 37.47 7.37
C GLY A 274 18.69 37.88 6.67
N LEU A 275 18.73 39.11 6.15
CA LEU A 275 19.95 39.57 5.48
C LEU A 275 21.09 39.76 6.46
N ASP A 276 20.78 39.98 7.73
CA ASP A 276 21.82 40.12 8.75
C ASP A 276 22.51 38.81 9.06
N HIS A 277 22.01 37.69 8.56
CA HIS A 277 22.61 36.39 8.81
C HIS A 277 22.84 35.65 7.52
N ALA A 278 23.33 36.35 6.50
CA ALA A 278 23.72 35.75 5.25
C ALA A 278 24.94 34.85 5.47
N PRO A 279 25.14 33.83 4.62
CA PRO A 279 24.39 33.47 3.41
C PRO A 279 23.17 32.57 3.63
N PHE A 280 23.07 31.89 4.78
CA PHE A 280 22.05 30.85 4.97
C PHE A 280 20.81 31.30 5.73
N GLY A 281 20.77 32.53 6.24
CA GLY A 281 19.58 32.98 6.94
C GLY A 281 18.39 33.05 6.00
N CYS A 282 17.24 32.63 6.50
CA CYS A 282 16.00 32.68 5.74
C CYS A 282 14.95 33.38 6.57
N ALA A 283 14.26 34.36 5.98
CA ALA A 283 13.24 35.10 6.70
C ALA A 283 12.16 35.58 5.72
N THR A 284 10.90 35.30 6.05
CA THR A 284 9.80 35.59 5.14
C THR A 284 8.51 35.87 5.90
N VAL A 285 7.73 36.83 5.40
CA VAL A 285 6.33 37.02 5.80
C VAL A 285 5.48 36.64 4.60
N GLY A 286 4.83 35.49 4.68
CA GLY A 286 4.06 34.96 3.57
C GLY A 286 2.56 35.17 3.66
N MET A 287 2.01 35.30 4.87
CA MET A 287 0.56 35.35 5.06
C MET A 287 0.20 36.59 5.86
N MET A 288 -0.81 37.33 5.38
CA MET A 288 -1.29 38.50 6.09
C MET A 288 -2.80 38.63 5.89
N GLN A 289 -3.50 38.99 6.97
CA GLN A 289 -4.95 39.22 6.93
C GLN A 289 -5.24 40.54 7.63
N VAL A 290 -5.69 41.53 6.85
CA VAL A 290 -5.95 42.89 7.33
C VAL A 290 -7.45 43.05 7.62
N HIS A 291 -7.77 43.71 8.73
CA HIS A 291 -9.15 43.95 9.13
C HIS A 291 -9.34 45.43 9.43
N PRO A 292 -10.42 46.07 8.92
CA PRO A 292 -11.47 45.44 8.12
C PRO A 292 -11.13 45.31 6.63
N ASN A 293 -9.99 45.85 6.23
CA ASN A 293 -9.51 45.79 4.83
C ASN A 293 -10.37 46.64 3.90
N SER A 294 -10.80 47.81 4.37
CA SER A 294 -11.52 48.79 3.57
C SER A 294 -10.58 49.95 3.25
N ARG A 295 -10.58 50.38 1.99
CA ARG A 295 -9.60 51.35 1.51
C ARG A 295 -9.67 52.67 2.27
N ASN A 296 -10.84 53.03 2.81
CA ASN A 296 -10.97 54.29 3.56
C ASN A 296 -11.12 54.05 5.06
N VAL A 297 -10.59 52.94 5.56
CA VAL A 297 -10.55 52.66 6.98
C VAL A 297 -9.12 52.32 7.38
N ILE A 298 -8.61 53.04 8.38
CA ILE A 298 -7.34 52.64 9.01
C ILE A 298 -7.49 51.22 9.55
N PRO A 299 -6.59 50.29 9.22
CA PRO A 299 -6.76 48.92 9.74
C PRO A 299 -6.63 48.87 11.24
N GLY A 300 -7.56 48.19 11.90
CA GLY A 300 -7.55 48.07 13.34
C GLY A 300 -6.89 46.80 13.81
N ARG A 301 -6.71 45.83 12.91
CA ARG A 301 -6.18 44.53 13.30
C ARG A 301 -5.53 43.89 12.09
N VAL A 302 -4.32 43.35 12.28
CA VAL A 302 -3.61 42.66 11.20
C VAL A 302 -2.98 41.39 11.79
N PHE A 303 -3.32 40.25 11.21
CA PHE A 303 -2.69 38.98 11.52
C PHE A 303 -1.67 38.69 10.43
N PHE A 304 -0.49 38.20 10.82
CA PHE A 304 0.50 37.83 9.82
C PHE A 304 1.46 36.81 10.41
N THR A 305 2.23 36.18 9.52
CA THR A 305 3.11 35.10 9.91
C THR A 305 4.57 35.46 9.65
N VAL A 306 5.47 34.79 10.39
CA VAL A 306 6.91 34.94 10.24
C VAL A 306 7.54 33.56 10.10
N ASP A 307 8.48 33.45 9.16
CA ASP A 307 9.18 32.22 8.84
C ASP A 307 10.67 32.49 9.01
N PHE A 308 11.29 31.86 10.01
CA PHE A 308 12.74 31.96 10.23
C PHE A 308 13.38 30.59 10.01
N ARG A 309 14.53 30.57 9.33
CA ARG A 309 15.28 29.34 9.13
C ARG A 309 16.77 29.61 9.22
N HIS A 310 17.50 28.67 9.79
CA HIS A 310 18.96 28.72 9.77
C HIS A 310 19.49 27.32 10.07
N PRO A 311 20.63 26.93 9.50
CA PRO A 311 21.22 25.62 9.83
C PRO A 311 21.87 25.57 11.21
N ASP A 312 22.09 26.71 11.86
CA ASP A 312 22.72 26.77 13.17
C ASP A 312 21.66 27.22 14.17
N ASP A 313 21.42 26.39 15.19
CA ASP A 313 20.34 26.67 16.14
C ASP A 313 20.60 27.97 16.90
N ALA A 314 21.86 28.24 17.22
CA ALA A 314 22.19 29.46 17.96
C ALA A 314 21.86 30.70 17.15
N VAL A 315 22.20 30.70 15.86
CA VAL A 315 21.84 31.82 15.01
C VAL A 315 20.32 31.91 14.89
N LEU A 316 19.65 30.77 14.73
CA LEU A 316 18.19 30.76 14.66
C LEU A 316 17.58 31.38 15.91
N ALA A 317 18.18 31.17 17.08
CA ALA A 317 17.72 31.82 18.31
C ALA A 317 18.03 33.31 18.32
N GLN A 318 19.14 33.73 17.70
CA GLN A 318 19.45 35.15 17.59
C GLN A 318 18.41 35.86 16.73
N MET A 319 17.99 35.22 15.63
CA MET A 319 16.93 35.79 14.81
C MET A 319 15.64 35.92 15.60
N ASP A 320 15.34 34.92 16.44
CA ASP A 320 14.17 34.99 17.31
C ASP A 320 14.23 36.20 18.24
N ALA A 321 15.38 36.43 18.87
CA ALA A 321 15.52 37.56 19.79
C ALA A 321 15.37 38.89 19.06
N ALA A 322 15.96 39.01 17.87
CA ALA A 322 15.83 40.24 17.11
C ALA A 322 14.38 40.49 16.73
N LEU A 323 13.63 39.44 16.38
CA LEU A 323 12.22 39.59 16.02
C LEU A 323 11.39 40.09 17.19
N ARG A 324 11.52 39.43 18.35
CA ARG A 324 10.72 39.81 19.51
C ARG A 324 11.06 41.23 19.97
N ASP A 325 12.34 41.61 19.89
CA ASP A 325 12.74 42.96 20.26
C ASP A 325 12.20 43.99 19.27
N GLY A 326 12.34 43.72 17.96
CA GLY A 326 11.86 44.68 16.98
C GLY A 326 10.35 44.82 16.96
N VAL A 327 9.63 43.71 17.19
CA VAL A 327 8.17 43.74 17.22
C VAL A 327 7.67 44.61 18.36
N ALA A 328 8.25 44.43 19.56
CA ALA A 328 7.86 45.24 20.71
C ALA A 328 8.17 46.72 20.48
N ARG A 329 9.31 47.01 19.84
CA ARG A 329 9.69 48.40 19.58
C ARG A 329 8.76 49.04 18.56
N ILE A 330 8.48 48.33 17.46
CA ILE A 330 7.55 48.83 16.46
C ILE A 330 6.18 49.05 17.08
N ALA A 331 5.74 48.10 17.91
CA ALA A 331 4.42 48.21 18.52
C ALA A 331 4.33 49.39 19.47
N ALA A 332 5.36 49.62 20.27
CA ALA A 332 5.33 50.73 21.21
C ALA A 332 5.35 52.07 20.50
N ASP A 333 6.08 52.17 19.38
CA ASP A 333 6.17 53.45 18.69
CA ASP A 333 6.19 53.43 18.66
C ASP A 333 4.85 53.88 18.09
N ILE A 334 3.99 52.95 17.72
CA ILE A 334 2.70 53.27 17.11
C ILE A 334 1.59 53.32 18.15
N GLY A 335 1.66 52.45 19.15
CA GLY A 335 0.58 52.27 20.09
C GLY A 335 -0.24 51.03 19.85
N LEU A 336 0.36 49.95 19.37
CA LEU A 336 -0.35 48.71 19.06
C LEU A 336 -0.23 47.72 20.20
N GLU A 337 -1.22 46.85 20.30
CA GLU A 337 -1.15 45.67 21.15
C GLU A 337 -0.62 44.51 20.32
N THR A 338 0.13 43.63 20.97
CA THR A 338 0.81 42.54 20.27
C THR A 338 0.41 41.21 20.88
N ALA A 339 -0.01 40.29 20.03
CA ALA A 339 -0.08 38.87 20.36
C ALA A 339 0.94 38.19 19.44
N LEU A 340 2.01 37.67 20.03
CA LEU A 340 3.06 36.99 19.29
C LEU A 340 3.20 35.58 19.84
N GLU A 341 2.95 34.58 19.01
CA GLU A 341 3.11 33.18 19.39
C GLU A 341 4.05 32.50 18.41
N GLN A 342 5.10 31.88 18.95
CA GLN A 342 5.92 30.95 18.18
C GLN A 342 5.17 29.63 18.12
N ILE A 343 4.72 29.25 16.92
CA ILE A 343 3.84 28.10 16.75
C ILE A 343 4.56 26.87 16.24
N PHE A 344 5.85 26.97 15.91
CA PHE A 344 6.56 25.86 15.32
C PHE A 344 8.04 26.06 15.58
N TYR A 345 8.71 25.03 16.09
CA TYR A 345 10.15 25.09 16.25
C TYR A 345 10.73 23.69 16.29
N TYR A 346 11.76 23.46 15.48
CA TYR A 346 12.53 22.23 15.54
C TYR A 346 14.00 22.53 15.26
N LYS A 347 14.88 21.93 16.05
CA LYS A 347 16.31 22.17 15.93
C LYS A 347 16.84 21.54 14.64
N PRO A 348 17.97 22.05 14.12
CA PRO A 348 18.55 21.46 12.91
C PRO A 348 18.80 19.97 13.10
N VAL A 349 18.64 19.21 12.02
CA VAL A 349 18.66 17.76 12.05
C VAL A 349 19.93 17.28 11.36
N ALA A 350 20.65 16.37 12.03
CA ALA A 350 21.73 15.61 11.42
C ALA A 350 21.20 14.22 11.14
N PHE A 351 21.15 13.85 9.86
CA PHE A 351 20.59 12.57 9.48
C PHE A 351 21.56 11.45 9.85
N ASP A 352 21.04 10.23 9.90
CA ASP A 352 21.83 9.11 10.38
C ASP A 352 23.03 8.88 9.46
N PRO A 353 24.25 8.85 10.00
CA PRO A 353 25.43 8.70 9.12
C PRO A 353 25.41 7.44 8.26
N ALA A 354 25.01 6.30 8.82
CA ALA A 354 24.95 5.09 7.99
C ALA A 354 23.97 5.26 6.84
N CYS A 355 22.80 5.85 7.10
CA CYS A 355 21.82 6.07 6.03
C CYS A 355 22.37 7.06 5.00
N VAL A 356 23.06 8.11 5.45
CA VAL A 356 23.67 9.04 4.52
C VAL A 356 24.70 8.33 3.64
N GLN A 357 25.52 7.47 4.26
CA GLN A 357 26.55 6.76 3.51
C GLN A 357 25.93 5.81 2.49
N ALA A 358 24.81 5.17 2.84
CA ALA A 358 24.13 4.31 1.88
C ALA A 358 23.64 5.09 0.67
N VAL A 359 23.17 6.32 0.89
CA VAL A 359 22.77 7.17 -0.22
C VAL A 359 23.98 7.54 -1.06
N ARG A 360 25.07 7.93 -0.39
CA ARG A 360 26.29 8.28 -1.10
C ARG A 360 26.80 7.10 -1.93
N GLU A 361 26.75 5.89 -1.36
CA GLU A 361 27.24 4.70 -2.05
C GLU A 361 26.38 4.36 -3.25
N ALA A 362 25.06 4.57 -3.16
CA ALA A 362 24.20 4.30 -4.30
C ALA A 362 24.52 5.22 -5.46
N ALA A 363 24.66 6.52 -5.20
CA ALA A 363 25.05 7.46 -6.26
C ALA A 363 26.40 7.08 -6.86
N GLU A 364 27.32 6.55 -6.06
CA GLU A 364 28.60 6.12 -6.61
CA GLU A 364 28.61 6.10 -6.59
C GLU A 364 28.43 4.93 -7.53
N ARG A 365 27.63 3.94 -7.14
CA ARG A 365 27.46 2.73 -7.94
C ARG A 365 26.88 3.05 -9.32
N PHE A 366 26.01 4.06 -9.41
CA PHE A 366 25.42 4.45 -10.69
C PHE A 366 26.25 5.47 -11.45
N GLY A 367 27.31 6.01 -10.86
CA GLY A 367 28.07 7.06 -11.51
C GLY A 367 27.37 8.40 -11.58
N TYR A 368 26.37 8.63 -10.74
CA TYR A 368 25.70 9.91 -10.67
C TYR A 368 26.59 10.93 -9.97
N PRO A 369 26.96 12.04 -10.61
CA PRO A 369 27.69 13.09 -9.90
C PRO A 369 26.89 13.62 -8.71
N HIS A 370 27.52 13.66 -7.54
CA HIS A 370 26.82 13.92 -6.30
C HIS A 370 27.62 14.84 -5.39
N ARG A 371 26.95 15.37 -4.37
CA ARG A 371 27.58 16.23 -3.37
C ARG A 371 26.73 16.24 -2.11
N ASP A 372 27.38 16.47 -0.97
CA ASP A 372 26.68 16.63 0.29
C ASP A 372 25.91 17.94 0.29
N ILE A 373 24.67 17.93 0.79
CA ILE A 373 23.84 19.12 0.74
C ILE A 373 22.99 19.20 2.01
N VAL A 374 22.76 20.42 2.47
CA VAL A 374 21.89 20.68 3.63
C VAL A 374 20.51 21.08 3.12
N SER A 375 19.48 20.41 3.62
CA SER A 375 18.11 20.65 3.14
C SER A 375 17.57 21.99 3.65
N GLY A 376 17.18 22.86 2.71
CA GLY A 376 16.65 24.16 3.06
C GLY A 376 15.22 24.14 3.55
N ALA A 377 14.48 23.07 3.27
CA ALA A 377 13.09 22.95 3.68
C ALA A 377 12.95 21.83 4.69
N GLY A 378 11.82 21.84 5.38
CA GLY A 378 11.50 20.78 6.31
C GLY A 378 10.80 19.66 5.56
N HIS A 379 11.07 18.43 5.99
CA HIS A 379 10.44 17.29 5.38
C HIS A 379 10.02 16.35 6.49
N ASP A 380 9.09 15.45 6.16
CA ASP A 380 8.67 14.44 7.12
C ASP A 380 9.85 13.61 7.63
N ALA A 381 10.90 13.47 6.80
CA ALA A 381 12.11 12.79 7.24
C ALA A 381 12.77 13.50 8.42
N CYS A 382 12.54 14.81 8.57
CA CYS A 382 13.14 15.53 9.69
C CYS A 382 12.59 15.06 11.03
N TYR A 383 11.28 14.76 11.07
CA TYR A 383 10.70 14.19 12.29
C TYR A 383 10.95 12.69 12.41
N LEU A 384 10.87 11.96 11.29
CA LEU A 384 11.15 10.53 11.32
C LEU A 384 12.56 10.24 11.84
N ALA A 385 13.52 11.14 11.55
CA ALA A 385 14.90 10.93 12.01
C ALA A 385 15.00 10.83 13.52
N GLN A 386 13.98 11.26 14.26
CA GLN A 386 14.04 11.22 15.72
C GLN A 386 13.72 9.84 16.27
N VAL A 387 13.06 8.98 15.49
CA VAL A 387 12.66 7.65 15.95
C VAL A 387 13.23 6.52 15.10
N ALA A 388 13.95 6.84 14.01
CA ALA A 388 14.48 5.81 13.14
C ALA A 388 15.67 6.36 12.39
N PRO A 389 16.65 5.50 12.04
CA PRO A 389 17.76 5.96 11.20
C PRO A 389 17.25 6.47 9.85
N THR A 390 17.59 7.72 9.54
CA THR A 390 16.96 8.41 8.41
C THR A 390 17.96 9.29 7.68
N SER A 391 17.77 9.39 6.36
CA SER A 391 18.44 10.39 5.53
C SER A 391 17.58 10.63 4.30
N MET A 392 18.05 11.49 3.41
CA MET A 392 17.29 11.87 2.22
C MET A 392 18.15 11.87 0.97
N VAL A 393 17.47 11.80 -0.17
CA VAL A 393 18.06 11.88 -1.50
C VAL A 393 17.47 13.09 -2.20
N PHE A 394 18.34 13.94 -2.76
CA PHE A 394 17.92 15.12 -3.50
C PHE A 394 18.25 14.97 -4.98
N VAL A 395 17.36 15.50 -5.81
CA VAL A 395 17.64 15.73 -7.23
C VAL A 395 17.47 17.22 -7.46
N PRO A 396 18.09 17.77 -8.52
CA PRO A 396 17.95 19.20 -8.78
C PRO A 396 16.58 19.54 -9.33
N CYS A 397 16.27 20.83 -9.30
CA CYS A 397 15.08 21.34 -9.96
C CYS A 397 15.47 22.56 -10.77
N VAL A 398 14.74 22.79 -11.87
CA VAL A 398 15.09 23.82 -12.83
C VAL A 398 15.00 25.20 -12.18
N ASP A 399 16.08 25.97 -12.30
CA ASP A 399 16.24 27.32 -11.75
C ASP A 399 16.14 27.34 -10.23
N GLY A 400 16.16 26.17 -9.59
CA GLY A 400 16.07 26.06 -8.15
C GLY A 400 14.76 26.50 -7.55
N ILE A 401 13.73 26.70 -8.36
CA ILE A 401 12.47 27.27 -7.88
C ILE A 401 11.50 26.15 -7.47
N SER A 402 10.87 26.35 -6.31
CA SER A 402 9.79 25.51 -5.81
C SER A 402 8.76 26.41 -5.16
N HIS A 403 7.59 25.85 -4.87
CA HIS A 403 6.42 26.63 -4.45
C HIS A 403 6.06 27.68 -5.49
N ASN A 404 6.32 27.35 -6.75
CA ASN A 404 5.92 28.10 -7.91
C ASN A 404 5.46 27.06 -8.92
N GLU A 405 4.45 27.42 -9.71
CA GLU A 405 3.86 26.47 -10.66
C GLU A 405 4.82 26.08 -11.79
N VAL A 406 5.90 26.84 -12.01
CA VAL A 406 6.85 26.50 -13.08
C VAL A 406 7.94 25.57 -12.54
N GLU A 407 7.78 25.08 -11.31
CA GLU A 407 8.68 24.07 -10.78
C GLU A 407 8.84 22.92 -11.76
N ASP A 408 10.09 22.53 -12.02
CA ASP A 408 10.39 21.56 -13.07
C ASP A 408 11.60 20.70 -12.72
N ALA A 409 11.58 19.48 -13.24
CA ALA A 409 12.73 18.60 -13.16
C ALA A 409 12.77 17.75 -14.42
N THR A 410 13.98 17.40 -14.85
CA THR A 410 14.07 16.60 -16.07
C THR A 410 13.76 15.14 -15.76
N PRO A 411 13.31 14.39 -16.77
CA PRO A 411 13.14 12.94 -16.55
C PRO A 411 14.41 12.24 -16.09
N GLU A 412 15.59 12.73 -16.50
CA GLU A 412 16.83 12.10 -16.07
C GLU A 412 17.04 12.29 -14.57
N TRP A 413 16.80 13.50 -14.07
CA TRP A 413 16.93 13.74 -12.63
C TRP A 413 15.97 12.86 -11.85
N ILE A 414 14.70 12.86 -12.26
CA ILE A 414 13.67 12.04 -11.62
C ILE A 414 14.10 10.57 -11.57
N GLU A 415 14.59 10.05 -12.71
CA GLU A 415 14.99 8.65 -12.77
C GLU A 415 16.19 8.36 -11.87
N ALA A 416 17.17 9.27 -11.84
CA ALA A 416 18.39 9.01 -11.09
C ALA A 416 18.13 8.99 -9.58
N GLY A 417 17.33 9.93 -9.09
CA GLY A 417 17.02 9.94 -7.66
C GLY A 417 16.27 8.69 -7.22
N ALA A 418 15.39 8.18 -8.08
CA ALA A 418 14.68 6.95 -7.73
C ALA A 418 15.61 5.76 -7.69
N ASN A 419 16.62 5.73 -8.56
CA ASN A 419 17.59 4.64 -8.52
C ASN A 419 18.39 4.67 -7.23
N VAL A 420 18.77 5.86 -6.77
CA VAL A 420 19.47 5.98 -5.50
C VAL A 420 18.57 5.53 -4.36
N LEU A 421 17.31 5.97 -4.36
CA LEU A 421 16.39 5.52 -3.33
C LEU A 421 16.22 4.01 -3.36
N LEU A 422 16.09 3.44 -4.56
CA LEU A 422 15.92 1.99 -4.68
C LEU A 422 17.08 1.24 -4.03
N HIS A 423 18.31 1.65 -4.31
CA HIS A 423 19.44 0.90 -3.75
C HIS A 423 19.71 1.25 -2.30
N ALA A 424 19.45 2.50 -1.88
CA ALA A 424 19.57 2.83 -0.47
C ALA A 424 18.58 2.04 0.38
N MET A 425 17.36 1.88 -0.12
CA MET A 425 16.35 1.12 0.62
C MET A 425 16.68 -0.36 0.63
N LEU A 426 17.17 -0.90 -0.49
CA LEU A 426 17.56 -2.31 -0.52
C LEU A 426 18.70 -2.56 0.45
N SER A 427 19.58 -1.58 0.65
CA SER A 427 20.69 -1.72 1.58
C SER A 427 20.20 -2.08 2.97
N ARG A 428 19.17 -1.38 3.46
CA ARG A 428 18.67 -1.65 4.79
C ARG A 428 17.59 -2.72 4.83
N ALA A 429 16.83 -2.90 3.74
CA ALA A 429 15.74 -3.89 3.72
C ALA A 429 16.20 -5.34 3.60
N CYS A 430 17.38 -5.58 3.05
CA CYS A 430 17.91 -6.93 2.96
C CYS A 430 18.79 -7.30 4.15
N GLU A 431 18.91 -6.42 5.14
CA GLU A 431 19.65 -6.77 6.35
C GLU A 431 18.89 -7.81 7.15
N PRO A 432 19.46 -8.98 7.40
CA PRO A 432 18.73 -10.02 8.13
C PRO A 432 18.51 -9.66 9.58
N VAL A 433 17.37 -10.09 10.13
CA VAL A 433 17.04 -9.82 11.52
C VAL A 433 17.95 -10.61 12.45
N PRO B 23 -30.47 84.06 21.45
CA PRO B 23 -30.19 83.11 22.53
C PRO B 23 -31.44 82.75 23.31
N SER B 24 -32.42 83.68 23.32
CA SER B 24 -33.72 83.34 23.86
C SER B 24 -34.45 82.35 22.96
N ILE B 25 -34.11 82.34 21.67
CA ILE B 25 -34.65 81.41 20.69
C ILE B 25 -33.78 80.16 20.68
N LYS B 26 -34.35 79.03 21.07
CA LYS B 26 -33.61 77.77 21.18
C LYS B 26 -34.47 76.65 20.63
N VAL B 27 -33.84 75.50 20.35
CA VAL B 27 -34.55 74.36 19.81
C VAL B 27 -35.08 73.49 20.94
N ASP B 28 -36.04 72.64 20.60
CA ASP B 28 -36.60 71.65 21.53
C ASP B 28 -35.78 70.37 21.37
N GLY B 29 -34.78 70.18 22.24
CA GLY B 29 -33.89 69.04 22.12
C GLY B 29 -34.61 67.72 22.18
N LYS B 30 -35.59 67.58 23.09
CA LYS B 30 -36.30 66.32 23.22
C LYS B 30 -37.11 66.00 21.96
N ARG B 31 -37.75 67.01 21.37
CA ARG B 31 -38.53 66.77 20.15
C ARG B 31 -37.63 66.34 18.99
N LEU B 32 -36.49 67.01 18.81
CA LEU B 32 -35.56 66.63 17.76
C LEU B 32 -35.00 65.23 18.02
N TRP B 33 -34.62 64.95 19.26
CA TRP B 33 -34.10 63.63 19.62
C TRP B 33 -35.11 62.54 19.32
N ASN B 34 -36.39 62.77 19.66
CA ASN B 34 -37.42 61.76 19.41
C ASN B 34 -37.59 61.51 17.92
N SER B 35 -37.54 62.57 17.10
CA SER B 35 -37.63 62.38 15.65
C SER B 35 -36.49 61.51 15.14
N LEU B 36 -35.28 61.68 15.68
CA LEU B 36 -34.15 60.85 15.26
C LEU B 36 -34.36 59.40 15.70
N MET B 37 -34.82 59.19 16.93
CA MET B 37 -35.12 57.84 17.39
C MET B 37 -36.25 57.21 16.57
N GLU B 38 -37.23 58.00 16.13
CA GLU B 38 -38.31 57.48 15.32
C GLU B 38 -37.84 57.10 13.93
N MET B 39 -37.07 57.98 13.29
CA MET B 39 -36.59 57.72 11.95
C MET B 39 -35.62 56.54 11.92
N ALA B 40 -34.89 56.30 13.01
CA ALA B 40 -33.96 55.17 13.06
C ALA B 40 -34.68 53.82 13.08
N LYS B 41 -35.98 53.79 13.43
CA LYS B 41 -36.73 52.55 13.36
C LYS B 41 -37.00 52.14 11.91
N ILE B 42 -37.04 53.09 10.99
CA ILE B 42 -37.32 52.81 9.57
C ILE B 42 -36.03 52.31 8.93
N GLY B 43 -35.96 51.01 8.69
CA GLY B 43 -34.74 50.39 8.23
C GLY B 43 -33.80 49.95 9.33
N ALA B 44 -34.31 49.79 10.55
CA ALA B 44 -33.49 49.35 11.68
C ALA B 44 -32.91 47.96 11.41
N THR B 45 -31.63 47.80 11.73
CA THR B 45 -30.93 46.55 11.58
C THR B 45 -30.82 45.84 12.92
N PRO B 46 -30.61 44.51 12.90
CA PRO B 46 -30.45 43.79 14.18
C PRO B 46 -29.32 44.32 15.03
N LYS B 47 -28.23 44.79 14.42
CA LYS B 47 -27.12 45.36 15.18
C LYS B 47 -27.44 46.71 15.80
N GLY B 48 -28.57 47.30 15.46
CA GLY B 48 -28.97 48.58 16.02
C GLY B 48 -28.71 49.78 15.13
N GLY B 49 -28.36 49.54 13.86
CA GLY B 49 -28.15 50.61 12.91
C GLY B 49 -29.32 50.77 11.98
N VAL B 50 -29.07 51.43 10.86
CA VAL B 50 -30.10 51.74 9.88
C VAL B 50 -29.60 51.29 8.52
N CYS B 51 -30.46 50.58 7.78
CA CYS B 51 -30.17 50.15 6.42
C CYS B 51 -31.29 50.70 5.54
N ARG B 52 -31.11 51.92 5.05
CA ARG B 52 -32.12 52.61 4.27
C ARG B 52 -31.45 53.09 2.96
N LEU B 53 -31.20 52.13 2.07
CA LEU B 53 -30.50 52.41 0.82
C LEU B 53 -31.32 53.34 -0.07
N ALA B 54 -30.61 54.17 -0.84
CA ALA B 54 -31.25 55.20 -1.64
C ALA B 54 -32.29 54.60 -2.59
N LEU B 55 -33.48 55.21 -2.61
CA LEU B 55 -34.55 54.91 -3.54
C LEU B 55 -35.10 53.49 -3.39
N THR B 56 -34.96 52.89 -2.21
CA THR B 56 -35.70 51.68 -1.88
C THR B 56 -37.06 52.06 -1.31
N ASP B 57 -37.88 51.04 -1.03
CA ASP B 57 -39.16 51.31 -0.38
C ASP B 57 -38.95 51.89 1.01
N LEU B 58 -37.86 51.51 1.69
CA LEU B 58 -37.56 52.06 3.00
C LEU B 58 -37.14 53.53 2.89
N ASP B 59 -36.36 53.87 1.86
CA ASP B 59 -36.01 55.27 1.62
C ASP B 59 -37.25 56.09 1.28
N LYS B 60 -38.15 55.51 0.47
CA LYS B 60 -39.43 56.18 0.20
C LYS B 60 -40.19 56.41 1.49
N ALA B 61 -40.22 55.42 2.39
CA ALA B 61 -40.93 55.57 3.64
C ALA B 61 -40.34 56.70 4.48
N GLY B 62 -39.01 56.78 4.56
CA GLY B 62 -38.38 57.84 5.31
C GLY B 62 -38.60 59.23 4.72
N ARG B 63 -38.51 59.34 3.40
CA ARG B 63 -38.82 60.60 2.73
C ARG B 63 -40.25 61.03 3.00
N ASP B 64 -41.21 60.10 2.81
CA ASP B 64 -42.63 60.41 2.98
C ASP B 64 -42.93 60.87 4.39
N LEU B 65 -42.27 60.28 5.39
CA LEU B 65 -42.52 60.68 6.77
C LEU B 65 -41.99 62.08 7.02
N ILE B 66 -40.78 62.36 6.53
CA ILE B 66 -40.19 63.70 6.67
C ILE B 66 -41.01 64.73 5.94
N VAL B 67 -41.49 64.39 4.73
CA VAL B 67 -42.35 65.30 3.98
C VAL B 67 -43.63 65.56 4.75
N ARG B 68 -44.18 64.52 5.37
CA ARG B 68 -45.41 64.69 6.15
C ARG B 68 -45.17 65.63 7.31
N TRP B 69 -44.07 65.45 8.04
CA TRP B 69 -43.74 66.32 9.16
C TRP B 69 -43.53 67.75 8.70
N ALA B 70 -42.89 67.93 7.54
CA ALA B 70 -42.65 69.27 7.03
C ALA B 70 -43.95 69.96 6.64
N LYS B 71 -44.84 69.25 5.95
CA LYS B 71 -46.12 69.85 5.58
C LYS B 71 -46.95 70.18 6.81
N GLU B 72 -46.88 69.33 7.84
CA GLU B 72 -47.57 69.65 9.09
C GLU B 72 -47.01 70.90 9.76
N ALA B 73 -45.75 71.26 9.47
CA ALA B 73 -45.14 72.46 9.98
C ALA B 73 -45.34 73.66 9.04
N GLY B 74 -46.24 73.52 8.06
CA GLY B 74 -46.56 74.63 7.19
C GLY B 74 -45.63 74.80 6.02
N CYS B 75 -44.83 73.79 5.69
CA CYS B 75 -43.93 73.90 4.56
C CYS B 75 -44.64 73.56 3.26
N THR B 76 -44.27 74.26 2.20
CA THR B 76 -44.57 73.81 0.86
C THR B 76 -43.38 73.00 0.35
N VAL B 77 -43.68 71.93 -0.37
CA VAL B 77 -42.70 70.91 -0.75
C VAL B 77 -42.66 70.81 -2.26
N THR B 78 -41.46 70.82 -2.82
CA THR B 78 -41.21 70.53 -4.22
C THR B 78 -40.13 69.46 -4.31
N VAL B 79 -40.14 68.72 -5.42
CA VAL B 79 -39.14 67.71 -5.73
C VAL B 79 -38.57 68.00 -7.11
N ASP B 80 -37.24 67.90 -7.26
CA ASP B 80 -36.60 68.19 -8.54
C ASP B 80 -36.37 66.89 -9.32
N THR B 81 -35.77 67.02 -10.50
CA THR B 81 -35.65 65.88 -11.41
C THR B 81 -34.70 64.80 -10.91
N MET B 82 -33.83 65.09 -9.94
CA MET B 82 -33.00 64.07 -9.32
C MET B 82 -33.59 63.53 -8.03
N GLY B 83 -34.83 63.90 -7.71
CA GLY B 83 -35.47 63.45 -6.50
C GLY B 83 -35.15 64.25 -5.27
N ASN B 84 -34.40 65.35 -5.39
CA ASN B 84 -34.08 66.18 -4.23
C ASN B 84 -35.34 66.86 -3.72
N VAL B 85 -35.53 66.84 -2.40
CA VAL B 85 -36.76 67.33 -1.75
C VAL B 85 -36.49 68.69 -1.11
N PHE B 86 -37.33 69.67 -1.45
CA PHE B 86 -37.20 71.03 -0.93
C PHE B 86 -38.42 71.39 -0.11
N MET B 87 -38.26 71.46 1.20
CA MET B 87 -39.34 71.78 2.12
C MET B 87 -39.14 73.22 2.58
N ARG B 88 -40.08 74.09 2.21
CA ARG B 88 -39.87 75.52 2.25
C ARG B 88 -40.73 76.16 3.34
N ARG B 89 -40.12 77.00 4.15
CA ARG B 89 -40.80 77.83 5.11
C ARG B 89 -40.78 79.25 4.55
N ALA B 90 -41.96 79.84 4.37
CA ALA B 90 -42.08 81.11 3.68
C ALA B 90 -41.27 82.20 4.38
N GLY B 91 -40.81 83.18 3.59
CA GLY B 91 -40.18 84.36 4.12
C GLY B 91 -41.06 85.58 3.88
N ARG B 92 -40.64 86.69 4.49
CA ARG B 92 -41.38 87.93 4.27
C ARG B 92 -41.35 88.31 2.80
N VAL B 93 -40.20 88.16 2.16
CA VAL B 93 -40.06 88.36 0.72
C VAL B 93 -40.17 86.95 0.13
N ALA B 94 -41.33 86.64 -0.43
CA ALA B 94 -41.64 85.26 -0.79
C ALA B 94 -40.74 84.75 -1.91
N ASP B 95 -40.29 85.63 -2.79
CA ASP B 95 -39.46 85.25 -3.93
C ASP B 95 -37.97 85.52 -3.72
N ALA B 96 -37.56 85.89 -2.51
CA ALA B 96 -36.15 86.13 -2.24
C ALA B 96 -35.41 84.80 -2.23
N ALA B 97 -34.09 84.86 -2.48
CA ALA B 97 -33.29 83.65 -2.50
C ALA B 97 -33.32 82.97 -1.12
N PRO B 98 -33.53 81.66 -1.07
CA PRO B 98 -33.70 81.00 0.23
C PRO B 98 -32.38 80.78 0.97
N VAL B 99 -32.48 80.75 2.29
CA VAL B 99 -31.42 80.20 3.13
C VAL B 99 -31.77 78.74 3.38
N VAL B 100 -30.93 77.83 2.90
CA VAL B 100 -31.28 76.42 2.91
C VAL B 100 -30.32 75.65 3.82
N THR B 101 -30.84 74.56 4.37
CA THR B 101 -30.05 73.54 5.06
C THR B 101 -30.50 72.18 4.53
N GLY B 102 -29.72 71.15 4.85
CA GLY B 102 -30.12 69.83 4.44
C GLY B 102 -28.95 68.88 4.34
N SER B 103 -29.32 67.61 4.23
CA SER B 103 -28.35 66.53 4.17
C SER B 103 -28.99 65.38 3.40
N HIS B 104 -28.77 64.15 3.83
CA HIS B 104 -29.33 63.00 3.14
C HIS B 104 -30.10 62.13 4.13
N ALA B 105 -31.15 61.48 3.62
CA ALA B 105 -31.94 60.56 4.44
C ALA B 105 -31.64 59.09 4.16
N ASP B 106 -30.84 58.79 3.15
CA ASP B 106 -30.41 57.44 2.84
C ASP B 106 -29.15 57.08 3.64
N SER B 107 -28.90 55.78 3.78
CA SER B 107 -27.82 55.29 4.62
C SER B 107 -27.05 54.20 3.90
N GLN B 108 -25.89 53.85 4.46
CA GLN B 108 -25.16 52.66 4.04
C GLN B 108 -25.88 51.42 4.52
N PRO B 109 -25.55 50.24 3.99
CA PRO B 109 -26.08 49.01 4.57
C PRO B 109 -25.77 48.87 6.06
N THR B 110 -24.63 49.38 6.52
CA THR B 110 -24.25 49.39 7.92
C THR B 110 -24.32 50.79 8.52
N GLY B 111 -25.28 51.59 8.09
CA GLY B 111 -25.33 52.98 8.50
C GLY B 111 -25.71 53.17 9.96
N GLY B 112 -25.31 54.33 10.49
CA GLY B 112 -25.65 54.72 11.83
C GLY B 112 -26.95 55.52 11.88
N ARG B 113 -27.35 55.84 13.10
CA ARG B 113 -28.63 56.53 13.32
C ARG B 113 -28.55 58.05 13.12
N PHE B 114 -27.36 58.62 12.89
CA PHE B 114 -27.25 60.08 12.78
C PHE B 114 -26.60 60.60 11.50
N ASP B 115 -25.85 59.77 10.79
CA ASP B 115 -25.25 60.20 9.54
C ASP B 115 -26.34 60.65 8.57
N GLY B 116 -26.26 61.91 8.13
CA GLY B 116 -27.19 62.45 7.18
C GLY B 116 -28.53 62.87 7.76
N ILE B 117 -29.21 61.92 8.42
CA ILE B 117 -30.57 62.19 8.91
C ILE B 117 -30.56 63.33 9.94
N TYR B 118 -29.46 63.48 10.67
CA TYR B 118 -29.37 64.57 11.65
C TYR B 118 -29.48 65.93 10.97
N GLY B 119 -28.82 66.11 9.83
CA GLY B 119 -28.90 67.39 9.14
C GLY B 119 -30.31 67.67 8.63
N VAL B 120 -31.01 66.63 8.16
CA VAL B 120 -32.37 66.83 7.70
C VAL B 120 -33.30 67.13 8.86
N LEU B 121 -33.31 66.27 9.89
CA LEU B 121 -34.22 66.49 11.01
C LEU B 121 -33.80 67.70 11.83
N GLY B 122 -32.50 68.00 11.89
CA GLY B 122 -32.08 69.24 12.51
C GLY B 122 -32.66 70.45 11.81
N GLY B 123 -32.71 70.41 10.48
CA GLY B 123 -33.35 71.49 9.74
C GLY B 123 -34.85 71.55 9.96
N LEU B 124 -35.49 70.38 10.09
CA LEU B 124 -36.92 70.36 10.42
C LEU B 124 -37.19 71.02 11.77
N GLU B 125 -36.33 70.73 12.75
CA GLU B 125 -36.46 71.34 14.07
C GLU B 125 -36.23 72.85 14.01
N VAL B 126 -35.38 73.31 13.10
CA VAL B 126 -35.20 74.74 12.91
C VAL B 126 -36.52 75.38 12.48
N ILE B 127 -37.20 74.77 11.52
CA ILE B 127 -38.47 75.32 11.05
C ILE B 127 -39.50 75.31 12.19
N ARG B 128 -39.56 74.21 12.93
CA ARG B 128 -40.53 74.12 14.03
C ARG B 128 -40.23 75.12 15.14
N SER B 129 -38.94 75.32 15.46
CA SER B 129 -38.61 76.29 16.51
C SER B 129 -38.95 77.70 16.08
N LEU B 130 -38.71 78.04 14.81
CA LEU B 130 -39.13 79.34 14.30
C LEU B 130 -40.64 79.48 14.37
N ASN B 131 -41.38 78.41 14.04
CA ASN B 131 -42.84 78.46 14.18
C ASN B 131 -43.24 78.65 15.64
N ASP B 132 -42.59 77.93 16.56
CA ASP B 132 -42.98 77.99 17.96
C ASP B 132 -42.84 79.40 18.52
N HIS B 133 -41.81 80.13 18.08
CA HIS B 133 -41.55 81.48 18.56
C HIS B 133 -42.14 82.55 17.64
N GLY B 134 -42.92 82.16 16.63
CA GLY B 134 -43.57 83.10 15.73
C GLY B 134 -42.60 84.02 15.02
N ILE B 135 -41.43 83.51 14.67
CA ILE B 135 -40.39 84.31 14.04
C ILE B 135 -40.61 84.35 12.54
N GLU B 136 -40.57 85.55 11.98
CA GLU B 136 -40.66 85.78 10.55
C GLU B 136 -39.29 86.16 10.04
N THR B 137 -38.86 85.55 8.95
CA THR B 137 -37.56 85.83 8.38
C THR B 137 -37.70 86.60 7.08
N GLU B 138 -36.67 87.39 6.75
CA GLU B 138 -36.66 88.12 5.50
C GLU B 138 -36.55 87.16 4.32
N HIS B 139 -35.51 86.34 4.31
CA HIS B 139 -35.39 85.33 3.28
C HIS B 139 -36.20 84.10 3.67
N PRO B 140 -36.76 83.39 2.69
CA PRO B 140 -37.35 82.08 2.99
C PRO B 140 -36.29 81.06 3.40
N ILE B 141 -36.74 80.07 4.15
CA ILE B 141 -35.89 79.02 4.69
C ILE B 141 -36.33 77.69 4.10
N GLU B 142 -35.36 76.85 3.73
CA GLU B 142 -35.64 75.55 3.14
C GLU B 142 -34.82 74.47 3.83
N VAL B 143 -35.42 73.29 3.94
CA VAL B 143 -34.71 72.08 4.35
C VAL B 143 -34.73 71.14 3.16
N VAL B 144 -33.56 70.58 2.84
CA VAL B 144 -33.39 69.80 1.63
C VAL B 144 -32.94 68.38 1.98
N ILE B 145 -33.56 67.40 1.31
CA ILE B 145 -33.06 66.03 1.25
C ILE B 145 -32.41 65.83 -0.12
N TRP B 146 -31.12 65.48 -0.13
CA TRP B 146 -30.38 65.15 -1.34
C TRP B 146 -30.42 63.65 -1.62
N THR B 147 -30.67 63.30 -2.88
CA THR B 147 -30.77 61.89 -3.26
C THR B 147 -29.40 61.22 -3.28
N ASN B 148 -29.35 59.99 -2.76
CA ASN B 148 -28.21 59.08 -2.91
C ASN B 148 -26.86 59.74 -2.59
N GLU B 149 -26.76 60.28 -1.38
CA GLU B 149 -25.46 60.78 -0.96
C GLU B 149 -24.47 59.64 -0.76
N GLU B 150 -24.93 58.52 -0.21
CA GLU B 150 -24.02 57.45 0.19
C GLU B 150 -23.32 56.81 -1.00
N GLY B 151 -23.98 56.71 -2.14
CA GLY B 151 -23.35 56.10 -3.29
C GLY B 151 -23.15 54.60 -3.18
N SER B 152 -23.93 53.93 -2.35
CA SER B 152 -23.77 52.50 -2.14
C SER B 152 -24.58 51.68 -3.13
N ARG B 153 -25.89 51.94 -3.21
CA ARG B 153 -26.72 51.23 -4.19
C ARG B 153 -26.43 51.69 -5.61
N PHE B 154 -26.27 53.00 -5.83
CA PHE B 154 -25.85 53.57 -7.10
C PHE B 154 -24.58 54.39 -6.93
N ALA B 155 -23.69 54.32 -7.90
CA ALA B 155 -22.48 55.13 -7.89
C ALA B 155 -22.59 56.25 -8.93
N PRO B 156 -21.99 57.43 -8.68
CA PRO B 156 -21.16 57.73 -7.51
C PRO B 156 -21.93 58.33 -6.36
N ALA B 157 -21.22 58.60 -5.27
CA ALA B 157 -21.82 59.24 -4.13
C ALA B 157 -22.14 60.70 -4.48
N MET B 158 -23.11 61.26 -3.76
CA MET B 158 -23.48 62.67 -3.87
C MET B 158 -23.89 63.05 -5.30
N VAL B 159 -24.47 62.10 -6.04
CA VAL B 159 -24.74 62.33 -7.46
C VAL B 159 -25.79 63.43 -7.63
N ALA B 160 -26.78 63.50 -6.73
CA ALA B 160 -27.89 64.42 -6.91
C ALA B 160 -27.50 65.86 -6.57
N SER B 161 -26.76 66.05 -5.47
CA SER B 161 -26.22 67.37 -5.20
C SER B 161 -25.19 67.74 -6.25
N GLY B 162 -24.53 66.74 -6.84
CA GLY B 162 -23.62 67.01 -7.94
C GLY B 162 -24.33 67.56 -9.16
N VAL B 163 -25.46 66.96 -9.54
CA VAL B 163 -26.24 67.48 -10.66
C VAL B 163 -26.72 68.90 -10.37
N PHE B 164 -27.15 69.15 -9.13
CA PHE B 164 -27.63 70.47 -8.74
C PHE B 164 -26.53 71.51 -8.90
N ALA B 165 -25.29 71.14 -8.57
CA ALA B 165 -24.14 72.02 -8.60
C ALA B 165 -23.43 72.05 -9.96
N GLY B 166 -23.93 71.33 -10.97
CA GLY B 166 -23.27 71.31 -12.25
C GLY B 166 -22.11 70.35 -12.36
N VAL B 167 -21.82 69.58 -11.30
CA VAL B 167 -20.72 68.63 -11.34
C VAL B 167 -21.03 67.47 -12.30
N PHE B 168 -22.28 67.00 -12.31
CA PHE B 168 -22.72 65.95 -13.21
C PHE B 168 -23.87 66.48 -14.07
N THR B 169 -24.03 65.89 -15.25
CA THR B 169 -25.21 66.16 -16.06
C THR B 169 -26.42 65.41 -15.52
N LEU B 170 -27.61 65.89 -15.92
CA LEU B 170 -28.83 65.22 -15.47
C LEU B 170 -28.95 63.81 -16.06
N GLU B 171 -28.64 63.65 -17.35
CA GLU B 171 -28.72 62.32 -17.96
C GLU B 171 -27.78 61.34 -17.30
N TYR B 172 -26.59 61.82 -16.90
CA TYR B 172 -25.67 60.97 -16.17
C TYR B 172 -26.27 60.54 -14.83
N GLY B 173 -26.83 61.50 -14.09
CA GLY B 173 -27.38 61.18 -12.78
C GLY B 173 -28.51 60.17 -12.85
N LEU B 174 -29.41 60.32 -13.82
CA LEU B 174 -30.56 59.45 -13.93
C LEU B 174 -30.23 58.08 -14.48
N SER B 175 -29.10 57.92 -15.14
CA SER B 175 -28.73 56.67 -15.79
C SER B 175 -27.89 55.75 -14.90
N ARG B 176 -27.58 56.16 -13.68
CA ARG B 176 -26.80 55.30 -12.79
C ARG B 176 -27.61 54.07 -12.40
N LYS B 177 -26.95 52.91 -12.45
CA LYS B 177 -27.60 51.62 -12.28
C LYS B 177 -27.15 50.95 -10.99
N ASP B 178 -28.05 50.18 -10.38
CA ASP B 178 -27.69 49.32 -9.27
C ASP B 178 -27.33 47.94 -9.80
N VAL B 179 -27.01 47.00 -8.90
CA VAL B 179 -26.53 45.68 -9.31
C VAL B 179 -27.57 44.92 -10.11
N ASP B 180 -28.85 45.30 -10.03
CA ASP B 180 -29.91 44.64 -10.76
C ASP B 180 -30.28 45.36 -12.06
N GLY B 181 -29.54 46.41 -12.44
CA GLY B 181 -29.80 47.12 -13.67
C GLY B 181 -30.82 48.25 -13.61
N LYS B 182 -31.39 48.52 -12.44
CA LYS B 182 -32.36 49.61 -12.28
C LYS B 182 -31.65 50.96 -12.23
N THR B 183 -32.16 51.93 -12.97
CA THR B 183 -31.54 53.25 -12.98
C THR B 183 -32.14 54.14 -11.88
N ILE B 184 -31.42 55.20 -11.54
CA ILE B 184 -31.94 56.17 -10.59
C ILE B 184 -33.25 56.76 -11.11
N GLY B 185 -33.30 57.11 -12.40
CA GLY B 185 -34.53 57.67 -12.97
C GLY B 185 -35.71 56.73 -12.87
N GLU B 186 -35.49 55.44 -13.14
CA GLU B 186 -36.57 54.47 -13.01
C GLU B 186 -37.05 54.37 -11.57
N GLU B 187 -36.11 54.28 -10.62
CA GLU B 187 -36.49 54.13 -9.23
C GLU B 187 -37.11 55.39 -8.67
N LEU B 188 -36.67 56.57 -9.13
CA LEU B 188 -37.33 57.81 -8.72
C LEU B 188 -38.80 57.78 -9.12
N GLN B 189 -39.07 57.34 -10.36
CA GLN B 189 -40.45 57.24 -10.83
C GLN B 189 -41.22 56.21 -10.02
N ARG B 190 -40.57 55.11 -9.63
CA ARG B 190 -41.25 54.02 -8.93
C ARG B 190 -41.73 54.45 -7.54
N ILE B 191 -40.93 55.22 -6.81
CA ILE B 191 -41.29 55.65 -5.46
C ILE B 191 -41.94 57.04 -5.44
N GLY B 192 -42.22 57.60 -6.60
CA GLY B 192 -42.92 58.88 -6.65
C GLY B 192 -42.08 60.11 -6.36
N TYR B 193 -40.78 60.07 -6.65
CA TYR B 193 -39.92 61.21 -6.42
C TYR B 193 -39.22 61.67 -7.69
N ALA B 194 -39.85 61.43 -8.85
CA ALA B 194 -39.40 62.01 -10.12
C ALA B 194 -40.06 63.38 -10.23
N GLY B 195 -39.42 64.39 -9.64
CA GLY B 195 -40.04 65.69 -9.55
C GLY B 195 -40.01 66.45 -10.85
N ASP B 196 -40.77 67.55 -10.88
CA ASP B 196 -40.90 68.40 -12.05
C ASP B 196 -39.97 69.61 -12.02
N VAL B 197 -39.53 70.00 -10.83
CA VAL B 197 -38.66 71.18 -10.72
C VAL B 197 -37.32 70.85 -11.36
N PRO B 198 -36.76 71.74 -12.16
CA PRO B 198 -35.42 71.47 -12.72
C PRO B 198 -34.39 71.37 -11.60
N CYS B 199 -33.42 70.48 -11.80
CA CYS B 199 -32.38 70.24 -10.82
C CYS B 199 -31.27 71.26 -11.02
N GLY B 200 -31.15 72.20 -10.09
CA GLY B 200 -30.15 73.25 -10.15
C GLY B 200 -30.58 74.49 -10.91
N GLY B 201 -29.69 75.48 -10.89
CA GLY B 201 -29.93 76.73 -11.57
C GLY B 201 -30.77 77.73 -10.81
N ARG B 202 -31.19 77.41 -9.61
CA ARG B 202 -32.00 78.29 -8.78
C ARG B 202 -31.10 78.91 -7.73
N PRO B 203 -31.06 80.23 -7.61
CA PRO B 203 -30.10 80.85 -6.68
C PRO B 203 -30.48 80.60 -5.23
N LEU B 204 -29.46 80.43 -4.40
CA LEU B 204 -29.60 80.28 -2.95
C LEU B 204 -28.83 81.38 -2.26
N HIS B 205 -29.43 81.95 -1.21
CA HIS B 205 -28.76 83.01 -0.48
C HIS B 205 -27.63 82.46 0.36
N ALA B 206 -27.86 81.34 1.05
CA ALA B 206 -26.84 80.71 1.87
C ALA B 206 -27.21 79.25 2.04
N ALA B 207 -26.20 78.45 2.40
CA ALA B 207 -26.38 77.02 2.60
C ALA B 207 -25.56 76.56 3.80
N PHE B 208 -26.15 75.69 4.61
CA PHE B 208 -25.49 75.10 5.76
C PHE B 208 -25.84 73.62 5.82
N GLU B 209 -24.87 72.78 6.16
CA GLU B 209 -25.12 71.35 6.40
C GLU B 209 -24.66 71.02 7.80
N LEU B 210 -25.58 70.52 8.62
CA LEU B 210 -25.29 70.07 9.97
C LEU B 210 -24.97 68.58 9.92
N HIS B 211 -23.88 68.16 10.56
CA HIS B 211 -23.45 66.78 10.42
C HIS B 211 -22.62 66.37 11.64
N ILE B 212 -22.64 65.07 11.94
CA ILE B 212 -21.70 64.55 12.93
C ILE B 212 -20.31 64.49 12.31
N GLU B 213 -19.28 64.65 13.15
CA GLU B 213 -17.92 64.79 12.65
C GLU B 213 -17.45 63.55 11.88
N GLN B 214 -17.89 62.36 12.31
CA GLN B 214 -17.40 61.07 11.81
C GLN B 214 -15.92 60.88 12.12
N GLY B 215 -15.40 61.69 13.05
CA GLY B 215 -14.02 61.60 13.49
C GLY B 215 -13.96 61.91 14.97
N PRO B 216 -12.76 61.83 15.55
CA PRO B 216 -12.61 61.93 17.00
C PRO B 216 -12.25 63.30 17.56
N ILE B 217 -12.07 64.32 16.72
CA ILE B 217 -11.42 65.56 17.17
C ILE B 217 -12.26 66.25 18.23
N LEU B 218 -13.54 66.50 17.93
CA LEU B 218 -14.36 67.30 18.82
C LEU B 218 -14.58 66.60 20.17
N GLU B 219 -14.78 65.29 20.15
CA GLU B 219 -14.95 64.55 21.40
C GLU B 219 -13.66 64.51 22.21
N ALA B 220 -12.54 64.22 21.55
CA ALA B 220 -11.27 64.12 22.28
C ALA B 220 -10.90 65.44 22.95
N GLU B 221 -11.16 66.55 22.26
CA GLU B 221 -10.82 67.88 22.76
C GLU B 221 -11.93 68.49 23.60
N ARG B 222 -12.99 67.74 23.88
CA ARG B 222 -14.13 68.21 24.68
C ARG B 222 -14.69 69.53 24.13
N LYS B 223 -14.79 69.59 22.81
CA LYS B 223 -15.39 70.72 22.10
C LYS B 223 -16.76 70.29 21.61
N THR B 224 -17.75 71.18 21.71
CA THR B 224 -19.12 70.84 21.33
C THR B 224 -19.40 71.09 19.85
N ILE B 225 -18.86 72.16 19.27
CA ILE B 225 -19.18 72.57 17.91
C ILE B 225 -17.90 72.63 17.08
N GLY B 226 -17.94 72.05 15.89
CA GLY B 226 -16.89 72.20 14.92
C GLY B 226 -17.31 73.20 13.87
N VAL B 227 -16.56 74.30 13.78
CA VAL B 227 -16.79 75.33 12.76
C VAL B 227 -16.06 74.87 11.50
N VAL B 228 -16.78 74.24 10.58
CA VAL B 228 -16.14 73.62 9.42
C VAL B 228 -15.73 74.74 8.46
N THR B 229 -14.43 74.89 8.26
CA THR B 229 -13.88 75.91 7.39
C THR B 229 -13.56 75.38 5.99
N ASP B 230 -13.13 74.13 5.88
CA ASP B 230 -12.70 73.56 4.63
C ASP B 230 -13.12 72.09 4.59
N ALA B 231 -13.07 71.52 3.39
CA ALA B 231 -13.25 70.09 3.19
C ALA B 231 -12.09 69.57 2.38
N GLN B 232 -11.62 68.38 2.72
CA GLN B 232 -10.41 67.86 2.11
C GLN B 232 -10.61 67.50 0.66
N GLY B 233 -9.55 67.69 -0.11
CA GLY B 233 -9.45 67.07 -1.42
C GLY B 233 -8.98 65.64 -1.27
N GLN B 234 -9.29 64.80 -2.25
CA GLN B 234 -8.98 63.39 -2.15
C GLN B 234 -8.35 62.85 -3.43
N ARG B 235 -7.51 61.84 -3.25
CA ARG B 235 -6.94 61.07 -4.35
C ARG B 235 -6.87 59.61 -3.91
N TRP B 236 -7.48 58.71 -4.69
CA TRP B 236 -7.51 57.29 -4.36
C TRP B 236 -6.73 56.50 -5.40
N TYR B 237 -6.00 55.50 -4.95
CA TYR B 237 -5.15 54.72 -5.83
C TYR B 237 -5.38 53.23 -5.61
N GLU B 238 -5.11 52.46 -6.66
CA GLU B 238 -5.04 51.01 -6.61
C GLU B 238 -3.68 50.61 -7.17
N ILE B 239 -2.91 49.87 -6.39
CA ILE B 239 -1.58 49.44 -6.77
C ILE B 239 -1.51 47.92 -6.68
N THR B 240 -0.88 47.30 -7.69
CA THR B 240 -0.55 45.88 -7.65
C THR B 240 0.95 45.74 -7.88
N PHE B 241 1.64 45.12 -6.95
CA PHE B 241 3.03 44.71 -7.15
C PHE B 241 3.05 43.25 -7.58
N THR B 242 3.87 42.94 -8.58
CA THR B 242 4.07 41.58 -9.07
C THR B 242 5.55 41.22 -8.95
N GLY B 243 5.83 40.18 -8.17
CA GLY B 243 7.16 39.63 -8.07
C GLY B 243 7.21 38.20 -8.54
N GLN B 244 7.81 37.32 -7.75
CA GLN B 244 7.81 35.90 -8.06
C GLN B 244 7.55 35.11 -6.79
N GLU B 245 6.45 34.36 -6.77
CA GLU B 245 6.21 33.46 -5.64
C GLU B 245 7.20 32.31 -5.68
N ALA B 246 7.79 31.99 -4.54
CA ALA B 246 8.85 30.99 -4.44
C ALA B 246 8.87 30.46 -3.01
N HIS B 247 9.68 29.41 -2.81
CA HIS B 247 9.73 28.75 -1.51
C HIS B 247 10.37 29.66 -0.47
N ALA B 248 9.76 29.75 0.71
CA ALA B 248 10.24 30.65 1.75
C ALA B 248 11.60 30.24 2.31
N GLY B 249 12.01 28.99 2.10
CA GLY B 249 13.26 28.54 2.64
C GLY B 249 14.43 28.63 1.68
N PRO B 250 14.57 27.61 0.80
CA PRO B 250 15.78 27.47 -0.01
C PRO B 250 15.96 28.48 -1.15
N THR B 251 15.07 29.46 -1.22
CA THR B 251 15.23 30.53 -2.19
C THR B 251 16.19 31.55 -1.60
N PRO B 252 17.35 31.78 -2.22
CA PRO B 252 18.35 32.68 -1.59
C PRO B 252 17.81 34.09 -1.48
N MET B 253 18.11 34.73 -0.33
CA MET B 253 17.54 36.05 0.00
C MET B 253 17.79 37.13 -1.03
N PRO B 254 19.00 37.32 -1.57
CA PRO B 254 19.21 38.47 -2.48
C PRO B 254 18.42 38.38 -3.78
N ARG B 255 18.13 37.18 -4.26
CA ARG B 255 17.49 36.97 -5.54
C ARG B 255 15.96 36.87 -5.44
N ARG B 256 15.37 37.31 -4.34
CA ARG B 256 13.93 37.19 -4.12
C ARG B 256 13.23 38.42 -4.63
N ARG B 257 12.06 38.22 -5.23
CA ARG B 257 11.21 39.32 -5.71
CA ARG B 257 11.20 39.31 -5.71
C ARG B 257 9.91 39.23 -4.91
N ASP B 258 9.98 39.69 -3.66
CA ASP B 258 8.89 39.59 -2.68
C ASP B 258 7.95 40.76 -2.87
N ALA B 259 6.71 40.49 -3.30
CA ALA B 259 5.78 41.58 -3.58
C ALA B 259 5.27 42.22 -2.29
N LEU B 260 5.24 41.47 -1.19
CA LEU B 260 4.80 42.05 0.09
C LEU B 260 5.87 42.93 0.70
N LEU B 261 7.15 42.60 0.50
CA LEU B 261 8.22 43.48 0.95
C LEU B 261 8.08 44.86 0.31
N GLY B 262 7.80 44.89 -1.00
CA GLY B 262 7.54 46.16 -1.65
C GLY B 262 6.29 46.85 -1.12
N ALA B 263 5.18 46.12 -1.05
CA ALA B 263 3.93 46.71 -0.59
C ALA B 263 4.06 47.22 0.84
N SER B 264 4.82 46.52 1.69
CA SER B 264 5.06 46.99 3.05
C SER B 264 5.81 48.32 3.05
N ARG B 265 6.79 48.46 2.15
CA ARG B 265 7.56 49.70 2.09
C ARG B 265 6.74 50.85 1.54
N VAL B 266 5.76 50.58 0.66
CA VAL B 266 4.92 51.68 0.21
C VAL B 266 4.00 52.13 1.34
N VAL B 267 3.54 51.19 2.18
CA VAL B 267 2.72 51.54 3.34
C VAL B 267 3.46 52.56 4.20
N ASP B 268 4.73 52.31 4.47
CA ASP B 268 5.53 53.21 5.28
C ASP B 268 5.75 54.52 4.55
N LEU B 269 5.96 54.45 3.23
CA LEU B 269 6.10 55.66 2.44
C LEU B 269 4.83 56.49 2.47
N VAL B 270 3.68 55.83 2.31
CA VAL B 270 2.39 56.53 2.35
C VAL B 270 2.23 57.25 3.67
N ASN B 271 2.59 56.59 4.77
CA ASN B 271 2.57 57.23 6.09
C ASN B 271 3.50 58.45 6.12
N ARG B 272 4.71 58.29 5.59
CA ARG B 272 5.66 59.41 5.56
CA ARG B 272 5.65 59.41 5.57
C ARG B 272 5.12 60.58 4.75
N ILE B 273 4.47 60.28 3.60
CA ILE B 273 3.93 61.34 2.76
C ILE B 273 2.83 62.11 3.49
N GLY B 274 1.97 61.39 4.22
CA GLY B 274 0.94 62.07 4.98
C GLY B 274 1.51 62.96 6.08
N LEU B 275 2.50 62.45 6.82
CA LEU B 275 3.08 63.26 7.90
C LEU B 275 3.89 64.43 7.36
N ASP B 276 4.43 64.32 6.15
CA ASP B 276 5.19 65.43 5.58
C ASP B 276 4.32 66.61 5.20
N HIS B 277 3.01 66.46 5.25
CA HIS B 277 2.11 67.53 4.87
C HIS B 277 1.07 67.76 5.97
N ALA B 278 1.55 67.74 7.20
CA ALA B 278 0.78 68.09 8.37
C ALA B 278 0.41 69.58 8.32
N PRO B 279 -0.61 70.00 9.09
CA PRO B 279 -1.39 69.24 10.07
C PRO B 279 -2.58 68.47 9.50
N PHE B 280 -3.02 68.82 8.29
CA PHE B 280 -4.28 68.30 7.77
C PHE B 280 -4.09 67.20 6.73
N GLY B 281 -2.86 66.90 6.32
CA GLY B 281 -2.67 65.81 5.38
C GLY B 281 -3.07 64.47 5.98
N CYS B 282 -3.69 63.64 5.14
CA CYS B 282 -4.10 62.29 5.52
C CYS B 282 -3.60 61.30 4.47
N ALA B 283 -3.04 60.19 4.94
CA ALA B 283 -2.52 59.17 4.04
C ALA B 283 -2.70 57.82 4.71
N THR B 284 -3.29 56.88 3.98
CA THR B 284 -3.69 55.60 4.56
C THR B 284 -3.59 54.50 3.51
N VAL B 285 -3.11 53.34 3.95
CA VAL B 285 -3.24 52.10 3.19
C VAL B 285 -4.23 51.26 3.97
N GLY B 286 -5.47 51.18 3.48
CA GLY B 286 -6.52 50.53 4.22
C GLY B 286 -6.81 49.11 3.76
N MET B 287 -6.56 48.82 2.49
CA MET B 287 -6.89 47.54 1.90
C MET B 287 -5.65 46.91 1.28
N MET B 288 -5.42 45.63 1.60
CA MET B 288 -4.31 44.88 1.05
C MET B 288 -4.73 43.43 0.88
N GLN B 289 -4.33 42.83 -0.24
CA GLN B 289 -4.61 41.43 -0.55
C GLN B 289 -3.33 40.77 -1.02
N VAL B 290 -2.82 39.81 -0.24
CA VAL B 290 -1.56 39.13 -0.53
C VAL B 290 -1.85 37.82 -1.26
N HIS B 291 -1.04 37.51 -2.27
CA HIS B 291 -1.19 36.29 -3.05
C HIS B 291 0.16 35.58 -3.11
N PRO B 292 0.20 34.26 -2.87
CA PRO B 292 -0.95 33.38 -2.59
C PRO B 292 -1.41 33.42 -1.13
N ASN B 293 -0.69 34.17 -0.30
CA ASN B 293 -1.01 34.32 1.13
C ASN B 293 -0.77 33.02 1.88
N SER B 294 0.26 32.29 1.50
CA SER B 294 0.69 31.07 2.19
C SER B 294 1.94 31.38 2.99
N ARG B 295 1.94 30.98 4.27
CA ARG B 295 2.97 31.45 5.20
C ARG B 295 4.37 31.05 4.78
N ASN B 296 4.53 29.95 4.05
CA ASN B 296 5.84 29.52 3.58
C ASN B 296 6.00 29.69 2.07
N VAL B 297 5.34 30.69 1.48
CA VAL B 297 5.53 31.07 0.09
C VAL B 297 5.85 32.56 0.05
N ILE B 298 6.96 32.91 -0.60
CA ILE B 298 7.20 34.33 -0.87
C ILE B 298 6.00 34.88 -1.64
N PRO B 299 5.38 35.97 -1.20
CA PRO B 299 4.22 36.48 -1.93
C PRO B 299 4.63 36.96 -3.32
N GLY B 300 3.89 36.51 -4.33
CA GLY B 300 4.19 36.85 -5.71
C GLY B 300 3.36 37.99 -6.26
N ARG B 301 2.27 38.33 -5.60
CA ARG B 301 1.44 39.46 -6.03
CA ARG B 301 1.46 39.48 -6.02
C ARG B 301 0.73 40.05 -4.81
N VAL B 302 0.69 41.37 -4.73
CA VAL B 302 -0.02 42.06 -3.66
C VAL B 302 -0.76 43.25 -4.26
N PHE B 303 -2.06 43.28 -4.04
CA PHE B 303 -2.93 44.41 -4.39
C PHE B 303 -3.15 45.23 -3.13
N PHE B 304 -3.11 46.55 -3.28
CA PHE B 304 -3.41 47.42 -2.14
C PHE B 304 -3.84 48.80 -2.63
N THR B 305 -4.39 49.55 -1.70
CA THR B 305 -5.00 50.84 -1.98
C THR B 305 -4.25 51.94 -1.25
N VAL B 306 -4.33 53.14 -1.78
CA VAL B 306 -3.75 54.33 -1.15
C VAL B 306 -4.82 55.40 -1.08
N ASP B 307 -4.93 56.05 0.06
CA ASP B 307 -5.91 57.11 0.30
C ASP B 307 -5.14 58.35 0.72
N PHE B 308 -5.17 59.39 -0.13
CA PHE B 308 -4.55 60.68 0.14
C PHE B 308 -5.62 61.76 0.32
N ARG B 309 -5.45 62.61 1.31
CA ARG B 309 -6.32 63.77 1.51
C ARG B 309 -5.52 64.97 1.98
N HIS B 310 -5.87 66.15 1.46
CA HIS B 310 -5.28 67.40 1.89
C HIS B 310 -6.18 68.55 1.48
N PRO B 311 -6.26 69.63 2.27
CA PRO B 311 -7.13 70.76 1.91
C PRO B 311 -6.58 71.64 0.79
N ASP B 312 -5.33 71.46 0.39
CA ASP B 312 -4.74 72.26 -0.69
C ASP B 312 -4.50 71.37 -1.91
N ASP B 313 -5.05 71.78 -3.05
CA ASP B 313 -4.97 70.94 -4.24
C ASP B 313 -3.51 70.81 -4.72
N ALA B 314 -2.73 71.89 -4.63
CA ALA B 314 -1.34 71.84 -5.10
C ALA B 314 -0.50 70.89 -4.25
N VAL B 315 -0.69 70.92 -2.93
CA VAL B 315 -0.03 69.96 -2.04
C VAL B 315 -0.47 68.55 -2.36
N LEU B 316 -1.78 68.37 -2.57
CA LEU B 316 -2.30 67.04 -2.87
C LEU B 316 -1.67 66.47 -4.14
N ALA B 317 -1.41 67.30 -5.13
CA ALA B 317 -0.72 66.83 -6.32
C ALA B 317 0.74 66.49 -6.02
N GLN B 318 1.37 67.19 -5.07
CA GLN B 318 2.73 66.83 -4.67
C GLN B 318 2.75 65.47 -3.99
N MET B 319 1.72 65.18 -3.19
CA MET B 319 1.62 63.86 -2.59
C MET B 319 1.50 62.79 -3.67
N ASP B 320 0.73 63.07 -4.72
CA ASP B 320 0.62 62.16 -5.85
C ASP B 320 1.99 61.90 -6.50
N ALA B 321 2.75 62.98 -6.73
CA ALA B 321 4.06 62.82 -7.36
C ALA B 321 5.01 62.04 -6.47
N ALA B 322 5.01 62.33 -5.16
CA ALA B 322 5.87 61.60 -4.24
C ALA B 322 5.49 60.12 -4.18
N LEU B 323 4.19 59.81 -4.23
CA LEU B 323 3.78 58.42 -4.21
C LEU B 323 4.28 57.69 -5.45
N ARG B 324 4.03 58.27 -6.63
CA ARG B 324 4.45 57.65 -7.87
C ARG B 324 5.97 57.50 -7.93
N ASP B 325 6.68 58.51 -7.44
CA ASP B 325 8.14 58.43 -7.46
C ASP B 325 8.64 57.36 -6.48
N GLY B 326 8.08 57.33 -5.27
CA GLY B 326 8.51 56.35 -4.29
C GLY B 326 8.15 54.92 -4.67
N VAL B 327 6.98 54.72 -5.29
CA VAL B 327 6.58 53.38 -5.70
C VAL B 327 7.53 52.83 -6.75
N ALA B 328 7.86 53.65 -7.76
CA ALA B 328 8.77 53.20 -8.80
C ALA B 328 10.15 52.89 -8.21
N ARG B 329 10.58 53.68 -7.24
CA ARG B 329 11.86 53.42 -6.58
CA ARG B 329 11.85 53.41 -6.56
C ARG B 329 11.83 52.09 -5.83
N ILE B 330 10.80 51.88 -5.00
CA ILE B 330 10.71 50.64 -4.25
C ILE B 330 10.66 49.44 -5.19
N ALA B 331 9.89 49.55 -6.28
CA ALA B 331 9.79 48.45 -7.23
C ALA B 331 11.12 48.17 -7.91
N ALA B 332 11.86 49.22 -8.28
CA ALA B 332 13.15 49.02 -8.95
C ALA B 332 14.16 48.37 -8.02
N ASP B 333 14.18 48.74 -6.74
CA ASP B 333 15.16 48.18 -5.83
C ASP B 333 14.94 46.69 -5.60
N ILE B 334 13.71 46.22 -5.73
CA ILE B 334 13.37 44.82 -5.49
C ILE B 334 13.31 44.02 -6.78
N GLY B 335 12.83 44.63 -7.85
CA GLY B 335 12.57 43.92 -9.08
C GLY B 335 11.11 43.60 -9.30
N LEU B 336 10.20 44.46 -8.87
CA LEU B 336 8.77 44.21 -9.00
C LEU B 336 8.19 44.90 -10.23
N GLU B 337 7.12 44.32 -10.77
CA GLU B 337 6.31 44.99 -11.77
C GLU B 337 5.17 45.74 -11.07
N THR B 338 4.85 46.91 -11.59
CA THR B 338 3.94 47.84 -10.93
C THR B 338 2.79 48.22 -11.84
N ALA B 339 1.57 48.10 -11.31
CA ALA B 339 0.39 48.72 -11.89
C ALA B 339 -0.10 49.72 -10.86
N LEU B 340 -0.05 51.00 -11.20
CA LEU B 340 -0.53 52.06 -10.32
C LEU B 340 -1.58 52.87 -11.09
N GLU B 341 -2.75 53.06 -10.48
CA GLU B 341 -3.79 53.86 -11.11
CA GLU B 341 -3.80 53.83 -11.11
C GLU B 341 -4.50 54.68 -10.05
N GLN B 342 -4.72 55.95 -10.37
CA GLN B 342 -5.57 56.81 -9.54
C GLN B 342 -7.01 56.61 -9.96
N ILE B 343 -7.86 56.13 -9.04
CA ILE B 343 -9.23 55.76 -9.38
C ILE B 343 -10.24 56.81 -8.95
N PHE B 344 -9.82 57.86 -8.26
CA PHE B 344 -10.76 58.82 -7.70
C PHE B 344 -10.03 60.13 -7.44
N TYR B 345 -10.72 61.23 -7.72
CA TYR B 345 -10.20 62.55 -7.43
C TYR B 345 -11.38 63.40 -6.96
N TYR B 346 -11.14 64.16 -5.90
CA TYR B 346 -12.15 65.00 -5.28
C TYR B 346 -11.51 66.33 -4.96
N LYS B 347 -12.13 67.45 -5.42
CA LYS B 347 -11.42 68.71 -5.23
C LYS B 347 -11.56 69.20 -3.78
N PRO B 348 -10.52 69.82 -3.23
CA PRO B 348 -10.66 70.46 -1.91
C PRO B 348 -11.58 71.67 -2.01
N VAL B 349 -12.35 71.88 -0.95
CA VAL B 349 -13.31 72.98 -0.88
C VAL B 349 -12.94 73.88 0.27
N ALA B 350 -12.92 75.18 0.01
CA ALA B 350 -12.87 76.19 1.06
C ALA B 350 -14.28 76.77 1.20
N PHE B 351 -14.89 76.58 2.36
CA PHE B 351 -16.27 77.00 2.51
C PHE B 351 -16.35 78.53 2.61
N ASP B 352 -17.55 79.04 2.37
CA ASP B 352 -17.76 80.48 2.27
C ASP B 352 -17.48 81.18 3.60
N PRO B 353 -16.62 82.20 3.63
CA PRO B 353 -16.30 82.87 4.90
C PRO B 353 -17.50 83.47 5.63
N ALA B 354 -18.43 84.10 4.92
CA ALA B 354 -19.60 84.67 5.58
C ALA B 354 -20.40 83.60 6.31
N CYS B 355 -20.60 82.45 5.65
CA CYS B 355 -21.32 81.33 6.29
C CYS B 355 -20.54 80.75 7.46
N VAL B 356 -19.21 80.64 7.32
CA VAL B 356 -18.37 80.18 8.42
C VAL B 356 -18.48 81.13 9.61
N GLN B 357 -18.49 82.43 9.34
CA GLN B 357 -18.59 83.39 10.43
C GLN B 357 -19.95 83.30 11.12
N ALA B 358 -21.01 83.03 10.35
CA ALA B 358 -22.32 82.88 10.97
C ALA B 358 -22.34 81.68 11.91
N VAL B 359 -21.68 80.59 11.51
CA VAL B 359 -21.60 79.41 12.38
C VAL B 359 -20.79 79.72 13.63
N ARG B 360 -19.66 80.41 13.47
CA ARG B 360 -18.80 80.75 14.60
C ARG B 360 -19.54 81.62 15.61
N GLU B 361 -20.27 82.64 15.11
CA GLU B 361 -20.99 83.52 16.02
C GLU B 361 -22.13 82.80 16.72
N ALA B 362 -22.78 81.85 16.05
CA ALA B 362 -23.84 81.08 16.69
C ALA B 362 -23.28 80.26 17.85
N ALA B 363 -22.15 79.59 17.63
CA ALA B 363 -21.51 78.87 18.73
C ALA B 363 -21.17 79.80 19.87
N GLU B 364 -20.61 80.98 19.55
CA GLU B 364 -20.22 81.92 20.58
C GLU B 364 -21.42 82.39 21.40
N ARG B 365 -22.53 82.72 20.74
CA ARG B 365 -23.70 83.25 21.46
C ARG B 365 -24.16 82.27 22.53
N PHE B 366 -24.06 80.96 22.26
CA PHE B 366 -24.48 79.93 23.20
C PHE B 366 -23.39 79.49 24.17
N GLY B 367 -22.16 80.00 24.03
CA GLY B 367 -21.10 79.55 24.90
C GLY B 367 -20.67 78.12 24.67
N TYR B 368 -20.95 77.57 23.50
CA TYR B 368 -20.50 76.23 23.14
C TYR B 368 -19.01 76.24 22.82
N PRO B 369 -18.19 75.47 23.52
CA PRO B 369 -16.78 75.36 23.14
C PRO B 369 -16.65 74.85 21.70
N HIS B 370 -15.86 75.56 20.90
CA HIS B 370 -15.80 75.30 19.47
C HIS B 370 -14.38 75.45 18.96
N ARG B 371 -14.16 74.97 17.74
CA ARG B 371 -12.87 75.10 17.06
C ARG B 371 -13.09 74.97 15.56
N ASP B 372 -12.19 75.60 14.81
CA ASP B 372 -12.20 75.44 13.35
C ASP B 372 -11.76 74.03 13.00
N ILE B 373 -12.45 73.43 12.05
CA ILE B 373 -12.19 72.04 11.70
C ILE B 373 -12.33 71.86 10.19
N VAL B 374 -11.51 70.98 9.64
CA VAL B 374 -11.58 70.57 8.24
C VAL B 374 -12.39 69.29 8.17
N SER B 375 -13.37 69.25 7.28
CA SER B 375 -14.15 68.03 7.12
C SER B 375 -13.28 66.98 6.43
N GLY B 376 -13.06 65.86 7.10
CA GLY B 376 -12.22 64.82 6.51
C GLY B 376 -12.90 64.00 5.44
N ALA B 377 -14.23 64.03 5.37
CA ALA B 377 -14.99 63.29 4.39
C ALA B 377 -15.75 64.27 3.50
N GLY B 378 -16.24 63.76 2.37
CA GLY B 378 -17.06 64.55 1.48
C GLY B 378 -18.52 64.52 1.88
N HIS B 379 -19.20 65.64 1.63
CA HIS B 379 -20.63 65.79 1.90
C HIS B 379 -21.28 66.54 0.76
N ASP B 380 -22.61 66.45 0.70
CA ASP B 380 -23.35 67.22 -0.30
C ASP B 380 -23.01 68.70 -0.24
N ALA B 381 -22.66 69.20 0.95
CA ALA B 381 -22.27 70.61 1.09
C ALA B 381 -21.05 70.93 0.23
N CYS B 382 -20.19 69.94 -0.03
CA CYS B 382 -18.99 70.21 -0.83
C CYS B 382 -19.36 70.55 -2.26
N TYR B 383 -20.34 69.86 -2.83
CA TYR B 383 -20.74 70.20 -4.19
C TYR B 383 -21.59 71.46 -4.20
N LEU B 384 -22.48 71.60 -3.21
CA LEU B 384 -23.34 72.78 -3.12
C LEU B 384 -22.52 74.05 -3.03
N ALA B 385 -21.35 73.99 -2.37
CA ALA B 385 -20.48 75.14 -2.19
C ALA B 385 -20.01 75.74 -3.52
N GLN B 386 -20.12 75.00 -4.62
CA GLN B 386 -19.68 75.52 -5.90
C GLN B 386 -20.68 76.46 -6.55
N VAL B 387 -21.94 76.39 -6.15
CA VAL B 387 -22.98 77.23 -6.75
C VAL B 387 -23.66 78.13 -5.73
N ALA B 388 -23.36 78.00 -4.45
CA ALA B 388 -24.01 78.80 -3.42
C ALA B 388 -23.07 78.97 -2.24
N PRO B 389 -23.13 80.10 -1.54
CA PRO B 389 -22.32 80.26 -0.32
C PRO B 389 -22.71 79.22 0.72
N THR B 390 -21.72 78.44 1.17
CA THR B 390 -21.97 77.26 1.98
C THR B 390 -20.91 77.07 3.05
N SER B 391 -21.31 76.50 4.19
CA SER B 391 -20.41 75.97 5.21
C SER B 391 -21.17 74.88 5.97
N MET B 392 -20.49 74.28 6.95
CA MET B 392 -21.05 73.14 7.67
C MET B 392 -20.89 73.34 9.17
N VAL B 393 -21.73 72.64 9.93
CA VAL B 393 -21.68 72.62 11.39
C VAL B 393 -21.43 71.18 11.82
N PHE B 394 -20.45 70.99 12.68
CA PHE B 394 -20.11 69.66 13.19
C PHE B 394 -20.45 69.54 14.66
N VAL B 395 -20.92 68.37 15.05
CA VAL B 395 -21.01 67.97 16.46
C VAL B 395 -20.16 66.71 16.60
N PRO B 396 -19.73 66.37 17.81
CA PRO B 396 -18.90 65.17 17.99
C PRO B 396 -19.75 63.90 17.85
N CYS B 397 -19.05 62.78 17.71
CA CYS B 397 -19.70 61.48 17.79
C CYS B 397 -18.86 60.55 18.65
N VAL B 398 -19.53 59.63 19.34
CA VAL B 398 -18.86 58.78 20.33
C VAL B 398 -17.85 57.88 19.64
N ASP B 399 -16.61 57.92 20.12
CA ASP B 399 -15.46 57.17 19.60
C ASP B 399 -15.12 57.52 18.16
N GLY B 400 -15.68 58.59 17.62
CA GLY B 400 -15.44 58.93 16.23
C GLY B 400 -16.05 57.96 15.25
N ILE B 401 -17.01 57.14 15.68
CA ILE B 401 -17.53 56.05 14.87
C ILE B 401 -18.64 56.56 13.96
N SER B 402 -18.52 56.21 12.68
CA SER B 402 -19.55 56.43 11.68
C SER B 402 -19.42 55.30 10.67
N HIS B 403 -20.43 55.17 9.79
CA HIS B 403 -20.53 54.05 8.83
C HIS B 403 -20.46 52.71 9.55
N ASN B 404 -20.91 52.68 10.80
CA ASN B 404 -21.04 51.47 11.60
C ASN B 404 -22.34 51.61 12.39
N GLU B 405 -23.00 50.48 12.63
CA GLU B 405 -24.31 50.52 13.26
C GLU B 405 -24.27 51.10 14.68
N VAL B 406 -23.09 51.13 15.31
CA VAL B 406 -22.94 51.61 16.68
C VAL B 406 -22.64 53.11 16.74
N GLU B 407 -22.74 53.80 15.61
CA GLU B 407 -22.60 55.26 15.56
C GLU B 407 -23.47 55.93 16.61
N ASP B 408 -22.89 56.89 17.35
CA ASP B 408 -23.63 57.45 18.48
C ASP B 408 -23.25 58.91 18.74
N ALA B 409 -24.22 59.65 19.27
CA ALA B 409 -24.05 61.02 19.74
C ALA B 409 -24.98 61.27 20.93
N THR B 410 -24.56 62.17 21.84
CA THR B 410 -25.40 62.47 22.98
C THR B 410 -26.52 63.44 22.60
N PRO B 411 -27.64 63.42 23.33
CA PRO B 411 -28.69 64.42 23.07
C PRO B 411 -28.20 65.85 23.21
N GLU B 412 -27.27 66.12 24.15
CA GLU B 412 -26.75 67.47 24.29
C GLU B 412 -25.95 67.89 23.07
N TRP B 413 -25.16 66.98 22.50
CA TRP B 413 -24.49 67.27 21.24
C TRP B 413 -25.50 67.53 20.14
N ILE B 414 -26.48 66.63 20.02
CA ILE B 414 -27.53 66.77 19.01
C ILE B 414 -28.23 68.12 19.15
N GLU B 415 -28.58 68.50 20.37
CA GLU B 415 -29.28 69.76 20.60
C GLU B 415 -28.40 70.96 20.28
N ALA B 416 -27.11 70.88 20.64
CA ALA B 416 -26.23 72.04 20.48
C ALA B 416 -25.99 72.38 19.02
N GLY B 417 -25.77 71.36 18.18
CA GLY B 417 -25.59 71.61 16.76
C GLY B 417 -26.81 72.19 16.09
N ALA B 418 -28.01 71.76 16.53
CA ALA B 418 -29.24 72.32 15.99
C ALA B 418 -29.43 73.77 16.42
N ASN B 419 -28.99 74.14 17.63
CA ASN B 419 -29.06 75.53 18.05
C ASN B 419 -28.14 76.40 17.21
N VAL B 420 -26.94 75.91 16.92
CA VAL B 420 -26.02 76.66 16.06
C VAL B 420 -26.58 76.77 14.65
N LEU B 421 -27.14 75.67 14.12
CA LEU B 421 -27.76 75.73 12.79
C LEU B 421 -28.91 76.73 12.78
N LEU B 422 -29.73 76.71 13.84
CA LEU B 422 -30.87 77.62 13.94
C LEU B 422 -30.42 79.08 13.82
N HIS B 423 -29.40 79.47 14.59
CA HIS B 423 -28.99 80.86 14.62
C HIS B 423 -28.12 81.25 13.44
N ALA B 424 -27.33 80.30 12.93
CA ALA B 424 -26.58 80.59 11.71
C ALA B 424 -27.53 80.86 10.55
N MET B 425 -28.63 80.11 10.47
CA MET B 425 -29.60 80.33 9.41
C MET B 425 -30.39 81.61 9.63
N LEU B 426 -30.81 81.83 10.88
CA LEU B 426 -31.59 83.02 11.22
C LEU B 426 -30.77 84.30 10.97
N SER B 427 -29.48 84.25 11.25
CA SER B 427 -28.62 85.41 10.99
C SER B 427 -28.62 85.78 9.51
N ARG B 428 -28.46 84.79 8.64
CA ARG B 428 -28.37 85.09 7.21
C ARG B 428 -29.73 85.23 6.56
N ALA B 429 -30.77 84.58 7.11
CA ALA B 429 -32.11 84.74 6.56
C ALA B 429 -32.73 86.09 6.92
N CYS B 430 -32.24 86.73 7.97
CA CYS B 430 -32.73 88.06 8.38
C CYS B 430 -31.92 89.18 7.76
N GLU B 431 -30.97 88.86 6.90
CA GLU B 431 -30.25 89.88 6.17
C GLU B 431 -31.20 90.57 5.22
N PRO B 432 -31.33 91.90 5.27
CA PRO B 432 -32.33 92.57 4.43
C PRO B 432 -32.03 92.33 2.96
N VAL B 433 -33.08 92.20 2.16
CA VAL B 433 -32.89 91.92 0.75
C VAL B 433 -32.28 93.13 0.07
N SER B 434 -30.97 93.06 -0.16
CA SER B 434 -30.29 93.92 -1.11
C SER B 434 -30.53 93.32 -2.48
N ASP C 22 -32.55 -2.90 5.14
CA ASP C 22 -33.07 -2.69 6.48
C ASP C 22 -32.23 -3.42 7.52
N PRO C 23 -31.26 -2.71 8.10
CA PRO C 23 -30.30 -3.35 9.03
C PRO C 23 -30.90 -3.95 10.31
N SER C 24 -32.21 -3.79 10.53
CA SER C 24 -32.85 -4.38 11.70
C SER C 24 -32.80 -5.90 11.74
N ILE C 25 -32.70 -6.57 10.58
CA ILE C 25 -32.59 -8.02 10.51
C ILE C 25 -31.12 -8.44 10.58
N LYS C 26 -30.77 -9.24 11.60
CA LYS C 26 -29.39 -9.68 11.80
C LYS C 26 -29.38 -11.17 12.11
N VAL C 27 -28.19 -11.78 12.00
CA VAL C 27 -28.04 -13.21 12.23
C VAL C 27 -27.69 -13.47 13.70
N ASP C 28 -27.86 -14.73 14.11
CA ASP C 28 -27.48 -15.21 15.43
C ASP C 28 -26.04 -15.69 15.35
N GLY C 29 -25.09 -14.83 15.74
CA GLY C 29 -23.69 -15.19 15.59
C GLY C 29 -23.30 -16.42 16.39
N LYS C 30 -23.78 -16.53 17.63
CA LYS C 30 -23.40 -17.67 18.47
C LYS C 30 -23.92 -18.97 17.89
N ARG C 31 -25.15 -18.96 17.37
CA ARG C 31 -25.73 -20.16 16.77
C ARG C 31 -24.95 -20.60 15.55
N LEU C 32 -24.57 -19.65 14.69
CA LEU C 32 -23.76 -19.97 13.53
C LEU C 32 -22.39 -20.50 13.93
N TRP C 33 -21.76 -19.85 14.91
CA TRP C 33 -20.45 -20.30 15.40
C TRP C 33 -20.54 -21.72 15.95
N ASN C 34 -21.60 -22.02 16.71
CA ASN C 34 -21.73 -23.35 17.30
C ASN C 34 -21.89 -24.42 16.23
N SER C 35 -22.64 -24.13 15.16
CA SER C 35 -22.78 -25.07 14.07
C SER C 35 -21.43 -25.37 13.44
N LEU C 36 -20.56 -24.34 13.33
CA LEU C 36 -19.20 -24.55 12.81
C LEU C 36 -18.36 -25.39 13.77
N MET C 37 -18.43 -25.11 15.08
CA MET C 37 -17.73 -25.94 16.04
C MET C 37 -18.27 -27.36 16.03
N GLU C 38 -19.57 -27.52 15.79
CA GLU C 38 -20.14 -28.86 15.74
C GLU C 38 -19.69 -29.60 14.48
N MET C 39 -19.71 -28.91 13.33
CA MET C 39 -19.24 -29.53 12.08
C MET C 39 -17.75 -29.83 12.14
N ALA C 40 -17.00 -29.07 12.93
CA ALA C 40 -15.56 -29.32 13.03
C ALA C 40 -15.26 -30.65 13.71
N LYS C 41 -16.23 -31.23 14.44
CA LYS C 41 -15.98 -32.52 15.07
C LYS C 41 -15.91 -33.65 14.05
N ILE C 42 -16.59 -33.53 12.92
CA ILE C 42 -16.65 -34.59 11.92
C ILE C 42 -15.39 -34.54 11.07
N GLY C 43 -14.47 -35.49 11.31
CA GLY C 43 -13.20 -35.47 10.63
C GLY C 43 -12.16 -34.60 11.31
N ALA C 44 -12.35 -34.30 12.59
CA ALA C 44 -11.39 -33.48 13.31
C ALA C 44 -10.02 -34.15 13.34
N THR C 45 -9.00 -33.37 13.14
CA THR C 45 -7.65 -33.89 13.23
C THR C 45 -7.03 -33.54 14.57
N PRO C 46 -5.99 -34.25 14.99
CA PRO C 46 -5.37 -33.93 16.30
C PRO C 46 -4.88 -32.49 16.40
N LYS C 47 -4.39 -31.90 15.32
CA LYS C 47 -3.92 -30.51 15.38
C LYS C 47 -5.07 -29.50 15.43
N GLY C 48 -6.32 -29.94 15.33
CA GLY C 48 -7.47 -29.06 15.42
C GLY C 48 -8.08 -28.66 14.10
N GLY C 49 -7.73 -29.34 13.00
CA GLY C 49 -8.31 -29.09 11.71
C GLY C 49 -9.33 -30.15 11.34
N VAL C 50 -9.61 -30.22 10.04
CA VAL C 50 -10.61 -31.16 9.50
C VAL C 50 -10.00 -31.93 8.35
N CYS C 51 -10.19 -33.25 8.36
CA CYS C 51 -9.78 -34.15 7.29
C CYS C 51 -11.03 -34.90 6.83
N ARG C 52 -11.77 -34.26 5.93
CA ARG C 52 -13.05 -34.76 5.45
C ARG C 52 -13.00 -34.75 3.91
N LEU C 53 -12.25 -35.70 3.35
CA LEU C 53 -12.09 -35.75 1.91
C LEU C 53 -13.42 -36.02 1.24
N ALA C 54 -13.57 -35.46 0.03
CA ALA C 54 -14.82 -35.55 -0.70
C ALA C 54 -15.22 -37.00 -0.91
N LEU C 55 -16.50 -37.29 -0.65
CA LEU C 55 -17.14 -38.58 -0.93
C LEU C 55 -16.55 -39.73 -0.12
N THR C 56 -15.93 -39.41 1.01
CA THR C 56 -15.55 -40.41 1.99
C THR C 56 -16.74 -40.67 2.91
N ASP C 57 -16.60 -41.62 3.83
CA ASP C 57 -17.67 -41.82 4.80
C ASP C 57 -17.82 -40.59 5.68
N LEU C 58 -16.73 -39.86 5.93
CA LEU C 58 -16.81 -38.64 6.72
C LEU C 58 -17.53 -37.52 5.98
N ASP C 59 -17.29 -37.40 4.68
CA ASP C 59 -18.02 -36.42 3.88
C ASP C 59 -19.52 -36.74 3.87
N LYS C 60 -19.87 -38.03 3.81
CA LYS C 60 -21.27 -38.43 3.93
C LYS C 60 -21.86 -37.99 5.25
N ALA C 61 -21.13 -38.19 6.36
CA ALA C 61 -21.63 -37.77 7.65
C ALA C 61 -21.84 -36.26 7.71
N GLY C 62 -20.88 -35.50 7.18
CA GLY C 62 -21.04 -34.06 7.17
C GLY C 62 -22.20 -33.59 6.31
N ARG C 63 -22.37 -34.21 5.15
CA ARG C 63 -23.56 -33.96 4.33
C ARG C 63 -24.82 -34.28 5.11
N ASP C 64 -24.87 -35.47 5.75
CA ASP C 64 -26.07 -35.90 6.45
C ASP C 64 -26.46 -34.93 7.55
N LEU C 65 -25.47 -34.38 8.26
CA LEU C 65 -25.76 -33.45 9.35
C LEU C 65 -26.29 -32.12 8.82
N ILE C 66 -25.70 -31.61 7.74
CA ILE C 66 -26.15 -30.36 7.14
C ILE C 66 -27.56 -30.50 6.63
N VAL C 67 -27.85 -31.63 5.97
CA VAL C 67 -29.20 -31.88 5.45
C VAL C 67 -30.20 -31.97 6.58
N ARG C 68 -29.84 -32.64 7.69
CA ARG C 68 -30.74 -32.76 8.83
C ARG C 68 -31.04 -31.39 9.45
N TRP C 69 -29.99 -30.57 9.63
CA TRP C 69 -30.19 -29.22 10.12
C TRP C 69 -31.04 -28.41 9.16
N ALA C 70 -30.84 -28.59 7.85
CA ALA C 70 -31.62 -27.85 6.87
C ALA C 70 -33.09 -28.22 6.94
N LYS C 71 -33.39 -29.52 7.03
CA LYS C 71 -34.79 -29.94 7.15
C LYS C 71 -35.41 -29.42 8.43
N GLU C 72 -34.63 -29.33 9.50
CA GLU C 72 -35.12 -28.74 10.75
C GLU C 72 -35.42 -27.24 10.60
N ALA C 73 -34.84 -26.57 9.62
CA ALA C 73 -35.18 -25.17 9.32
C ALA C 73 -36.26 -25.06 8.23
N GLY C 74 -36.91 -26.17 7.89
CA GLY C 74 -38.00 -26.17 6.95
C GLY C 74 -37.61 -26.27 5.49
N CYS C 75 -36.38 -26.70 5.19
CA CYS C 75 -35.94 -26.79 3.81
C CYS C 75 -36.35 -28.11 3.18
N THR C 76 -36.69 -28.04 1.90
CA THR C 76 -36.81 -29.24 1.07
C THR C 76 -35.48 -29.49 0.38
N VAL C 77 -35.12 -30.76 0.27
CA VAL C 77 -33.79 -31.17 -0.16
C VAL C 77 -33.90 -32.01 -1.42
N THR C 78 -33.13 -31.67 -2.44
CA THR C 78 -32.96 -32.48 -3.63
C THR C 78 -31.48 -32.64 -3.89
N VAL C 79 -31.11 -33.76 -4.52
CA VAL C 79 -29.72 -34.05 -4.84
C VAL C 79 -29.64 -34.30 -6.34
N ASP C 80 -28.62 -33.73 -6.99
CA ASP C 80 -28.49 -33.87 -8.43
C ASP C 80 -27.54 -35.01 -8.78
N THR C 81 -27.34 -35.22 -10.09
CA THR C 81 -26.56 -36.36 -10.56
C THR C 81 -25.08 -36.27 -10.21
N MET C 82 -24.59 -35.07 -9.89
CA MET C 82 -23.21 -34.91 -9.43
C MET C 82 -23.11 -34.92 -7.92
N GLY C 83 -24.21 -35.20 -7.22
CA GLY C 83 -24.21 -35.22 -5.78
C GLY C 83 -24.39 -33.88 -5.12
N ASN C 84 -24.69 -32.84 -5.88
CA ASN C 84 -24.90 -31.52 -5.30
C ASN C 84 -26.20 -31.51 -4.52
N VAL C 85 -26.15 -30.90 -3.34
CA VAL C 85 -27.28 -30.87 -2.41
C VAL C 85 -27.92 -29.49 -2.47
N PHE C 86 -29.23 -29.44 -2.72
CA PHE C 86 -29.98 -28.20 -2.83
C PHE C 86 -31.01 -28.15 -1.72
N MET C 87 -30.81 -27.25 -0.77
CA MET C 87 -31.70 -27.07 0.38
C MET C 87 -32.51 -25.79 0.16
N ARG C 88 -33.83 -25.95 0.02
CA ARG C 88 -34.68 -24.93 -0.57
C ARG C 88 -35.63 -24.33 0.46
N ARG C 89 -35.68 -23.00 0.52
CA ARG C 89 -36.69 -22.26 1.28
C ARG C 89 -37.62 -21.55 0.30
N ALA C 90 -38.90 -21.87 0.35
CA ALA C 90 -39.86 -21.40 -0.65
C ALA C 90 -39.96 -19.88 -0.69
N GLY C 91 -40.33 -19.36 -1.86
CA GLY C 91 -40.60 -17.95 -2.04
C GLY C 91 -42.08 -17.69 -2.31
N ARG C 92 -42.42 -16.41 -2.38
CA ARG C 92 -43.80 -16.02 -2.68
C ARG C 92 -44.22 -16.51 -4.06
N VAL C 93 -43.35 -16.40 -5.05
CA VAL C 93 -43.59 -16.88 -6.41
C VAL C 93 -42.97 -18.26 -6.52
N ALA C 94 -43.81 -19.29 -6.59
CA ALA C 94 -43.34 -20.66 -6.48
C ALA C 94 -42.42 -21.07 -7.63
N ASP C 95 -42.64 -20.53 -8.83
CA ASP C 95 -41.88 -20.93 -10.00
C ASP C 95 -40.76 -19.96 -10.35
N ALA C 96 -40.49 -18.98 -9.48
CA ALA C 96 -39.42 -18.03 -9.75
C ALA C 96 -38.06 -18.70 -9.58
N ALA C 97 -37.07 -18.18 -10.29
CA ALA C 97 -35.70 -18.70 -10.18
C ALA C 97 -35.13 -18.42 -8.79
N PRO C 98 -34.50 -19.39 -8.14
CA PRO C 98 -34.03 -19.17 -6.77
C PRO C 98 -32.78 -18.31 -6.72
N VAL C 99 -32.64 -17.59 -5.60
CA VAL C 99 -31.38 -16.95 -5.24
C VAL C 99 -30.61 -17.93 -4.36
N VAL C 100 -29.44 -18.37 -4.82
CA VAL C 100 -28.75 -19.47 -4.14
C VAL C 100 -27.47 -18.96 -3.49
N THR C 101 -27.13 -19.59 -2.37
CA THR C 101 -25.86 -19.43 -1.71
C THR C 101 -25.34 -20.82 -1.41
N GLY C 102 -24.08 -20.91 -1.06
CA GLY C 102 -23.52 -22.20 -0.74
C GLY C 102 -22.04 -22.25 -1.06
N SER C 103 -21.44 -23.33 -0.57
CA SER C 103 -20.02 -23.60 -0.78
C SER C 103 -19.85 -25.11 -0.78
N HIS C 104 -18.79 -25.61 -0.17
CA HIS C 104 -18.52 -27.03 -0.14
C HIS C 104 -18.34 -27.50 1.30
N ALA C 105 -18.66 -28.78 1.54
CA ALA C 105 -18.49 -29.38 2.84
C ALA C 105 -17.28 -30.31 2.91
N ASP C 106 -16.63 -30.58 1.78
CA ASP C 106 -15.43 -31.39 1.76
C ASP C 106 -14.21 -30.53 2.06
N SER C 107 -13.12 -31.18 2.48
CA SER C 107 -11.93 -30.46 2.92
C SER C 107 -10.68 -31.09 2.34
N GLN C 108 -9.56 -30.37 2.49
CA GLN C 108 -8.25 -30.90 2.19
C GLN C 108 -7.84 -31.91 3.27
N PRO C 109 -6.84 -32.76 2.99
CA PRO C 109 -6.31 -33.60 4.07
C PRO C 109 -5.80 -32.79 5.25
N THR C 110 -5.27 -31.59 5.01
CA THR C 110 -4.85 -30.66 6.05
C THR C 110 -5.81 -29.48 6.13
N GLY C 111 -7.11 -29.75 5.95
CA GLY C 111 -8.07 -28.67 5.85
C GLY C 111 -8.32 -27.97 7.18
N GLY C 112 -8.79 -26.73 7.07
CA GLY C 112 -9.21 -25.98 8.24
C GLY C 112 -10.69 -26.20 8.53
N ARG C 113 -11.12 -25.61 9.65
CA ARG C 113 -12.50 -25.70 10.13
C ARG C 113 -13.45 -24.71 9.47
N PHE C 114 -12.96 -23.83 8.59
CA PHE C 114 -13.77 -22.78 8.01
C PHE C 114 -13.81 -22.77 6.49
N ASP C 115 -12.81 -23.34 5.83
CA ASP C 115 -12.80 -23.39 4.37
C ASP C 115 -14.02 -24.16 3.86
N GLY C 116 -14.85 -23.48 3.06
CA GLY C 116 -16.02 -24.13 2.50
C GLY C 116 -17.22 -24.28 3.43
N ILE C 117 -17.02 -24.94 4.57
CA ILE C 117 -18.14 -25.22 5.46
C ILE C 117 -18.76 -23.92 5.99
N TYR C 118 -17.94 -22.87 6.12
CA TYR C 118 -18.46 -21.57 6.56
C TYR C 118 -19.52 -21.04 5.60
N GLY C 119 -19.29 -21.18 4.28
CA GLY C 119 -20.28 -20.69 3.34
C GLY C 119 -21.58 -21.47 3.38
N VAL C 120 -21.49 -22.78 3.58
CA VAL C 120 -22.68 -23.61 3.67
C VAL C 120 -23.45 -23.29 4.95
N LEU C 121 -22.75 -23.29 6.10
CA LEU C 121 -23.41 -23.02 7.37
C LEU C 121 -23.88 -21.58 7.47
N GLY C 122 -23.15 -20.64 6.84
CA GLY C 122 -23.62 -19.27 6.78
C GLY C 122 -24.93 -19.12 6.03
N GLY C 123 -25.09 -19.86 4.93
CA GLY C 123 -26.37 -19.87 4.24
C GLY C 123 -27.47 -20.51 5.06
N LEU C 124 -27.11 -21.54 5.84
CA LEU C 124 -28.06 -22.13 6.77
C LEU C 124 -28.55 -21.11 7.79
N GLU C 125 -27.65 -20.29 8.31
CA GLU C 125 -28.03 -19.27 9.28
C GLU C 125 -28.93 -18.21 8.66
N VAL C 126 -28.75 -17.93 7.37
CA VAL C 126 -29.64 -17.00 6.68
C VAL C 126 -31.07 -17.51 6.71
N ILE C 127 -31.26 -18.81 6.44
CA ILE C 127 -32.60 -19.39 6.45
C ILE C 127 -33.20 -19.35 7.85
N ARG C 128 -32.40 -19.70 8.87
CA ARG C 128 -32.90 -19.64 10.24
C ARG C 128 -33.23 -18.21 10.65
N SER C 129 -32.40 -17.24 10.23
CA SER C 129 -32.67 -15.84 10.55
C SER C 129 -33.93 -15.35 9.86
N LEU C 130 -34.14 -15.76 8.60
CA LEU C 130 -35.38 -15.41 7.92
C LEU C 130 -36.59 -15.99 8.64
N ASN C 131 -36.47 -17.23 9.13
CA ASN C 131 -37.54 -17.84 9.90
C ASN C 131 -37.81 -17.07 11.19
N ASP C 132 -36.73 -16.67 11.89
CA ASP C 132 -36.89 -15.99 13.18
C ASP C 132 -37.63 -14.67 13.02
N HIS C 133 -37.39 -13.96 11.93
CA HIS C 133 -38.02 -12.67 11.66
C HIS C 133 -39.24 -12.79 10.74
N GLY C 134 -39.67 -14.02 10.44
CA GLY C 134 -40.84 -14.23 9.60
C GLY C 134 -40.77 -13.54 8.26
N ILE C 135 -39.59 -13.46 7.66
CA ILE C 135 -39.42 -12.73 6.41
C ILE C 135 -39.72 -13.67 5.25
N GLU C 136 -40.60 -13.23 4.35
CA GLU C 136 -40.92 -13.94 3.13
C GLU C 136 -40.31 -13.20 1.95
N THR C 137 -39.70 -13.93 1.04
CA THR C 137 -39.03 -13.35 -0.12
C THR C 137 -39.82 -13.65 -1.39
N GLU C 138 -39.61 -12.80 -2.40
CA GLU C 138 -40.24 -13.02 -3.69
C GLU C 138 -39.67 -14.28 -4.36
N HIS C 139 -38.34 -14.34 -4.51
CA HIS C 139 -37.67 -15.51 -5.05
C HIS C 139 -37.47 -16.57 -3.96
N PRO C 140 -37.48 -17.85 -4.32
CA PRO C 140 -37.04 -18.86 -3.36
C PRO C 140 -35.55 -18.73 -3.08
N ILE C 141 -35.14 -19.20 -1.91
CA ILE C 141 -33.74 -19.14 -1.51
C ILE C 141 -33.23 -20.56 -1.33
N GLU C 142 -32.04 -20.83 -1.83
CA GLU C 142 -31.43 -22.15 -1.73
C GLU C 142 -30.02 -22.04 -1.19
N VAL C 143 -29.64 -23.04 -0.38
CA VAL C 143 -28.27 -23.21 0.08
C VAL C 143 -27.76 -24.52 -0.52
N VAL C 144 -26.56 -24.49 -1.10
CA VAL C 144 -26.06 -25.58 -1.91
C VAL C 144 -24.76 -26.12 -1.33
N ILE C 145 -24.66 -27.46 -1.28
CA ILE C 145 -23.39 -28.14 -1.08
C ILE C 145 -22.93 -28.61 -2.46
N TRP C 146 -21.77 -28.14 -2.90
CA TRP C 146 -21.20 -28.55 -4.19
C TRP C 146 -20.21 -29.69 -3.96
N THR C 147 -20.32 -30.74 -4.78
CA THR C 147 -19.49 -31.92 -4.60
C THR C 147 -18.03 -31.68 -4.99
N ASN C 148 -17.12 -32.21 -4.18
CA ASN C 148 -15.69 -32.31 -4.50
C ASN C 148 -15.13 -30.99 -5.06
N GLU C 149 -15.38 -29.90 -4.32
CA GLU C 149 -14.88 -28.62 -4.79
C GLU C 149 -13.36 -28.54 -4.67
N GLU C 150 -12.79 -29.14 -3.62
CA GLU C 150 -11.35 -28.98 -3.37
C GLU C 150 -10.51 -29.53 -4.52
N GLY C 151 -10.95 -30.60 -5.17
CA GLY C 151 -10.16 -31.20 -6.24
C GLY C 151 -8.93 -31.94 -5.76
N SER C 152 -8.90 -32.37 -4.51
CA SER C 152 -7.74 -33.05 -3.97
C SER C 152 -7.82 -34.56 -4.16
N ARG C 153 -8.90 -35.18 -3.71
CA ARG C 153 -9.06 -36.62 -3.90
C ARG C 153 -9.30 -36.98 -5.35
N PHE C 154 -10.16 -36.22 -6.02
CA PHE C 154 -10.39 -36.32 -7.46
C PHE C 154 -10.08 -34.97 -8.07
N ALA C 155 -9.40 -34.99 -9.21
CA ALA C 155 -9.06 -33.75 -9.90
C ALA C 155 -9.92 -33.57 -11.15
N PRO C 156 -10.23 -32.33 -11.54
CA PRO C 156 -9.82 -31.04 -10.97
C PRO C 156 -10.80 -30.46 -9.93
N ALA C 157 -10.47 -29.27 -9.42
CA ALA C 157 -11.34 -28.59 -8.49
C ALA C 157 -12.62 -28.11 -9.18
N MET C 158 -13.64 -27.85 -8.36
CA MET C 158 -14.87 -27.22 -8.81
C MET C 158 -15.57 -28.01 -9.92
N VAL C 159 -15.42 -29.34 -9.91
CA VAL C 159 -15.94 -30.14 -11.02
C VAL C 159 -17.46 -30.17 -11.02
N ALA C 160 -18.10 -30.19 -9.84
CA ALA C 160 -19.54 -30.38 -9.78
C ALA C 160 -20.29 -29.11 -10.18
N SER C 161 -19.86 -27.96 -9.69
CA SER C 161 -20.43 -26.69 -10.13
C SER C 161 -20.10 -26.42 -11.60
N GLY C 162 -18.99 -26.97 -12.09
CA GLY C 162 -18.70 -26.87 -13.52
C GLY C 162 -19.69 -27.62 -14.39
N VAL C 163 -20.03 -28.86 -13.99
CA VAL C 163 -21.05 -29.61 -14.71
C VAL C 163 -22.37 -28.87 -14.63
N PHE C 164 -22.66 -28.26 -13.48
CA PHE C 164 -23.90 -27.53 -13.30
C PHE C 164 -23.99 -26.34 -14.26
N ALA C 165 -22.86 -25.68 -14.51
CA ALA C 165 -22.85 -24.49 -15.37
C ALA C 165 -22.66 -24.80 -16.85
N GLY C 166 -22.60 -26.08 -17.22
CA GLY C 166 -22.38 -26.48 -18.59
C GLY C 166 -20.94 -26.46 -19.06
N VAL C 167 -19.99 -26.13 -18.18
CA VAL C 167 -18.58 -26.11 -18.55
C VAL C 167 -18.06 -27.53 -18.78
N PHE C 168 -18.49 -28.48 -17.95
CA PHE C 168 -18.11 -29.87 -18.12
C PHE C 168 -19.35 -30.72 -18.33
N THR C 169 -19.19 -31.82 -19.07
CA THR C 169 -20.26 -32.79 -19.22
C THR C 169 -20.35 -33.66 -17.98
N LEU C 170 -21.51 -34.32 -17.84
CA LEU C 170 -21.72 -35.23 -16.73
C LEU C 170 -20.76 -36.41 -16.78
N GLU C 171 -20.51 -36.94 -17.98
CA GLU C 171 -19.60 -38.06 -18.13
C GLU C 171 -18.20 -37.70 -17.64
N TYR C 172 -17.76 -36.47 -17.93
CA TYR C 172 -16.47 -35.99 -17.41
C TYR C 172 -16.49 -35.90 -15.89
N GLY C 173 -17.53 -35.29 -15.33
CA GLY C 173 -17.60 -35.14 -13.88
C GLY C 173 -17.62 -36.47 -13.15
N LEU C 174 -18.40 -37.42 -13.65
CA LEU C 174 -18.54 -38.70 -12.95
C LEU C 174 -17.34 -39.62 -13.13
N SER C 175 -16.53 -39.40 -14.17
CA SER C 175 -15.39 -40.27 -14.45
C SER C 175 -14.07 -39.79 -13.84
N ARG C 176 -14.06 -38.68 -13.09
CA ARG C 176 -12.82 -38.24 -12.45
C ARG C 176 -12.39 -39.28 -11.41
N LYS C 177 -11.10 -39.59 -11.40
CA LYS C 177 -10.61 -40.72 -10.63
C LYS C 177 -9.71 -40.27 -9.48
N ASP C 178 -9.76 -41.03 -8.37
CA ASP C 178 -8.81 -40.84 -7.28
C ASP C 178 -7.62 -41.77 -7.50
N VAL C 179 -6.64 -41.72 -6.59
CA VAL C 179 -5.39 -42.47 -6.80
C VAL C 179 -5.60 -43.98 -6.83
N ASP C 180 -6.73 -44.46 -6.32
CA ASP C 180 -7.02 -45.89 -6.30
C ASP C 180 -7.89 -46.31 -7.47
N GLY C 181 -8.18 -45.40 -8.39
CA GLY C 181 -9.00 -45.69 -9.55
C GLY C 181 -10.50 -45.53 -9.35
N LYS C 182 -10.95 -45.16 -8.16
CA LYS C 182 -12.38 -44.98 -7.89
C LYS C 182 -12.88 -43.67 -8.49
N THR C 183 -14.01 -43.74 -9.19
CA THR C 183 -14.59 -42.57 -9.83
C THR C 183 -15.53 -41.83 -8.88
N ILE C 184 -15.81 -40.56 -9.22
CA ILE C 184 -16.79 -39.77 -8.49
C ILE C 184 -18.17 -40.42 -8.56
N GLY C 185 -18.56 -40.90 -9.74
CA GLY C 185 -19.85 -41.55 -9.87
C GLY C 185 -19.99 -42.78 -8.98
N GLU C 186 -18.94 -43.59 -8.87
CA GLU C 186 -18.98 -44.76 -7.98
C GLU C 186 -19.13 -44.34 -6.53
N GLU C 187 -18.36 -43.33 -6.10
CA GLU C 187 -18.39 -42.92 -4.70
C GLU C 187 -19.70 -42.21 -4.35
N LEU C 188 -20.30 -41.49 -5.32
CA LEU C 188 -21.61 -40.88 -5.06
C LEU C 188 -22.65 -41.96 -4.76
N GLN C 189 -22.65 -43.03 -5.57
CA GLN C 189 -23.52 -44.16 -5.33
C GLN C 189 -23.19 -44.86 -4.02
N ARG C 190 -21.91 -44.94 -3.67
CA ARG C 190 -21.51 -45.66 -2.47
C ARG C 190 -21.99 -44.96 -1.20
N ILE C 191 -21.91 -43.62 -1.16
CA ILE C 191 -22.30 -42.92 0.06
C ILE C 191 -23.74 -42.45 -0.05
N GLY C 192 -24.44 -42.87 -1.11
CA GLY C 192 -25.86 -42.59 -1.21
C GLY C 192 -26.22 -41.18 -1.62
N TYR C 193 -25.40 -40.53 -2.43
CA TYR C 193 -25.68 -39.19 -2.92
C TYR C 193 -25.65 -39.11 -4.44
N ALA C 194 -25.98 -40.21 -5.11
CA ALA C 194 -26.19 -40.21 -6.56
C ALA C 194 -27.65 -39.85 -6.79
N GLY C 195 -27.91 -38.54 -6.89
CA GLY C 195 -29.26 -38.00 -6.93
C GLY C 195 -29.95 -38.15 -8.27
N ASP C 196 -31.23 -37.81 -8.29
CA ASP C 196 -32.06 -37.94 -9.48
C ASP C 196 -32.19 -36.67 -10.30
N VAL C 197 -32.03 -35.50 -9.68
CA VAL C 197 -32.25 -34.23 -10.38
C VAL C 197 -31.14 -34.01 -11.40
N PRO C 198 -31.45 -33.58 -12.63
CA PRO C 198 -30.38 -33.33 -13.60
C PRO C 198 -29.47 -32.21 -13.14
N CYS C 199 -28.18 -32.35 -13.42
CA CYS C 199 -27.18 -31.40 -12.98
C CYS C 199 -27.11 -30.23 -13.96
N GLY C 200 -27.60 -29.06 -13.53
CA GLY C 200 -27.64 -27.89 -14.38
C GLY C 200 -28.92 -27.80 -15.17
N GLY C 201 -29.00 -26.75 -15.99
CA GLY C 201 -30.18 -26.53 -16.80
C GLY C 201 -31.31 -25.81 -16.10
N ARG C 202 -31.13 -25.41 -14.85
CA ARG C 202 -32.12 -24.69 -14.09
C ARG C 202 -31.70 -23.23 -13.93
N PRO C 203 -32.53 -22.27 -14.29
CA PRO C 203 -32.11 -20.87 -14.19
C PRO C 203 -32.01 -20.43 -12.74
N LEU C 204 -31.05 -19.55 -12.48
CA LEU C 204 -30.86 -18.95 -11.16
C LEU C 204 -30.96 -17.43 -11.26
N HIS C 205 -31.63 -16.80 -10.29
CA HIS C 205 -31.77 -15.35 -10.32
C HIS C 205 -30.48 -14.65 -9.91
N ALA C 206 -29.84 -15.14 -8.84
CA ALA C 206 -28.58 -14.59 -8.38
C ALA C 206 -27.89 -15.65 -7.51
N ALA C 207 -26.59 -15.47 -7.34
CA ALA C 207 -25.80 -16.39 -6.53
C ALA C 207 -24.76 -15.61 -5.75
N PHE C 208 -24.59 -15.96 -4.48
CA PHE C 208 -23.58 -15.37 -3.62
C PHE C 208 -22.91 -16.47 -2.81
N GLU C 209 -21.60 -16.41 -2.68
CA GLU C 209 -20.84 -17.36 -1.88
C GLU C 209 -20.05 -16.64 -0.81
N LEU C 210 -20.25 -17.03 0.44
CA LEU C 210 -19.50 -16.50 1.58
C LEU C 210 -18.30 -17.41 1.85
N HIS C 211 -17.13 -16.81 2.09
CA HIS C 211 -15.90 -17.59 2.22
C HIS C 211 -14.87 -16.81 3.02
N ILE C 212 -13.95 -17.53 3.67
CA ILE C 212 -12.78 -16.88 4.22
C ILE C 212 -11.82 -16.54 3.09
N GLU C 213 -11.03 -15.47 3.30
CA GLU C 213 -10.18 -14.98 2.23
C GLU C 213 -9.15 -16.03 1.81
N GLN C 214 -8.67 -16.82 2.77
CA GLN C 214 -7.54 -17.73 2.57
C GLN C 214 -6.26 -16.97 2.25
N GLY C 215 -6.24 -15.68 2.53
CA GLY C 215 -5.06 -14.85 2.35
C GLY C 215 -4.97 -13.81 3.45
N PRO C 216 -3.88 -13.05 3.46
CA PRO C 216 -3.61 -12.12 4.57
C PRO C 216 -4.12 -10.69 4.40
N ILE C 217 -4.78 -10.36 3.28
CA ILE C 217 -5.03 -8.94 2.97
C ILE C 217 -5.99 -8.31 3.97
N LEU C 218 -7.15 -8.94 4.20
CA LEU C 218 -8.16 -8.31 5.06
C LEU C 218 -7.68 -8.21 6.50
N GLU C 219 -6.97 -9.23 6.99
CA GLU C 219 -6.42 -9.15 8.34
C GLU C 219 -5.36 -8.05 8.43
N ALA C 220 -4.46 -8.02 7.44
CA ALA C 220 -3.38 -7.03 7.47
C ALA C 220 -3.93 -5.61 7.49
N GLU C 221 -5.00 -5.37 6.73
CA GLU C 221 -5.62 -4.04 6.66
C GLU C 221 -6.67 -3.81 7.73
N ARG C 222 -6.85 -4.78 8.64
CA ARG C 222 -7.86 -4.70 9.68
C ARG C 222 -9.23 -4.36 9.09
N LYS C 223 -9.55 -5.00 7.98
CA LYS C 223 -10.83 -4.88 7.31
C LYS C 223 -11.66 -6.11 7.63
N THR C 224 -12.95 -5.91 7.86
CA THR C 224 -13.83 -6.99 8.26
C THR C 224 -14.43 -7.75 7.07
N ILE C 225 -14.77 -7.05 5.99
CA ILE C 225 -15.45 -7.67 4.85
C ILE C 225 -14.63 -7.41 3.59
N GLY C 226 -14.45 -8.45 2.78
CA GLY C 226 -13.87 -8.33 1.48
C GLY C 226 -14.94 -8.33 0.41
N VAL C 227 -14.97 -7.26 -0.38
CA VAL C 227 -15.89 -7.14 -1.51
C VAL C 227 -15.23 -7.83 -2.70
N VAL C 228 -15.59 -9.08 -2.95
CA VAL C 228 -14.94 -9.87 -3.98
C VAL C 228 -15.44 -9.40 -5.34
N THR C 229 -14.56 -8.76 -6.11
CA THR C 229 -14.91 -8.27 -7.44
C THR C 229 -14.48 -9.22 -8.56
N ASP C 230 -13.35 -9.91 -8.38
CA ASP C 230 -12.82 -10.78 -9.42
C ASP C 230 -12.27 -12.04 -8.78
N ALA C 231 -12.06 -13.06 -9.60
CA ALA C 231 -11.33 -14.25 -9.18
C ALA C 231 -10.27 -14.54 -10.24
N GLN C 232 -9.04 -14.84 -9.81
CA GLN C 232 -7.95 -15.04 -10.75
C GLN C 232 -8.13 -16.35 -11.50
N GLY C 233 -7.57 -16.41 -12.73
CA GLY C 233 -7.58 -17.63 -13.50
C GLY C 233 -6.52 -18.63 -13.06
N GLN C 234 -6.76 -19.90 -13.39
CA GLN C 234 -5.87 -20.99 -12.99
C GLN C 234 -5.63 -21.95 -14.13
N ARG C 235 -4.49 -22.63 -14.07
CA ARG C 235 -4.14 -23.70 -14.99
C ARG C 235 -3.48 -24.80 -14.18
N TRP C 236 -4.01 -26.01 -14.23
CA TRP C 236 -3.46 -27.16 -13.52
C TRP C 236 -2.95 -28.17 -14.54
N TYR C 237 -1.85 -28.82 -14.20
CA TYR C 237 -1.21 -29.77 -15.11
C TYR C 237 -0.94 -31.07 -14.37
N GLU C 238 -0.88 -32.16 -15.15
CA GLU C 238 -0.38 -33.44 -14.69
C GLU C 238 0.74 -33.83 -15.64
N ILE C 239 1.92 -34.06 -15.09
CA ILE C 239 3.12 -34.41 -15.84
C ILE C 239 3.64 -35.75 -15.33
N THR C 240 4.02 -36.64 -16.24
CA THR C 240 4.70 -37.88 -15.89
C THR C 240 5.99 -37.96 -16.65
N PHE C 241 7.11 -38.10 -15.93
CA PHE C 241 8.41 -38.37 -16.54
C PHE C 241 8.69 -39.86 -16.48
N THR C 242 9.17 -40.41 -17.59
CA THR C 242 9.57 -41.81 -17.63
C THR C 242 11.06 -41.88 -18.00
N GLY C 243 11.85 -42.46 -17.12
CA GLY C 243 13.26 -42.68 -17.38
C GLY C 243 13.55 -44.17 -17.43
N GLN C 244 14.58 -44.60 -16.70
CA GLN C 244 14.94 -46.01 -16.63
C GLN C 244 15.18 -46.36 -15.18
N GLU C 245 14.35 -47.25 -14.65
CA GLU C 245 14.54 -47.77 -13.31
C GLU C 245 15.73 -48.72 -13.29
N ALA C 246 16.63 -48.52 -12.32
CA ALA C 246 17.82 -49.35 -12.18
C ALA C 246 18.32 -49.23 -10.75
N HIS C 247 19.17 -50.17 -10.36
CA HIS C 247 19.66 -50.19 -8.99
C HIS C 247 20.71 -49.12 -8.76
N ALA C 248 20.58 -48.42 -7.63
CA ALA C 248 21.39 -47.24 -7.35
C ALA C 248 22.87 -47.58 -7.22
N GLY C 249 23.21 -48.85 -7.05
CA GLY C 249 24.58 -49.26 -6.86
C GLY C 249 25.29 -49.53 -8.18
N PRO C 250 24.94 -50.63 -8.84
CA PRO C 250 25.69 -51.04 -10.04
C PRO C 250 25.46 -50.18 -11.28
N THR C 251 24.52 -49.22 -11.26
CA THR C 251 24.32 -48.34 -12.41
C THR C 251 25.21 -47.11 -12.29
N PRO C 252 26.20 -46.94 -13.16
CA PRO C 252 27.08 -45.76 -13.09
C PRO C 252 26.36 -44.48 -13.50
N MET C 253 26.82 -43.36 -12.93
CA MET C 253 26.17 -42.07 -13.17
C MET C 253 25.99 -41.68 -14.64
N PRO C 254 26.95 -41.86 -15.56
CA PRO C 254 26.71 -41.40 -16.94
C PRO C 254 25.56 -42.10 -17.66
N ARG C 255 25.19 -43.31 -17.26
CA ARG C 255 24.17 -44.11 -17.93
C ARG C 255 22.78 -43.94 -17.36
N ARG C 256 22.52 -42.91 -16.56
CA ARG C 256 21.26 -42.84 -15.85
C ARG C 256 20.23 -41.96 -16.56
N ARG C 257 18.97 -42.39 -16.45
CA ARG C 257 17.81 -41.60 -16.90
C ARG C 257 16.85 -41.53 -15.71
N ASP C 258 17.12 -40.58 -14.80
CA ASP C 258 16.47 -40.50 -13.49
C ASP C 258 15.24 -39.59 -13.59
N ALA C 259 14.05 -40.17 -13.41
CA ALA C 259 12.83 -39.39 -13.57
C ALA C 259 12.63 -38.42 -12.41
N LEU C 260 13.15 -38.75 -11.23
CA LEU C 260 12.99 -37.86 -10.09
C LEU C 260 13.93 -36.66 -10.18
N LEU C 261 15.12 -36.84 -10.77
CA LEU C 261 15.97 -35.68 -11.04
C LEU C 261 15.27 -34.68 -11.94
N GLY C 262 14.59 -35.18 -12.99
CA GLY C 262 13.84 -34.30 -13.86
C GLY C 262 12.70 -33.59 -13.17
N ALA C 263 11.86 -34.35 -12.46
CA ALA C 263 10.72 -33.75 -11.74
C ALA C 263 11.21 -32.76 -10.69
N SER C 264 12.34 -33.06 -10.04
CA SER C 264 12.87 -32.10 -9.07
C SER C 264 13.25 -30.80 -9.75
N ARG C 265 13.80 -30.88 -10.97
CA ARG C 265 14.15 -29.66 -11.69
C ARG C 265 12.90 -28.92 -12.16
N VAL C 266 11.81 -29.62 -12.44
CA VAL C 266 10.58 -28.92 -12.80
C VAL C 266 9.98 -28.23 -11.57
N VAL C 267 10.09 -28.86 -10.40
CA VAL C 267 9.64 -28.20 -9.18
C VAL C 267 10.34 -26.85 -9.02
N ASP C 268 11.65 -26.81 -9.26
CA ASP C 268 12.40 -25.56 -9.19
C ASP C 268 11.97 -24.61 -10.30
N LEU C 269 11.76 -25.12 -11.51
CA LEU C 269 11.32 -24.27 -12.61
C LEU C 269 9.94 -23.68 -12.32
N VAL C 270 9.02 -24.50 -11.82
CA VAL C 270 7.69 -24.01 -11.48
C VAL C 270 7.79 -22.88 -10.44
N ASN C 271 8.63 -23.06 -9.42
CA ASN C 271 8.85 -21.98 -8.45
C ASN C 271 9.39 -20.73 -9.13
N ARG C 272 10.34 -20.90 -10.05
CA ARG C 272 10.95 -19.77 -10.74
CA ARG C 272 10.94 -19.76 -10.72
C ARG C 272 9.91 -18.99 -11.55
N ILE C 273 9.06 -19.70 -12.28
CA ILE C 273 8.05 -19.05 -13.12
C ILE C 273 7.14 -18.17 -12.26
N GLY C 274 6.77 -18.65 -11.07
CA GLY C 274 5.96 -17.84 -10.18
C GLY C 274 6.68 -16.57 -9.75
N LEU C 275 7.98 -16.69 -9.41
CA LEU C 275 8.73 -15.51 -8.97
C LEU C 275 8.96 -14.52 -10.11
N ASP C 276 8.99 -14.99 -11.36
CA ASP C 276 9.16 -14.14 -12.53
C ASP C 276 7.92 -13.31 -12.83
N HIS C 277 6.81 -13.55 -12.15
CA HIS C 277 5.55 -12.83 -12.38
C HIS C 277 4.99 -12.30 -11.08
N ALA C 278 5.84 -11.76 -10.22
CA ALA C 278 5.38 -11.11 -9.01
C ALA C 278 4.63 -9.82 -9.37
N PRO C 279 3.74 -9.35 -8.49
CA PRO C 279 3.40 -9.86 -7.16
C PRO C 279 2.32 -10.95 -7.12
N PHE C 280 1.56 -11.11 -8.21
CA PHE C 280 0.35 -11.93 -8.16
C PHE C 280 0.50 -13.34 -8.75
N GLY C 281 1.63 -13.65 -9.39
CA GLY C 281 1.81 -15.00 -9.92
C GLY C 281 1.87 -16.03 -8.80
N CYS C 282 1.23 -17.19 -9.04
CA CYS C 282 1.21 -18.29 -8.09
C CYS C 282 1.63 -19.56 -8.82
N ALA C 283 2.56 -20.31 -8.22
CA ALA C 283 3.06 -21.53 -8.86
C ALA C 283 3.47 -22.54 -7.80
N THR C 284 2.95 -23.77 -7.91
CA THR C 284 3.14 -24.78 -6.86
C THR C 284 3.15 -26.17 -7.47
N VAL C 285 4.04 -27.02 -6.94
CA VAL C 285 3.98 -28.46 -7.17
C VAL C 285 3.57 -29.09 -5.85
N GLY C 286 2.32 -29.52 -5.74
CA GLY C 286 1.80 -30.03 -4.48
C GLY C 286 1.77 -31.54 -4.36
N MET C 287 1.66 -32.25 -5.48
CA MET C 287 1.49 -33.70 -5.49
C MET C 287 2.56 -34.34 -6.35
N MET C 288 3.20 -35.39 -5.80
CA MET C 288 4.23 -36.14 -6.51
C MET C 288 4.16 -37.62 -6.11
N GLN C 289 4.30 -38.50 -7.09
CA GLN C 289 4.32 -39.95 -6.86
C GLN C 289 5.52 -40.55 -7.59
N VAL C 290 6.47 -41.09 -6.84
CA VAL C 290 7.71 -41.64 -7.37
C VAL C 290 7.57 -43.16 -7.50
N HIS C 291 8.10 -43.71 -8.59
CA HIS C 291 8.05 -45.15 -8.84
C HIS C 291 9.45 -45.65 -9.17
N PRO C 292 9.90 -46.76 -8.57
CA PRO C 292 9.16 -47.58 -7.60
C PRO C 292 9.18 -47.04 -6.18
N ASN C 293 9.97 -45.97 -5.96
CA ASN C 293 10.10 -45.32 -4.66
C ASN C 293 10.87 -46.18 -3.66
N SER C 294 11.90 -46.87 -4.12
CA SER C 294 12.81 -47.64 -3.27
C SER C 294 14.14 -46.89 -3.15
N ARG C 295 14.66 -46.80 -1.93
CA ARG C 295 15.80 -45.93 -1.68
C ARG C 295 17.03 -46.32 -2.50
N ASN C 296 17.15 -47.59 -2.90
CA ASN C 296 18.30 -48.01 -3.69
C ASN C 296 17.94 -48.30 -5.14
N VAL C 297 16.89 -47.67 -5.65
CA VAL C 297 16.51 -47.78 -7.06
C VAL C 297 16.38 -46.37 -7.65
N ILE C 298 17.10 -46.12 -8.74
CA ILE C 298 16.87 -44.89 -9.52
C ILE C 298 15.41 -44.84 -9.94
N PRO C 299 14.68 -43.77 -9.67
CA PRO C 299 13.25 -43.75 -10.03
C PRO C 299 13.07 -43.78 -11.54
N GLY C 300 12.19 -44.68 -11.99
CA GLY C 300 11.91 -44.86 -13.40
C GLY C 300 10.68 -44.10 -13.87
N ARG C 301 9.87 -43.61 -12.94
CA ARG C 301 8.66 -42.90 -13.31
C ARG C 301 8.21 -42.02 -12.15
N VAL C 302 8.01 -40.74 -12.44
CA VAL C 302 7.53 -39.78 -11.46
C VAL C 302 6.32 -39.05 -12.04
N PHE C 303 5.22 -39.09 -11.33
CA PHE C 303 4.03 -38.31 -11.60
C PHE C 303 4.02 -37.12 -10.66
N PHE C 304 3.65 -35.95 -11.17
CA PHE C 304 3.52 -34.77 -10.32
C PHE C 304 2.58 -33.78 -10.97
N THR C 305 2.15 -32.79 -10.19
CA THR C 305 1.18 -31.79 -10.62
C THR C 305 1.78 -30.40 -10.61
N VAL C 306 1.21 -29.51 -11.42
CA VAL C 306 1.62 -28.11 -11.48
C VAL C 306 0.39 -27.25 -11.31
N ASP C 307 0.51 -26.20 -10.51
CA ASP C 307 -0.58 -25.29 -10.18
C ASP C 307 -0.14 -23.88 -10.54
N PHE C 308 -0.74 -23.30 -11.59
CA PHE C 308 -0.46 -21.93 -12.01
C PHE C 308 -1.70 -21.06 -11.77
N ARG C 309 -1.48 -19.85 -11.25
CA ARG C 309 -2.56 -18.90 -11.04
C ARG C 309 -2.08 -17.49 -11.32
N HIS C 310 -2.95 -16.68 -11.90
CA HIS C 310 -2.67 -15.27 -12.10
C HIS C 310 -3.99 -14.54 -12.40
N PRO C 311 -4.12 -13.28 -11.98
CA PRO C 311 -5.35 -12.53 -12.32
C PRO C 311 -5.41 -12.08 -13.76
N ASP C 312 -4.31 -12.15 -14.50
CA ASP C 312 -4.25 -11.72 -15.89
C ASP C 312 -4.05 -12.93 -16.79
N ASP C 313 -4.99 -13.16 -17.71
CA ASP C 313 -4.95 -14.36 -18.54
C ASP C 313 -3.71 -14.39 -19.42
N ALA C 314 -3.27 -13.22 -19.93
CA ALA C 314 -2.10 -13.18 -20.79
C ALA C 314 -0.85 -13.59 -20.03
N VAL C 315 -0.68 -13.12 -18.79
CA VAL C 315 0.43 -13.56 -17.95
C VAL C 315 0.33 -15.05 -17.67
N LEU C 316 -0.88 -15.53 -17.36
CA LEU C 316 -1.09 -16.95 -17.11
C LEU C 316 -0.70 -17.78 -18.33
N ALA C 317 -0.93 -17.26 -19.53
CA ALA C 317 -0.50 -17.95 -20.74
C ALA C 317 1.02 -17.92 -20.89
N GLN C 318 1.68 -16.84 -20.44
CA GLN C 318 3.13 -16.82 -20.46
C GLN C 318 3.71 -17.87 -19.54
N MET C 319 3.09 -18.07 -18.37
CA MET C 319 3.52 -19.12 -17.46
C MET C 319 3.36 -20.48 -18.11
N ASP C 320 2.26 -20.70 -18.83
CA ASP C 320 2.06 -21.97 -19.54
C ASP C 320 3.19 -22.22 -20.53
N ALA C 321 3.55 -21.20 -21.33
CA ALA C 321 4.61 -21.37 -22.32
C ALA C 321 5.97 -21.63 -21.68
N ALA C 322 6.30 -20.89 -20.61
CA ALA C 322 7.59 -21.09 -19.95
C ALA C 322 7.70 -22.49 -19.36
N LEU C 323 6.60 -23.01 -18.82
CA LEU C 323 6.61 -24.36 -18.26
C LEU C 323 6.86 -25.41 -19.34
N ARG C 324 6.07 -25.36 -20.43
CA ARG C 324 6.20 -26.35 -21.49
C ARG C 324 7.59 -26.32 -22.12
N ASP C 325 8.14 -25.12 -22.31
CA ASP C 325 9.47 -24.99 -22.86
C ASP C 325 10.52 -25.53 -21.90
N GLY C 326 10.40 -25.16 -20.61
CA GLY C 326 11.36 -25.63 -19.62
C GLY C 326 11.26 -27.13 -19.36
N VAL C 327 10.04 -27.67 -19.38
CA VAL C 327 9.88 -29.10 -19.18
C VAL C 327 10.55 -29.87 -20.32
N ALA C 328 10.34 -29.42 -21.56
CA ALA C 328 10.95 -30.09 -22.71
C ALA C 328 12.47 -30.03 -22.65
N ARG C 329 13.04 -28.92 -22.17
CA ARG C 329 14.48 -28.85 -22.04
C ARG C 329 14.97 -29.82 -20.98
N ILE C 330 14.34 -29.82 -19.81
CA ILE C 330 14.78 -30.67 -18.72
C ILE C 330 14.73 -32.14 -19.13
N ALA C 331 13.66 -32.53 -19.82
CA ALA C 331 13.54 -33.90 -20.28
C ALA C 331 14.61 -34.26 -21.30
N ALA C 332 14.91 -33.31 -22.20
CA ALA C 332 15.91 -33.56 -23.25
C ALA C 332 17.31 -33.73 -22.67
N ASP C 333 17.66 -32.96 -21.62
CA ASP C 333 19.00 -33.05 -21.05
CA ASP C 333 19.01 -33.06 -21.07
C ASP C 333 19.25 -34.41 -20.39
N ILE C 334 18.22 -34.98 -19.77
CA ILE C 334 18.35 -36.22 -19.02
C ILE C 334 18.12 -37.44 -19.90
N GLY C 335 17.18 -37.35 -20.83
CA GLY C 335 16.75 -38.49 -21.61
C GLY C 335 15.44 -39.08 -21.16
N LEU C 336 14.50 -38.27 -20.68
CA LEU C 336 13.22 -38.73 -20.16
C LEU C 336 12.13 -38.61 -21.22
N GLU C 337 11.11 -39.46 -21.12
CA GLU C 337 9.90 -39.28 -21.88
C GLU C 337 8.91 -38.47 -21.06
N THR C 338 8.16 -37.60 -21.73
CA THR C 338 7.29 -36.65 -21.06
C THR C 338 5.87 -36.84 -21.54
N ALA C 339 4.95 -36.96 -20.60
CA ALA C 339 3.53 -36.80 -20.85
C ALA C 339 3.08 -35.61 -20.02
N LEU C 340 2.69 -34.53 -20.70
CA LEU C 340 2.22 -33.32 -20.05
C LEU C 340 0.81 -33.04 -20.55
N GLU C 341 -0.15 -33.00 -19.63
CA GLU C 341 -1.53 -32.68 -19.95
C GLU C 341 -1.98 -31.54 -19.06
N GLN C 342 -2.55 -30.49 -19.65
CA GLN C 342 -3.25 -29.47 -18.88
C GLN C 342 -4.66 -29.98 -18.61
N ILE C 343 -4.98 -30.19 -17.32
CA ILE C 343 -6.23 -30.84 -16.94
C ILE C 343 -7.29 -29.87 -16.47
N PHE C 344 -6.95 -28.59 -16.31
CA PHE C 344 -7.89 -27.63 -15.73
C PHE C 344 -7.44 -26.24 -16.17
N TYR C 345 -8.36 -25.46 -16.70
CA TYR C 345 -8.09 -24.07 -17.02
C TYR C 345 -9.37 -23.28 -17.07
N TYR C 346 -9.43 -22.18 -16.34
CA TYR C 346 -10.53 -21.24 -16.44
C TYR C 346 -9.95 -19.84 -16.35
N LYS C 347 -10.43 -18.97 -17.24
CA LYS C 347 -9.94 -17.62 -17.35
C LYS C 347 -10.35 -16.82 -16.11
N PRO C 348 -9.67 -15.71 -15.84
CA PRO C 348 -10.06 -14.88 -14.68
C PRO C 348 -11.53 -14.47 -14.78
N VAL C 349 -12.18 -14.38 -13.62
CA VAL C 349 -13.61 -14.15 -13.54
C VAL C 349 -13.84 -12.74 -13.01
N ALA C 350 -14.69 -11.99 -13.71
CA ALA C 350 -15.19 -10.71 -13.23
C ALA C 350 -16.63 -10.92 -12.75
N PHE C 351 -16.86 -10.70 -11.46
CA PHE C 351 -18.18 -10.96 -10.91
C PHE C 351 -19.16 -9.88 -11.34
N ASP C 352 -20.44 -10.20 -11.23
CA ASP C 352 -21.49 -9.32 -11.71
C ASP C 352 -21.50 -8.01 -10.93
N PRO C 353 -21.40 -6.85 -11.60
CA PRO C 353 -21.39 -5.58 -10.87
C PRO C 353 -22.61 -5.38 -9.97
N ALA C 354 -23.80 -5.79 -10.42
CA ALA C 354 -24.97 -5.67 -9.57
C ALA C 354 -24.83 -6.49 -8.29
N CYS C 355 -24.34 -7.74 -8.42
CA CYS C 355 -24.16 -8.55 -7.23
C CYS C 355 -23.06 -8.00 -6.33
N VAL C 356 -21.97 -7.50 -6.93
CA VAL C 356 -20.90 -6.91 -6.14
C VAL C 356 -21.42 -5.71 -5.36
N GLN C 357 -22.26 -4.88 -5.99
CA GLN C 357 -22.75 -3.68 -5.35
C GLN C 357 -23.64 -4.01 -4.14
N ALA C 358 -24.42 -5.09 -4.23
CA ALA C 358 -25.24 -5.50 -3.10
C ALA C 358 -24.36 -5.89 -1.91
N VAL C 359 -23.24 -6.55 -2.18
CA VAL C 359 -22.29 -6.89 -1.12
C VAL C 359 -21.68 -5.63 -0.54
N ARG C 360 -21.27 -4.70 -1.40
CA ARG C 360 -20.66 -3.46 -0.94
C ARG C 360 -21.64 -2.65 -0.08
N GLU C 361 -22.88 -2.54 -0.52
CA GLU C 361 -23.88 -1.78 0.23
C GLU C 361 -24.22 -2.45 1.54
N ALA C 362 -24.24 -3.78 1.56
CA ALA C 362 -24.49 -4.50 2.82
C ALA C 362 -23.40 -4.19 3.83
N ALA C 363 -22.14 -4.20 3.39
CA ALA C 363 -21.05 -3.82 4.26
C ALA C 363 -21.24 -2.40 4.79
N GLU C 364 -21.63 -1.48 3.90
CA GLU C 364 -21.83 -0.09 4.30
C GLU C 364 -22.92 0.03 5.37
N ARG C 365 -24.04 -0.69 5.18
CA ARG C 365 -25.16 -0.56 6.11
C ARG C 365 -24.80 -0.99 7.52
N PHE C 366 -23.92 -1.98 7.67
CA PHE C 366 -23.50 -2.43 9.00
C PHE C 366 -22.29 -1.67 9.53
N GLY C 367 -21.65 -0.82 8.71
CA GLY C 367 -20.43 -0.18 9.14
C GLY C 367 -19.24 -1.11 9.24
N TYR C 368 -19.27 -2.25 8.56
CA TYR C 368 -18.13 -3.15 8.52
C TYR C 368 -17.09 -2.53 7.60
N PRO C 369 -15.88 -2.23 8.07
CA PRO C 369 -14.83 -1.74 7.15
C PRO C 369 -14.54 -2.78 6.08
N HIS C 370 -14.57 -2.34 4.82
CA HIS C 370 -14.52 -3.26 3.69
C HIS C 370 -13.59 -2.70 2.63
N ARG C 371 -13.23 -3.55 1.68
CA ARG C 371 -12.42 -3.14 0.55
C ARG C 371 -12.64 -4.13 -0.58
N ASP C 372 -12.46 -3.65 -1.81
CA ASP C 372 -12.54 -4.53 -2.97
C ASP C 372 -11.36 -5.49 -2.99
N ILE C 373 -11.62 -6.75 -3.31
CA ILE C 373 -10.59 -7.77 -3.25
C ILE C 373 -10.78 -8.76 -4.39
N VAL C 374 -9.65 -9.26 -4.92
CA VAL C 374 -9.64 -10.30 -5.93
C VAL C 374 -9.38 -11.64 -5.24
N SER C 375 -10.23 -12.62 -5.52
CA SER C 375 -10.12 -13.93 -4.89
C SER C 375 -8.94 -14.72 -5.45
N GLY C 376 -8.00 -15.10 -4.58
CA GLY C 376 -6.85 -15.87 -5.00
C GLY C 376 -7.13 -17.33 -5.25
N ALA C 377 -8.26 -17.83 -4.75
CA ALA C 377 -8.61 -19.23 -4.90
C ALA C 377 -9.81 -19.38 -5.81
N GLY C 378 -10.01 -20.59 -6.29
CA GLY C 378 -11.17 -20.91 -7.07
C GLY C 378 -12.31 -21.29 -6.15
N HIS C 379 -13.52 -20.94 -6.58
CA HIS C 379 -14.71 -21.27 -5.82
C HIS C 379 -15.79 -21.70 -6.80
N ASP C 380 -16.81 -22.39 -6.27
CA ASP C 380 -17.94 -22.75 -7.10
C ASP C 380 -18.59 -21.50 -7.73
N ALA C 381 -18.46 -20.35 -7.06
CA ALA C 381 -18.97 -19.10 -7.60
C ALA C 381 -18.30 -18.72 -8.92
N CYS C 382 -17.07 -19.19 -9.13
CA CYS C 382 -16.37 -18.84 -10.37
C CYS C 382 -17.06 -19.45 -11.58
N TYR C 383 -17.59 -20.67 -11.45
CA TYR C 383 -18.38 -21.29 -12.50
C TYR C 383 -19.83 -20.81 -12.49
N LEU C 384 -20.41 -20.61 -11.30
CA LEU C 384 -21.77 -20.11 -11.23
C LEU C 384 -21.90 -18.76 -11.95
N ALA C 385 -20.83 -17.96 -11.95
CA ALA C 385 -20.83 -16.66 -12.60
C ALA C 385 -21.11 -16.76 -14.10
N GLN C 386 -20.96 -17.94 -14.69
CA GLN C 386 -21.21 -18.12 -16.12
C GLN C 386 -22.69 -18.31 -16.45
N VAL C 387 -23.52 -18.69 -15.48
CA VAL C 387 -24.93 -18.93 -15.74
C VAL C 387 -25.87 -18.05 -14.91
N ALA C 388 -25.36 -17.26 -13.97
CA ALA C 388 -26.20 -16.43 -13.13
C ALA C 388 -25.37 -15.26 -12.61
N PRO C 389 -25.98 -14.11 -12.37
CA PRO C 389 -25.24 -13.01 -11.71
C PRO C 389 -24.73 -13.46 -10.36
N THR C 390 -23.43 -13.29 -10.13
CA THR C 390 -22.76 -13.86 -8.98
C THR C 390 -21.71 -12.90 -8.45
N SER C 391 -21.51 -12.95 -7.13
CA SER C 391 -20.36 -12.32 -6.48
C SER C 391 -20.11 -13.07 -5.18
N MET C 392 -19.09 -12.63 -4.44
CA MET C 392 -18.68 -13.34 -3.23
C MET C 392 -18.47 -12.37 -2.07
N VAL C 393 -18.52 -12.92 -0.86
CA VAL C 393 -18.25 -12.19 0.37
C VAL C 393 -17.07 -12.87 1.05
N PHE C 394 -16.06 -12.07 1.40
CA PHE C 394 -14.88 -12.58 2.08
C PHE C 394 -14.84 -12.03 3.50
N VAL C 395 -14.38 -12.87 4.41
CA VAL C 395 -14.00 -12.43 5.75
C VAL C 395 -12.53 -12.78 5.91
N PRO C 396 -11.82 -12.12 6.82
CA PRO C 396 -10.40 -12.44 7.01
C PRO C 396 -10.23 -13.78 7.69
N CYS C 397 -9.00 -14.28 7.64
CA CYS C 397 -8.60 -15.45 8.41
C CYS C 397 -7.25 -15.16 9.06
N VAL C 398 -7.03 -15.77 10.23
CA VAL C 398 -5.85 -15.46 11.04
C VAL C 398 -4.59 -15.82 10.29
N ASP C 399 -3.67 -14.86 10.18
CA ASP C 399 -2.39 -14.95 9.48
C ASP C 399 -2.57 -15.26 8.00
N GLY C 400 -3.80 -15.19 7.49
CA GLY C 400 -4.11 -15.47 6.11
C GLY C 400 -3.92 -16.91 5.67
N ILE C 401 -3.76 -17.84 6.60
CA ILE C 401 -3.42 -19.21 6.25
C ILE C 401 -4.69 -20.03 6.07
N SER C 402 -4.67 -20.84 5.01
CA SER C 402 -5.71 -21.82 4.71
C SER C 402 -5.03 -23.05 4.15
N HIS C 403 -5.79 -24.14 4.04
CA HIS C 403 -5.23 -25.46 3.73
C HIS C 403 -4.15 -25.84 4.75
N ASN C 404 -4.37 -25.38 5.98
CA ASN C 404 -3.58 -25.75 7.14
C ASN C 404 -4.56 -25.89 8.31
N GLU C 405 -4.26 -26.82 9.20
CA GLU C 405 -5.17 -27.13 10.30
C GLU C 405 -5.30 -25.98 11.30
N VAL C 406 -4.39 -25.01 11.29
CA VAL C 406 -4.44 -23.88 12.24
C VAL C 406 -5.27 -22.75 11.66
N GLU C 407 -5.93 -23.01 10.53
CA GLU C 407 -6.85 -22.04 9.94
C GLU C 407 -7.87 -21.58 10.99
N ASP C 408 -8.06 -20.27 11.08
CA ASP C 408 -8.89 -19.71 12.13
C ASP C 408 -9.54 -18.41 11.66
N ALA C 409 -10.69 -18.11 12.26
CA ALA C 409 -11.33 -16.82 12.11
C ALA C 409 -12.05 -16.52 13.42
N THR C 410 -12.16 -15.22 13.75
CA THR C 410 -12.84 -14.88 14.99
C THR C 410 -14.35 -14.98 14.82
N PRO C 411 -15.08 -15.22 15.92
CA PRO C 411 -16.56 -15.21 15.83
C PRO C 411 -17.11 -13.91 15.27
N GLU C 412 -16.44 -12.79 15.54
CA GLU C 412 -16.91 -11.50 15.04
C GLU C 412 -16.83 -11.44 13.52
N TRP C 413 -15.72 -11.93 12.95
CA TRP C 413 -15.60 -12.00 11.50
C TRP C 413 -16.64 -12.93 10.91
N ILE C 414 -16.77 -14.13 11.49
CA ILE C 414 -17.76 -15.12 11.03
C ILE C 414 -19.15 -14.51 11.01
N GLU C 415 -19.51 -13.80 12.09
CA GLU C 415 -20.83 -13.20 12.18
C GLU C 415 -21.03 -12.10 11.14
N ALA C 416 -19.99 -11.30 10.90
CA ALA C 416 -20.12 -10.14 10.02
C ALA C 416 -20.34 -10.56 8.57
N GLY C 417 -19.63 -11.60 8.11
CA GLY C 417 -19.86 -12.10 6.76
C GLY C 417 -21.25 -12.69 6.58
N ALA C 418 -21.77 -13.32 7.62
CA ALA C 418 -23.13 -13.84 7.56
C ALA C 418 -24.17 -12.74 7.46
N ASN C 419 -23.92 -11.60 8.12
CA ASN C 419 -24.83 -10.47 8.01
C ASN C 419 -24.80 -9.87 6.61
N VAL C 420 -23.61 -9.75 6.02
CA VAL C 420 -23.50 -9.23 4.66
C VAL C 420 -24.17 -10.18 3.67
N LEU C 421 -23.91 -11.49 3.81
CA LEU C 421 -24.58 -12.45 2.95
C LEU C 421 -26.10 -12.37 3.10
N LEU C 422 -26.58 -12.23 4.34
CA LEU C 422 -28.02 -12.16 4.57
C LEU C 422 -28.64 -11.01 3.77
N HIS C 423 -28.04 -9.83 3.84
CA HIS C 423 -28.63 -8.67 3.20
C HIS C 423 -28.35 -8.62 1.70
N ALA C 424 -27.19 -9.11 1.25
CA ALA C 424 -26.97 -9.19 -0.20
C ALA C 424 -27.98 -10.13 -0.85
N MET C 425 -28.30 -11.24 -0.19
CA MET C 425 -29.29 -12.17 -0.75
C MET C 425 -30.70 -11.60 -0.67
N LEU C 426 -31.03 -10.94 0.45
CA LEU C 426 -32.37 -10.36 0.61
C LEU C 426 -32.62 -9.31 -0.46
N SER C 427 -31.57 -8.56 -0.84
CA SER C 427 -31.68 -7.56 -1.90
C SER C 427 -32.19 -8.15 -3.20
N ARG C 428 -31.58 -9.25 -3.64
CA ARG C 428 -31.97 -9.84 -4.91
C ARG C 428 -33.14 -10.80 -4.80
N ALA C 429 -33.35 -11.42 -3.64
CA ALA C 429 -34.50 -12.30 -3.48
C ALA C 429 -35.81 -11.54 -3.35
N CYS C 430 -35.76 -10.28 -2.92
CA CYS C 430 -36.97 -9.47 -2.80
C CYS C 430 -37.24 -8.64 -4.05
N GLU C 431 -36.47 -8.82 -5.12
CA GLU C 431 -36.78 -8.17 -6.39
C GLU C 431 -38.07 -8.76 -6.96
N PRO C 432 -39.05 -7.94 -7.30
CA PRO C 432 -40.33 -8.49 -7.78
C PRO C 432 -40.16 -9.20 -9.11
N VAL C 433 -40.91 -10.28 -9.28
CA VAL C 433 -40.84 -11.07 -10.50
C VAL C 433 -41.48 -10.32 -11.68
N PRO D 23 42.94 -73.98 -20.93
CA PRO D 23 42.46 -73.86 -22.32
C PRO D 23 41.81 -75.15 -22.82
N SER D 24 42.56 -76.25 -22.79
CA SER D 24 41.96 -77.55 -23.11
C SER D 24 40.95 -77.98 -22.05
N ILE D 25 41.10 -77.51 -20.82
CA ILE D 25 40.16 -77.80 -19.73
C ILE D 25 39.09 -76.72 -19.70
N LYS D 26 37.84 -77.12 -19.94
CA LYS D 26 36.70 -76.20 -19.97
C LYS D 26 35.51 -76.86 -19.26
N VAL D 27 34.50 -76.05 -18.95
CA VAL D 27 33.31 -76.56 -18.27
C VAL D 27 32.28 -77.05 -19.28
N ASP D 28 31.33 -77.84 -18.79
CA ASP D 28 30.18 -78.29 -19.59
C ASP D 28 29.05 -77.28 -19.42
N GLY D 29 28.94 -76.36 -20.36
CA GLY D 29 27.93 -75.30 -20.26
C GLY D 29 26.51 -75.85 -20.17
N LYS D 30 26.20 -76.88 -20.95
CA LYS D 30 24.83 -77.41 -20.93
C LYS D 30 24.49 -77.98 -19.56
N ARG D 31 25.44 -78.72 -18.96
CA ARG D 31 25.19 -79.29 -17.64
C ARG D 31 24.99 -78.22 -16.59
N LEU D 32 25.83 -77.19 -16.61
CA LEU D 32 25.65 -76.08 -15.67
C LEU D 32 24.34 -75.37 -15.91
N TRP D 33 24.04 -75.09 -17.18
CA TRP D 33 22.79 -74.39 -17.52
C TRP D 33 21.58 -75.20 -17.06
N ASN D 34 21.58 -76.52 -17.29
CA ASN D 34 20.46 -77.34 -16.86
C ASN D 34 20.31 -77.35 -15.35
N SER D 35 21.43 -77.39 -14.62
CA SER D 35 21.36 -77.32 -13.16
C SER D 35 20.70 -76.03 -12.70
N LEU D 36 20.99 -74.92 -13.40
CA LEU D 36 20.37 -73.64 -13.08
C LEU D 36 18.88 -73.63 -13.38
N MET D 37 18.47 -74.18 -14.53
CA MET D 37 17.05 -74.26 -14.83
C MET D 37 16.31 -75.17 -13.85
N GLU D 38 16.99 -76.22 -13.39
CA GLU D 38 16.37 -77.12 -12.41
C GLU D 38 16.22 -76.44 -11.07
N MET D 39 17.25 -75.74 -10.61
CA MET D 39 17.15 -75.08 -9.32
C MET D 39 16.11 -73.97 -9.34
N ALA D 40 15.89 -73.37 -10.52
CA ALA D 40 14.89 -72.32 -10.67
C ALA D 40 13.47 -72.83 -10.52
N LYS D 41 13.23 -74.14 -10.68
CA LYS D 41 11.90 -74.67 -10.45
C LYS D 41 11.56 -74.69 -8.95
N ILE D 42 12.57 -74.81 -8.09
CA ILE D 42 12.35 -74.92 -6.65
C ILE D 42 12.09 -73.52 -6.11
N GLY D 43 10.82 -73.22 -5.83
CA GLY D 43 10.42 -71.89 -5.46
C GLY D 43 10.10 -71.00 -6.64
N ALA D 44 9.84 -71.58 -7.81
CA ALA D 44 9.51 -70.80 -8.99
C ALA D 44 8.24 -69.98 -8.77
N THR D 45 8.27 -68.72 -9.24
CA THR D 45 7.14 -67.81 -9.21
C THR D 45 6.49 -67.75 -10.58
N PRO D 46 5.21 -67.36 -10.66
CA PRO D 46 4.56 -67.31 -11.99
C PRO D 46 5.22 -66.38 -12.98
N LYS D 47 5.79 -65.25 -12.53
CA LYS D 47 6.45 -64.32 -13.46
C LYS D 47 7.78 -64.86 -13.99
N GLY D 48 8.25 -66.00 -13.50
CA GLY D 48 9.48 -66.60 -13.96
C GLY D 48 10.67 -66.42 -13.04
N GLY D 49 10.46 -65.97 -11.81
CA GLY D 49 11.51 -65.83 -10.84
C GLY D 49 11.50 -66.93 -9.80
N VAL D 50 12.20 -66.67 -8.69
CA VAL D 50 12.39 -67.64 -7.63
C VAL D 50 12.05 -66.97 -6.30
N CYS D 51 11.29 -67.68 -5.47
CA CYS D 51 10.94 -67.24 -4.12
C CYS D 51 11.40 -68.32 -3.15
N ARG D 52 12.68 -68.26 -2.79
CA ARG D 52 13.31 -69.28 -1.95
C ARG D 52 13.99 -68.57 -0.78
N LEU D 53 13.17 -68.09 0.15
CA LEU D 53 13.68 -67.34 1.30
C LEU D 53 14.53 -68.23 2.20
N ALA D 54 15.53 -67.63 2.82
CA ALA D 54 16.49 -68.35 3.63
C ALA D 54 15.81 -69.18 4.72
N LEU D 55 16.24 -70.43 4.86
CA LEU D 55 15.85 -71.33 5.94
C LEU D 55 14.36 -71.67 5.93
N THR D 56 13.70 -71.56 4.78
CA THR D 56 12.37 -72.11 4.59
C THR D 56 12.50 -73.58 4.15
N ASP D 57 11.36 -74.26 3.98
CA ASP D 57 11.43 -75.62 3.47
C ASP D 57 11.94 -75.65 2.05
N LEU D 58 11.65 -74.63 1.24
CA LEU D 58 12.19 -74.58 -0.12
C LEU D 58 13.69 -74.33 -0.11
N ASP D 59 14.17 -73.48 0.80
CA ASP D 59 15.61 -73.28 0.96
C ASP D 59 16.30 -74.57 1.41
N LYS D 60 15.66 -75.33 2.31
CA LYS D 60 16.17 -76.65 2.69
C LYS D 60 16.23 -77.57 1.47
N ALA D 61 15.19 -77.55 0.63
CA ALA D 61 15.17 -78.42 -0.53
C ALA D 61 16.32 -78.11 -1.48
N GLY D 62 16.57 -76.83 -1.75
CA GLY D 62 17.66 -76.47 -2.65
C GLY D 62 19.02 -76.84 -2.09
N ARG D 63 19.23 -76.61 -0.79
CA ARG D 63 20.45 -77.05 -0.13
C ARG D 63 20.64 -78.56 -0.27
N ASP D 64 19.59 -79.33 0.05
CA ASP D 64 19.68 -80.78 -0.01
C ASP D 64 20.00 -81.26 -1.42
N LEU D 65 19.43 -80.60 -2.44
CA LEU D 65 19.70 -80.98 -3.82
C LEU D 65 21.15 -80.67 -4.20
N ILE D 66 21.64 -79.49 -3.80
CA ILE D 66 23.02 -79.14 -4.07
C ILE D 66 23.96 -80.09 -3.34
N VAL D 67 23.66 -80.40 -2.07
CA VAL D 67 24.50 -81.33 -1.32
C VAL D 67 24.49 -82.71 -1.97
N ARG D 68 23.31 -83.15 -2.42
CA ARG D 68 23.21 -84.46 -3.08
C ARG D 68 24.06 -84.51 -4.34
N TRP D 69 24.01 -83.44 -5.14
CA TRP D 69 24.85 -83.36 -6.33
C TRP D 69 26.32 -83.33 -5.96
N ALA D 70 26.68 -82.60 -4.90
CA ALA D 70 28.06 -82.51 -4.49
C ALA D 70 28.59 -83.85 -4.01
N LYS D 71 27.79 -84.56 -3.21
CA LYS D 71 28.21 -85.88 -2.74
C LYS D 71 28.35 -86.86 -3.90
N GLU D 72 27.49 -86.73 -4.92
CA GLU D 72 27.64 -87.54 -6.12
C GLU D 72 28.94 -87.22 -6.85
N ALA D 73 29.49 -86.03 -6.67
CA ALA D 73 30.72 -85.62 -7.32
C ALA D 73 31.96 -85.90 -6.47
N GLY D 74 31.83 -86.68 -5.40
CA GLY D 74 32.97 -87.04 -4.58
C GLY D 74 33.34 -86.05 -3.50
N CYS D 75 32.43 -85.15 -3.15
CA CYS D 75 32.69 -84.17 -2.11
C CYS D 75 32.33 -84.70 -0.74
N THR D 76 33.12 -84.30 0.26
CA THR D 76 32.71 -84.40 1.65
C THR D 76 32.09 -83.06 2.06
N VAL D 77 31.04 -83.12 2.87
CA VAL D 77 30.21 -81.97 3.19
C VAL D 77 30.25 -81.74 4.69
N THR D 78 30.46 -80.49 5.09
CA THR D 78 30.30 -80.08 6.48
C THR D 78 29.40 -78.85 6.56
N VAL D 79 28.74 -78.70 7.69
CA VAL D 79 27.86 -77.57 7.98
C VAL D 79 28.32 -76.90 9.26
N ASP D 80 28.36 -75.56 9.27
CA ASP D 80 28.82 -74.83 10.45
C ASP D 80 27.63 -74.33 11.27
N THR D 81 27.95 -73.66 12.39
CA THR D 81 26.94 -73.24 13.36
C THR D 81 25.96 -72.20 12.81
N MET D 82 26.32 -71.50 11.73
CA MET D 82 25.43 -70.58 11.05
C MET D 82 24.76 -71.21 9.83
N GLY D 83 24.90 -72.52 9.64
CA GLY D 83 24.29 -73.22 8.53
C GLY D 83 25.02 -73.14 7.22
N ASN D 84 26.21 -72.55 7.19
CA ASN D 84 26.98 -72.48 5.95
C ASN D 84 27.43 -73.88 5.57
N VAL D 85 27.33 -74.20 4.27
CA VAL D 85 27.62 -75.54 3.76
C VAL D 85 28.96 -75.52 3.04
N PHE D 86 29.84 -76.44 3.42
CA PHE D 86 31.18 -76.51 2.83
C PHE D 86 31.34 -77.87 2.13
N MET D 87 31.36 -77.85 0.80
CA MET D 87 31.48 -79.05 -0.01
C MET D 87 32.89 -79.14 -0.55
N ARG D 88 33.62 -80.17 -0.13
CA ARG D 88 35.07 -80.20 -0.25
C ARG D 88 35.51 -81.26 -1.26
N ARG D 89 36.39 -80.85 -2.17
CA ARG D 89 37.07 -81.77 -3.08
C ARG D 89 38.52 -81.86 -2.63
N ALA D 90 38.97 -83.05 -2.28
CA ALA D 90 40.28 -83.21 -1.66
C ALA D 90 41.39 -82.71 -2.57
N GLY D 91 42.49 -82.30 -1.95
CA GLY D 91 43.70 -81.94 -2.66
C GLY D 91 44.79 -82.96 -2.38
N ARG D 92 45.91 -82.77 -3.09
CA ARG D 92 47.05 -83.65 -2.87
C ARG D 92 47.58 -83.52 -1.45
N VAL D 93 47.63 -82.30 -0.92
CA VAL D 93 48.04 -82.04 0.47
C VAL D 93 46.76 -81.91 1.29
N ALA D 94 46.49 -82.92 2.11
CA ALA D 94 45.18 -83.05 2.75
C ALA D 94 44.88 -81.91 3.72
N ASP D 95 45.90 -81.37 4.39
CA ASP D 95 45.70 -80.36 5.41
C ASP D 95 45.96 -78.94 4.93
N ALA D 96 46.20 -78.75 3.63
CA ALA D 96 46.48 -77.42 3.11
C ALA D 96 45.24 -76.54 3.12
N ALA D 97 45.46 -75.23 3.17
CA ALA D 97 44.36 -74.28 3.18
C ALA D 97 43.59 -74.36 1.86
N PRO D 98 42.27 -74.43 1.89
CA PRO D 98 41.50 -74.62 0.65
C PRO D 98 41.35 -73.34 -0.16
N VAL D 99 41.22 -73.53 -1.47
CA VAL D 99 40.71 -72.50 -2.36
C VAL D 99 39.21 -72.70 -2.51
N VAL D 100 38.43 -71.72 -2.07
CA VAL D 100 36.98 -71.87 -1.96
C VAL D 100 36.29 -70.92 -2.93
N THR D 101 35.11 -71.32 -3.37
CA THR D 101 34.20 -70.43 -4.07
C THR D 101 32.83 -70.60 -3.46
N GLY D 102 31.92 -69.69 -3.77
CA GLY D 102 30.58 -69.85 -3.26
C GLY D 102 29.81 -68.56 -3.21
N SER D 103 28.51 -68.73 -2.99
CA SER D 103 27.55 -67.63 -2.96
C SER D 103 26.38 -68.06 -2.07
N HIS D 104 25.17 -67.67 -2.45
CA HIS D 104 24.00 -68.01 -1.66
C HIS D 104 22.96 -68.71 -2.52
N ALA D 105 22.20 -69.59 -1.91
CA ALA D 105 21.11 -70.29 -2.58
C ALA D 105 19.74 -69.73 -2.21
N ASP D 106 19.67 -68.80 -1.27
CA ASP D 106 18.42 -68.16 -0.91
C ASP D 106 18.16 -66.96 -1.82
N SER D 107 16.90 -66.56 -1.91
CA SER D 107 16.51 -65.54 -2.87
C SER D 107 15.59 -64.53 -2.21
N GLN D 108 15.38 -63.43 -2.93
CA GLN D 108 14.37 -62.44 -2.58
C GLN D 108 12.99 -63.01 -2.87
N PRO D 109 11.94 -62.41 -2.31
CA PRO D 109 10.58 -62.81 -2.71
C PRO D 109 10.33 -62.68 -4.21
N THR D 110 10.95 -61.69 -4.85
CA THR D 110 10.91 -61.51 -6.31
C THR D 110 12.29 -61.78 -6.92
N GLY D 111 13.00 -62.76 -6.39
CA GLY D 111 14.37 -62.98 -6.81
C GLY D 111 14.44 -63.54 -8.22
N GLY D 112 15.62 -63.38 -8.84
CA GLY D 112 15.87 -63.92 -10.15
C GLY D 112 16.42 -65.33 -10.10
N ARG D 113 16.57 -65.91 -11.30
CA ARG D 113 17.03 -67.29 -11.44
C ARG D 113 18.55 -67.43 -11.36
N PHE D 114 19.31 -66.34 -11.30
CA PHE D 114 20.77 -66.42 -11.33
C PHE D 114 21.46 -65.75 -10.15
N ASP D 115 20.79 -64.83 -9.47
CA ASP D 115 21.37 -64.15 -8.32
C ASP D 115 21.76 -65.17 -7.24
N GLY D 116 23.05 -65.21 -6.91
CA GLY D 116 23.55 -66.10 -5.88
C GLY D 116 23.71 -67.54 -6.31
N ILE D 117 22.61 -68.14 -6.80
CA ILE D 117 22.61 -69.56 -7.13
C ILE D 117 23.61 -69.88 -8.25
N TYR D 118 23.86 -68.92 -9.14
CA TYR D 118 24.86 -69.12 -10.19
C TYR D 118 26.25 -69.38 -9.58
N GLY D 119 26.61 -68.63 -8.54
CA GLY D 119 27.91 -68.82 -7.92
C GLY D 119 28.07 -70.18 -7.26
N VAL D 120 27.01 -70.68 -6.64
CA VAL D 120 27.09 -72.00 -6.01
C VAL D 120 27.21 -73.08 -7.08
N LEU D 121 26.27 -73.09 -8.04
CA LEU D 121 26.28 -74.11 -9.09
C LEU D 121 27.49 -73.96 -10.00
N GLY D 122 27.98 -72.75 -10.19
CA GLY D 122 29.22 -72.57 -10.91
C GLY D 122 30.39 -73.28 -10.23
N GLY D 123 30.42 -73.23 -8.90
CA GLY D 123 31.43 -73.98 -8.16
C GLY D 123 31.25 -75.49 -8.25
N LEU D 124 30.00 -75.96 -8.27
CA LEU D 124 29.74 -77.38 -8.48
C LEU D 124 30.23 -77.83 -9.85
N GLU D 125 30.02 -77.00 -10.88
CA GLU D 125 30.47 -77.35 -12.23
C GLU D 125 32.00 -77.38 -12.30
N VAL D 126 32.66 -76.52 -11.53
CA VAL D 126 34.12 -76.57 -11.43
C VAL D 126 34.53 -77.92 -10.85
N ILE D 127 33.83 -78.37 -9.82
CA ILE D 127 34.15 -79.65 -9.19
C ILE D 127 33.96 -80.78 -10.19
N ARG D 128 32.84 -80.74 -10.92
CA ARG D 128 32.55 -81.79 -11.91
C ARG D 128 33.54 -81.76 -13.07
N SER D 129 33.92 -80.57 -13.53
CA SER D 129 34.87 -80.49 -14.65
C SER D 129 36.24 -80.99 -14.24
N LEU D 130 36.68 -80.70 -13.01
CA LEU D 130 37.94 -81.24 -12.53
C LEU D 130 37.88 -82.76 -12.46
N ASN D 131 36.75 -83.32 -12.01
CA ASN D 131 36.58 -84.77 -12.01
C ASN D 131 36.61 -85.32 -13.44
N ASP D 132 35.94 -84.64 -14.38
CA ASP D 132 35.86 -85.13 -15.75
C ASP D 132 37.23 -85.25 -16.39
N HIS D 133 38.15 -84.34 -16.06
CA HIS D 133 39.49 -84.34 -16.64
C HIS D 133 40.51 -85.02 -15.74
N GLY D 134 40.09 -85.64 -14.64
CA GLY D 134 41.02 -86.31 -13.74
C GLY D 134 42.09 -85.39 -13.20
N ILE D 135 41.73 -84.14 -12.92
CA ILE D 135 42.68 -83.14 -12.46
C ILE D 135 42.82 -83.23 -10.94
N GLU D 136 44.06 -83.31 -10.46
CA GLU D 136 44.38 -83.28 -9.05
C GLU D 136 45.03 -81.94 -8.73
N THR D 137 44.59 -81.29 -7.66
CA THR D 137 45.13 -80.00 -7.24
C THR D 137 45.95 -80.15 -5.96
N GLU D 138 46.86 -79.20 -5.77
CA GLU D 138 47.67 -79.18 -4.55
C GLU D 138 46.81 -78.83 -3.33
N HIS D 139 46.14 -77.66 -3.38
CA HIS D 139 45.22 -77.25 -2.33
C HIS D 139 43.87 -77.90 -2.55
N PRO D 140 43.15 -78.21 -1.48
CA PRO D 140 41.76 -78.66 -1.63
C PRO D 140 40.88 -77.54 -2.14
N ILE D 141 39.77 -77.93 -2.76
CA ILE D 141 38.80 -76.99 -3.31
C ILE D 141 37.47 -77.18 -2.60
N GLU D 142 36.82 -76.07 -2.25
CA GLU D 142 35.55 -76.09 -1.56
C GLU D 142 34.55 -75.18 -2.26
N VAL D 143 33.28 -75.59 -2.21
CA VAL D 143 32.15 -74.77 -2.65
C VAL D 143 31.29 -74.47 -1.41
N VAL D 144 30.92 -73.21 -1.25
CA VAL D 144 30.27 -72.76 -0.03
C VAL D 144 28.90 -72.20 -0.37
N ILE D 145 27.90 -72.59 0.41
CA ILE D 145 26.61 -71.90 0.45
C ILE D 145 26.61 -71.05 1.70
N TRP D 146 26.47 -69.73 1.54
CA TRP D 146 26.37 -68.83 2.68
C TRP D 146 24.91 -68.63 3.04
N THR D 147 24.61 -68.75 4.34
CA THR D 147 23.24 -68.63 4.81
C THR D 147 22.76 -67.19 4.76
N ASN D 148 21.51 -67.02 4.32
CA ASN D 148 20.77 -65.76 4.41
C ASN D 148 21.60 -64.57 3.92
N GLU D 149 22.04 -64.65 2.66
CA GLU D 149 22.70 -63.49 2.08
C GLU D 149 21.72 -62.35 1.83
N GLU D 150 20.49 -62.68 1.40
CA GLU D 150 19.54 -61.66 0.95
C GLU D 150 19.08 -60.75 2.08
N GLY D 151 18.94 -61.26 3.30
CA GLY D 151 18.47 -60.42 4.38
C GLY D 151 17.01 -60.03 4.30
N SER D 152 16.19 -60.84 3.64
CA SER D 152 14.77 -60.52 3.48
C SER D 152 13.93 -61.08 4.63
N ARG D 153 14.04 -62.39 4.87
CA ARG D 153 13.29 -62.98 5.97
C ARG D 153 13.89 -62.59 7.33
N PHE D 154 15.22 -62.60 7.44
CA PHE D 154 15.93 -62.14 8.63
C PHE D 154 16.90 -61.02 8.26
N ALA D 155 17.02 -60.03 9.14
CA ALA D 155 18.00 -58.97 8.93
C ALA D 155 19.16 -59.15 9.92
N PRO D 156 20.40 -58.77 9.53
CA PRO D 156 20.76 -58.16 8.25
C PRO D 156 21.14 -59.14 7.14
N ALA D 157 21.44 -58.57 5.99
CA ALA D 157 21.92 -59.36 4.86
C ALA D 157 23.33 -59.85 5.14
N MET D 158 23.70 -60.95 4.48
CA MET D 158 25.06 -61.49 4.57
C MET D 158 25.47 -61.79 6.02
N VAL D 159 24.49 -62.14 6.85
CA VAL D 159 24.76 -62.29 8.28
C VAL D 159 25.69 -63.48 8.54
N ALA D 160 25.55 -64.54 7.75
CA ALA D 160 26.29 -65.78 8.01
C ALA D 160 27.75 -65.67 7.58
N SER D 161 28.01 -65.07 6.41
CA SER D 161 29.40 -64.78 6.04
C SER D 161 29.97 -63.70 6.95
N GLY D 162 29.11 -62.84 7.50
CA GLY D 162 29.57 -61.88 8.49
C GLY D 162 30.03 -62.55 9.76
N VAL D 163 29.29 -63.56 10.24
CA VAL D 163 29.74 -64.31 11.40
C VAL D 163 31.07 -64.98 11.10
N PHE D 164 31.20 -65.52 9.88
CA PHE D 164 32.41 -66.23 9.48
C PHE D 164 33.63 -65.30 9.52
N ALA D 165 33.45 -64.05 9.10
CA ALA D 165 34.54 -63.08 9.04
C ALA D 165 34.73 -62.27 10.32
N GLY D 166 33.97 -62.55 11.37
CA GLY D 166 34.10 -61.78 12.59
C GLY D 166 33.36 -60.46 12.61
N VAL D 167 32.58 -60.15 11.57
CA VAL D 167 31.82 -58.92 11.57
C VAL D 167 30.70 -58.99 12.61
N PHE D 168 30.08 -60.16 12.77
CA PHE D 168 29.05 -60.41 13.77
C PHE D 168 29.47 -61.56 14.67
N THR D 169 28.98 -61.55 15.91
CA THR D 169 29.16 -62.72 16.77
C THR D 169 28.18 -63.82 16.38
N LEU D 170 28.49 -65.04 16.84
CA LEU D 170 27.61 -66.16 16.60
C LEU D 170 26.26 -65.96 17.27
N GLU D 171 26.27 -65.44 18.51
CA GLU D 171 25.03 -65.20 19.22
C GLU D 171 24.17 -64.19 18.49
N TYR D 172 24.79 -63.15 17.92
CA TYR D 172 24.02 -62.17 17.15
C TYR D 172 23.41 -62.83 15.91
N GLY D 173 24.21 -63.60 15.17
CA GLY D 173 23.71 -64.25 13.97
C GLY D 173 22.55 -65.19 14.25
N LEU D 174 22.65 -65.98 15.32
CA LEU D 174 21.62 -66.96 15.63
C LEU D 174 20.35 -66.35 16.23
N SER D 175 20.43 -65.15 16.78
CA SER D 175 19.28 -64.54 17.45
C SER D 175 18.44 -63.67 16.53
N ARG D 176 18.80 -63.53 15.26
CA ARG D 176 18.01 -62.74 14.32
C ARG D 176 16.65 -63.39 14.10
N LYS D 177 15.61 -62.56 14.07
CA LYS D 177 14.23 -63.04 14.06
C LYS D 177 13.54 -62.65 12.76
N ASP D 178 12.60 -63.50 12.32
CA ASP D 178 11.73 -63.17 11.21
C ASP D 178 10.47 -62.49 11.75
N VAL D 179 9.55 -62.13 10.85
CA VAL D 179 8.37 -61.37 11.26
C VAL D 179 7.50 -62.16 12.25
N ASP D 180 7.67 -63.47 12.32
CA ASP D 180 6.88 -64.32 13.21
C ASP D 180 7.60 -64.66 14.52
N GLY D 181 8.78 -64.09 14.78
CA GLY D 181 9.52 -64.38 15.98
C GLY D 181 10.45 -65.59 15.92
N LYS D 182 10.54 -66.26 14.79
CA LYS D 182 11.44 -67.40 14.63
C LYS D 182 12.88 -66.93 14.46
N THR D 183 13.80 -67.53 15.18
CA THR D 183 15.20 -67.13 15.07
C THR D 183 15.91 -67.95 13.99
N ILE D 184 17.04 -67.43 13.53
CA ILE D 184 17.87 -68.19 12.60
C ILE D 184 18.30 -69.50 13.26
N GLY D 185 18.68 -69.44 14.54
CA GLY D 185 19.08 -70.64 15.25
C GLY D 185 17.98 -71.69 15.31
N GLU D 186 16.75 -71.26 15.55
CA GLU D 186 15.61 -72.18 15.57
C GLU D 186 15.36 -72.81 14.20
N GLU D 187 15.36 -71.99 13.15
CA GLU D 187 15.09 -72.49 11.80
C GLU D 187 16.22 -73.34 11.26
N LEU D 188 17.47 -73.04 11.63
CA LEU D 188 18.57 -73.91 11.26
C LEU D 188 18.39 -75.30 11.85
N GLN D 189 18.00 -75.35 13.12
CA GLN D 189 17.75 -76.62 13.78
C GLN D 189 16.57 -77.34 13.14
N ARG D 190 15.54 -76.60 12.73
CA ARG D 190 14.35 -77.20 12.15
C ARG D 190 14.62 -77.84 10.80
N ILE D 191 15.44 -77.22 9.96
CA ILE D 191 15.66 -77.74 8.61
C ILE D 191 16.89 -78.63 8.56
N GLY D 192 17.47 -78.90 9.72
CA GLY D 192 18.59 -79.83 9.81
C GLY D 192 19.93 -79.27 9.37
N TYR D 193 20.15 -77.95 9.49
CA TYR D 193 21.41 -77.32 9.13
C TYR D 193 22.03 -76.56 10.28
N ALA D 194 21.77 -76.99 11.51
CA ALA D 194 22.48 -76.45 12.68
C ALA D 194 23.77 -77.25 12.79
N GLY D 195 24.81 -76.80 12.09
CA GLY D 195 26.01 -77.58 11.96
C GLY D 195 26.89 -77.60 13.20
N ASP D 196 27.87 -78.51 13.18
CA ASP D 196 28.81 -78.72 14.27
C ASP D 196 30.13 -77.99 14.08
N VAL D 197 30.52 -77.67 12.85
CA VAL D 197 31.79 -76.99 12.60
C VAL D 197 31.71 -75.55 13.09
N PRO D 198 32.72 -75.02 13.77
CA PRO D 198 32.66 -73.62 14.17
C PRO D 198 32.61 -72.70 12.95
N CYS D 199 31.85 -71.61 13.08
CA CYS D 199 31.67 -70.68 11.98
C CYS D 199 32.83 -69.70 11.95
N GLY D 200 33.72 -69.86 10.97
CA GLY D 200 34.90 -69.03 10.88
C GLY D 200 36.06 -69.62 11.65
N GLY D 201 37.19 -68.91 11.58
CA GLY D 201 38.39 -69.32 12.25
C GLY D 201 39.25 -70.31 11.50
N ARG D 202 38.87 -70.70 10.29
CA ARG D 202 39.63 -71.65 9.51
C ARG D 202 40.31 -70.90 8.37
N PRO D 203 41.64 -71.02 8.23
CA PRO D 203 42.33 -70.25 7.19
C PRO D 203 41.94 -70.74 5.80
N LEU D 204 41.84 -69.80 4.87
CA LEU D 204 41.54 -70.08 3.49
C LEU D 204 42.68 -69.56 2.62
N HIS D 205 43.08 -70.35 1.63
CA HIS D 205 44.18 -69.91 0.77
C HIS D 205 43.72 -68.80 -0.17
N ALA D 206 42.56 -68.96 -0.79
CA ALA D 206 41.98 -67.94 -1.65
C ALA D 206 40.49 -68.22 -1.74
N ALA D 207 39.76 -67.18 -2.12
CA ALA D 207 38.32 -67.24 -2.22
C ALA D 207 37.87 -66.47 -3.45
N PHE D 208 36.88 -67.01 -4.15
CA PHE D 208 36.33 -66.35 -5.32
C PHE D 208 34.81 -66.45 -5.28
N GLU D 209 34.14 -65.37 -5.68
CA GLU D 209 32.69 -65.41 -5.82
C GLU D 209 32.33 -65.04 -7.26
N LEU D 210 31.65 -65.98 -7.94
CA LEU D 210 31.14 -65.75 -9.28
C LEU D 210 29.71 -65.21 -9.16
N HIS D 211 29.42 -64.15 -9.89
CA HIS D 211 28.14 -63.48 -9.72
C HIS D 211 27.79 -62.72 -10.99
N ILE D 212 26.49 -62.56 -11.23
CA ILE D 212 26.05 -61.68 -12.30
C ILE D 212 26.23 -60.23 -11.86
N GLU D 213 26.48 -59.35 -12.83
CA GLU D 213 26.87 -57.98 -12.55
C GLU D 213 25.80 -57.24 -11.76
N GLN D 214 24.52 -57.53 -12.04
CA GLN D 214 23.37 -56.77 -11.54
C GLN D 214 23.38 -55.33 -12.03
N GLY D 215 24.14 -55.05 -13.09
CA GLY D 215 24.21 -53.74 -13.69
C GLY D 215 24.37 -53.85 -15.20
N PRO D 216 24.39 -52.72 -15.89
CA PRO D 216 24.38 -52.71 -17.36
C PRO D 216 25.74 -52.64 -18.03
N ILE D 217 26.84 -52.54 -17.26
CA ILE D 217 28.12 -52.18 -17.86
C ILE D 217 28.63 -53.24 -18.81
N LEU D 218 28.71 -54.50 -18.35
CA LEU D 218 29.31 -55.54 -19.18
C LEU D 218 28.49 -55.79 -20.44
N GLU D 219 27.17 -55.75 -20.34
CA GLU D 219 26.34 -55.96 -21.53
C GLU D 219 26.47 -54.79 -22.49
N ALA D 220 26.40 -53.55 -21.98
CA ALA D 220 26.45 -52.38 -22.86
C ALA D 220 27.77 -52.29 -23.62
N GLU D 221 28.88 -52.58 -22.95
CA GLU D 221 30.20 -52.48 -23.57
C GLU D 221 30.62 -53.76 -24.27
N ARG D 222 29.70 -54.73 -24.36
CA ARG D 222 29.95 -56.03 -24.99
C ARG D 222 31.19 -56.71 -24.40
N LYS D 223 31.32 -56.65 -23.08
CA LYS D 223 32.37 -57.35 -22.36
C LYS D 223 31.75 -58.58 -21.71
N THR D 224 32.45 -59.70 -21.80
CA THR D 224 31.88 -60.95 -21.29
C THR D 224 32.20 -61.16 -19.81
N ILE D 225 33.39 -60.77 -19.36
CA ILE D 225 33.83 -61.03 -18.00
C ILE D 225 34.16 -59.72 -17.31
N GLY D 226 33.65 -59.55 -16.09
CA GLY D 226 34.03 -58.44 -15.26
C GLY D 226 35.05 -58.87 -14.22
N VAL D 227 36.23 -58.27 -14.29
CA VAL D 227 37.30 -58.50 -13.32
C VAL D 227 37.07 -57.56 -12.14
N VAL D 228 36.42 -58.07 -11.09
CA VAL D 228 36.00 -57.24 -9.96
C VAL D 228 37.22 -56.90 -9.11
N THR D 229 37.58 -55.62 -9.08
CA THR D 229 38.71 -55.12 -8.32
C THR D 229 38.33 -54.59 -6.95
N ASP D 230 37.15 -53.97 -6.83
CA ASP D 230 36.71 -53.35 -5.59
C ASP D 230 35.21 -53.53 -5.43
N ALA D 231 34.74 -53.27 -4.21
CA ALA D 231 33.32 -53.18 -3.91
C ALA D 231 33.07 -51.82 -3.30
N GLN D 232 31.99 -51.19 -3.70
CA GLN D 232 31.77 -49.82 -3.30
C GLN D 232 31.46 -49.71 -1.82
N GLY D 233 31.93 -48.62 -1.22
CA GLY D 233 31.48 -48.25 0.09
C GLY D 233 30.13 -47.56 -0.03
N GLN D 234 29.36 -47.58 1.06
CA GLN D 234 28.01 -47.05 1.00
C GLN D 234 27.75 -46.13 2.18
N ARG D 235 26.89 -45.15 1.95
CA ARG D 235 26.36 -44.28 3.00
C ARG D 235 24.89 -44.02 2.68
N TRP D 236 24.00 -44.36 3.60
CA TRP D 236 22.57 -44.20 3.40
C TRP D 236 22.04 -43.15 4.37
N TYR D 237 21.15 -42.30 3.88
CA TYR D 237 20.61 -41.21 4.68
C TYR D 237 19.10 -41.16 4.58
N GLU D 238 18.50 -40.60 5.63
CA GLU D 238 17.08 -40.27 5.66
C GLU D 238 16.98 -38.80 6.01
N ILE D 239 16.29 -38.03 5.18
CA ILE D 239 16.10 -36.60 5.38
C ILE D 239 14.61 -36.28 5.42
N THR D 240 14.23 -35.41 6.35
CA THR D 240 12.90 -34.83 6.40
C THR D 240 13.06 -33.32 6.42
N PHE D 241 12.43 -32.64 5.47
CA PHE D 241 12.28 -31.18 5.50
C PHE D 241 10.90 -30.84 6.04
N THR D 242 10.84 -29.81 6.88
CA THR D 242 9.59 -29.31 7.42
C THR D 242 9.44 -27.85 7.00
N GLY D 243 8.33 -27.55 6.32
CA GLY D 243 7.99 -26.18 6.02
C GLY D 243 6.66 -25.84 6.66
N GLN D 244 5.74 -25.25 5.89
CA GLN D 244 4.39 -25.00 6.35
C GLN D 244 3.42 -25.28 5.21
N GLU D 245 2.53 -26.25 5.42
CA GLU D 245 1.48 -26.50 4.43
C GLU D 245 0.52 -25.31 4.44
N ALA D 246 0.19 -24.83 3.23
CA ALA D 246 -0.62 -23.64 3.06
C ALA D 246 -1.24 -23.70 1.68
N HIS D 247 -2.17 -22.79 1.42
CA HIS D 247 -2.92 -22.82 0.18
C HIS D 247 -2.04 -22.47 -1.02
N ALA D 248 -2.15 -23.26 -2.08
CA ALA D 248 -1.31 -23.09 -3.25
C ALA D 248 -1.59 -21.79 -3.99
N GLY D 249 -2.74 -21.16 -3.77
CA GLY D 249 -3.06 -19.93 -4.45
C GLY D 249 -2.75 -18.67 -3.65
N PRO D 250 -3.65 -18.31 -2.74
CA PRO D 250 -3.55 -17.01 -2.05
C PRO D 250 -2.41 -16.91 -1.05
N THR D 251 -1.57 -17.95 -0.88
CA THR D 251 -0.40 -17.79 -0.01
C THR D 251 0.66 -17.10 -0.83
N PRO D 252 1.05 -15.87 -0.48
CA PRO D 252 2.00 -15.13 -1.32
C PRO D 252 3.35 -15.82 -1.41
N MET D 253 3.96 -15.74 -2.59
CA MET D 253 5.22 -16.46 -2.84
C MET D 253 6.31 -16.14 -1.84
N PRO D 254 6.54 -14.89 -1.41
CA PRO D 254 7.68 -14.66 -0.49
C PRO D 254 7.56 -15.35 0.86
N ARG D 255 6.34 -15.58 1.37
CA ARG D 255 6.18 -16.16 2.70
C ARG D 255 5.97 -17.68 2.69
N ARG D 256 6.33 -18.36 1.59
CA ARG D 256 6.07 -19.79 1.47
C ARG D 256 7.27 -20.59 1.98
N ARG D 257 7.00 -21.59 2.80
CA ARG D 257 8.00 -22.55 3.27
C ARG D 257 7.63 -23.89 2.64
N ASP D 258 8.04 -24.07 1.40
CA ASP D 258 7.69 -25.24 0.60
C ASP D 258 8.74 -26.32 0.83
N ALA D 259 8.33 -27.42 1.46
CA ALA D 259 9.28 -28.48 1.79
C ALA D 259 9.69 -29.27 0.55
N LEU D 260 8.82 -29.35 -0.47
CA LEU D 260 9.19 -30.08 -1.67
C LEU D 260 10.18 -29.29 -2.52
N LEU D 261 10.10 -27.94 -2.47
CA LEU D 261 11.11 -27.13 -3.14
C LEU D 261 12.49 -27.43 -2.58
N GLY D 262 12.60 -27.55 -1.25
CA GLY D 262 13.88 -27.91 -0.66
C GLY D 262 14.33 -29.30 -1.07
N ALA D 263 13.44 -30.29 -0.92
CA ALA D 263 13.79 -31.65 -1.28
C ALA D 263 14.17 -31.77 -2.75
N SER D 264 13.50 -31.01 -3.62
CA SER D 264 13.87 -31.02 -5.03
C SER D 264 15.29 -30.50 -5.23
N ARG D 265 15.68 -29.47 -4.50
CA ARG D 265 17.02 -28.92 -4.66
C ARG D 265 18.09 -29.86 -4.11
N VAL D 266 17.77 -30.64 -3.07
CA VAL D 266 18.71 -31.62 -2.57
C VAL D 266 18.88 -32.78 -3.55
N VAL D 267 17.80 -33.15 -4.25
CA VAL D 267 17.89 -34.16 -5.29
C VAL D 267 18.93 -33.75 -6.33
N ASP D 268 18.90 -32.49 -6.75
CA ASP D 268 19.87 -31.99 -7.72
C ASP D 268 21.27 -31.92 -7.10
N LEU D 269 21.35 -31.54 -5.83
CA LEU D 269 22.62 -31.54 -5.11
C LEU D 269 23.20 -32.95 -5.02
N VAL D 270 22.36 -33.93 -4.69
CA VAL D 270 22.82 -35.32 -4.63
C VAL D 270 23.40 -35.74 -5.96
N ASN D 271 22.72 -35.40 -7.06
CA ASN D 271 23.26 -35.68 -8.38
C ASN D 271 24.60 -34.98 -8.59
N ARG D 272 24.72 -33.73 -8.13
CA ARG D 272 25.96 -32.97 -8.31
CA ARG D 272 25.96 -32.97 -8.30
C ARG D 272 27.12 -33.61 -7.55
N ILE D 273 26.87 -34.01 -6.30
CA ILE D 273 27.89 -34.69 -5.50
C ILE D 273 28.35 -35.97 -6.18
N GLY D 274 27.42 -36.72 -6.76
CA GLY D 274 27.80 -37.94 -7.45
C GLY D 274 28.69 -37.68 -8.66
N LEU D 275 28.35 -36.67 -9.47
CA LEU D 275 29.16 -36.39 -10.66
C LEU D 275 30.51 -35.78 -10.29
N ASP D 276 30.59 -35.12 -9.14
CA ASP D 276 31.84 -34.54 -8.69
C ASP D 276 32.88 -35.58 -8.29
N HIS D 277 32.50 -36.86 -8.22
CA HIS D 277 33.43 -37.90 -7.81
C HIS D 277 33.42 -39.06 -8.79
N ALA D 278 33.39 -38.70 -10.07
CA ALA D 278 33.52 -39.63 -11.17
C ALA D 278 34.92 -40.24 -11.14
N PRO D 279 35.12 -41.40 -11.78
CA PRO D 279 34.15 -42.13 -12.59
C PRO D 279 33.22 -43.05 -11.79
N PHE D 280 33.61 -43.40 -10.57
CA PHE D 280 32.94 -44.45 -9.85
C PHE D 280 31.95 -43.98 -8.79
N GLY D 281 31.89 -42.68 -8.51
CA GLY D 281 30.92 -42.21 -7.53
C GLY D 281 29.48 -42.44 -7.99
N CYS D 282 28.61 -42.81 -7.05
CA CYS D 282 27.19 -42.99 -7.29
C CYS D 282 26.39 -42.24 -6.22
N ALA D 283 25.34 -41.55 -6.65
CA ALA D 283 24.52 -40.77 -5.74
C ALA D 283 23.09 -40.80 -6.25
N THR D 284 22.15 -41.10 -5.36
CA THR D 284 20.78 -41.38 -5.78
C THR D 284 19.82 -40.94 -4.70
N VAL D 285 18.70 -40.35 -5.12
CA VAL D 285 17.52 -40.17 -4.28
C VAL D 285 16.47 -41.10 -4.86
N GLY D 286 16.23 -42.22 -4.19
CA GLY D 286 15.33 -43.22 -4.72
C GLY D 286 13.93 -43.20 -4.13
N MET D 287 13.81 -42.74 -2.89
CA MET D 287 12.53 -42.76 -2.18
C MET D 287 12.21 -41.34 -1.71
N MET D 288 10.98 -40.90 -1.99
CA MET D 288 10.49 -39.61 -1.56
C MET D 288 9.02 -39.73 -1.25
N GLN D 289 8.60 -39.08 -0.16
CA GLN D 289 7.21 -39.07 0.27
C GLN D 289 6.83 -37.65 0.62
N VAL D 290 5.91 -37.08 -0.15
CA VAL D 290 5.46 -35.70 0.00
C VAL D 290 4.21 -35.68 0.85
N HIS D 291 4.11 -34.69 1.76
CA HIS D 291 2.97 -34.54 2.64
C HIS D 291 2.47 -33.10 2.57
N PRO D 292 1.15 -32.87 2.46
CA PRO D 292 0.07 -33.87 2.42
C PRO D 292 -0.14 -34.51 1.06
N ASN D 293 0.62 -34.05 0.05
CA ASN D 293 0.56 -34.58 -1.31
C ASN D 293 -0.77 -34.24 -1.99
N SER D 294 -1.27 -33.04 -1.72
CA SER D 294 -2.46 -32.52 -2.38
C SER D 294 -2.00 -31.45 -3.37
N ARG D 295 -2.50 -31.54 -4.62
CA ARG D 295 -1.94 -30.73 -5.71
C ARG D 295 -2.11 -29.23 -5.46
N ASN D 296 -3.13 -28.81 -4.71
CA ASN D 296 -3.34 -27.39 -4.42
C ASN D 296 -3.02 -27.05 -2.97
N VAL D 297 -2.08 -27.79 -2.37
CA VAL D 297 -1.52 -27.49 -1.06
C VAL D 297 -0.01 -27.47 -1.18
N ILE D 298 0.61 -26.37 -0.75
CA ILE D 298 2.07 -26.34 -0.61
C ILE D 298 2.52 -27.47 0.32
N PRO D 299 3.49 -28.29 -0.07
CA PRO D 299 3.91 -29.41 0.80
C PRO D 299 4.56 -28.90 2.09
N GLY D 300 4.11 -29.43 3.22
CA GLY D 300 4.64 -29.01 4.51
C GLY D 300 5.72 -29.92 5.04
N ARG D 301 5.83 -31.14 4.49
CA ARG D 301 6.82 -32.09 4.98
C ARG D 301 7.18 -33.04 3.84
N VAL D 302 8.48 -33.28 3.65
CA VAL D 302 8.94 -34.22 2.64
C VAL D 302 10.00 -35.13 3.26
N PHE D 303 9.76 -36.44 3.24
CA PHE D 303 10.73 -37.44 3.63
C PHE D 303 11.38 -38.00 2.37
N PHE D 304 12.69 -38.18 2.42
CA PHE D 304 13.39 -38.79 1.28
C PHE D 304 14.72 -39.39 1.75
N THR D 305 15.32 -40.19 0.87
CA THR D 305 16.52 -40.93 1.16
C THR D 305 17.66 -40.49 0.25
N VAL D 306 18.89 -40.71 0.70
CA VAL D 306 20.09 -40.46 -0.10
C VAL D 306 20.96 -41.71 -0.06
N ASP D 307 21.49 -42.07 -1.23
CA ASP D 307 22.36 -43.24 -1.41
C ASP D 307 23.66 -42.77 -2.03
N PHE D 308 24.78 -42.92 -1.29
CA PHE D 308 26.12 -42.58 -1.78
C PHE D 308 26.97 -43.84 -1.94
N ARG D 309 27.73 -43.91 -3.03
CA ARG D 309 28.64 -45.03 -3.27
C ARG D 309 29.96 -44.50 -3.81
N HIS D 310 31.07 -45.07 -3.34
CA HIS D 310 32.38 -44.76 -3.92
C HIS D 310 33.38 -45.82 -3.48
N PRO D 311 34.35 -46.16 -4.34
CA PRO D 311 35.36 -47.15 -3.96
C PRO D 311 36.38 -46.65 -2.95
N ASP D 312 36.47 -45.35 -2.70
CA ASP D 312 37.43 -44.79 -1.77
C ASP D 312 36.73 -44.22 -0.55
N ASP D 313 37.14 -44.68 0.63
CA ASP D 313 36.46 -44.29 1.86
C ASP D 313 36.59 -42.79 2.13
N ALA D 314 37.76 -42.20 1.84
CA ALA D 314 37.96 -40.77 2.11
C ALA D 314 37.08 -39.90 1.21
N VAL D 315 36.96 -40.27 -0.07
CA VAL D 315 36.06 -39.55 -0.97
C VAL D 315 34.62 -39.69 -0.50
N LEU D 316 34.24 -40.90 -0.09
CA LEU D 316 32.90 -41.13 0.43
C LEU D 316 32.63 -40.24 1.65
N ALA D 317 33.64 -40.02 2.48
CA ALA D 317 33.47 -39.09 3.59
C ALA D 317 33.38 -37.65 3.09
N GLN D 318 34.05 -37.33 1.98
CA GLN D 318 33.88 -35.99 1.41
C GLN D 318 32.46 -35.79 0.92
N MET D 319 31.87 -36.84 0.32
CA MET D 319 30.48 -36.77 -0.13
C MET D 319 29.53 -36.54 1.04
N ASP D 320 29.79 -37.20 2.18
CA ASP D 320 28.97 -36.99 3.37
C ASP D 320 29.01 -35.54 3.82
N ALA D 321 30.20 -34.94 3.89
CA ALA D 321 30.31 -33.55 4.32
C ALA D 321 29.63 -32.61 3.34
N ALA D 322 29.80 -32.85 2.04
CA ALA D 322 29.17 -31.99 1.04
C ALA D 322 27.65 -32.07 1.11
N LEU D 323 27.12 -33.27 1.36
CA LEU D 323 25.67 -33.41 1.51
C LEU D 323 25.17 -32.64 2.71
N ARG D 324 25.78 -32.85 3.87
CA ARG D 324 25.34 -32.18 5.09
C ARG D 324 25.43 -30.67 4.96
N ASP D 325 26.51 -30.17 4.36
CA ASP D 325 26.66 -28.73 4.19
C ASP D 325 25.64 -28.18 3.21
N GLY D 326 25.44 -28.87 2.07
CA GLY D 326 24.50 -28.38 1.08
C GLY D 326 23.05 -28.42 1.55
N VAL D 327 22.67 -29.46 2.30
CA VAL D 327 21.30 -29.56 2.81
C VAL D 327 21.01 -28.41 3.78
N ALA D 328 21.94 -28.14 4.69
CA ALA D 328 21.75 -27.03 5.64
C ALA D 328 21.64 -25.70 4.92
N ARG D 329 22.45 -25.51 3.87
CA ARG D 329 22.36 -24.28 3.08
C ARG D 329 21.00 -24.18 2.38
N ILE D 330 20.50 -25.30 1.83
CA ILE D 330 19.18 -25.28 1.21
C ILE D 330 18.09 -25.00 2.25
N ALA D 331 18.21 -25.60 3.44
CA ALA D 331 17.21 -25.37 4.48
C ALA D 331 17.22 -23.94 4.96
N ALA D 332 18.41 -23.36 5.16
CA ALA D 332 18.51 -21.97 5.62
C ALA D 332 17.99 -21.00 4.58
N ASP D 333 18.17 -21.32 3.30
CA ASP D 333 17.71 -20.44 2.23
C ASP D 333 16.19 -20.34 2.22
N ILE D 334 15.51 -21.47 2.35
CA ILE D 334 14.06 -21.49 2.23
C ILE D 334 13.37 -21.18 3.57
N GLY D 335 13.96 -21.60 4.68
CA GLY D 335 13.31 -21.50 5.97
C GLY D 335 12.73 -22.81 6.43
N LEU D 336 13.37 -23.92 6.10
CA LEU D 336 12.89 -25.25 6.44
C LEU D 336 13.59 -25.76 7.69
N GLU D 337 12.91 -26.67 8.39
CA GLU D 337 13.51 -27.47 9.44
C GLU D 337 14.01 -28.78 8.83
N THR D 338 15.12 -29.28 9.36
CA THR D 338 15.81 -30.43 8.79
C THR D 338 16.00 -31.52 9.82
N ALA D 339 15.67 -32.75 9.44
CA ALA D 339 16.13 -33.96 10.12
C ALA D 339 16.99 -34.74 9.14
N LEU D 340 18.29 -34.84 9.41
CA LEU D 340 19.20 -35.60 8.58
C LEU D 340 19.90 -36.64 9.44
N GLU D 341 19.80 -37.91 9.05
CA GLU D 341 20.45 -39.00 9.76
C GLU D 341 21.11 -39.94 8.76
N GLN D 342 22.35 -40.32 9.03
CA GLN D 342 22.98 -41.39 8.28
C GLN D 342 22.58 -42.70 8.97
N ILE D 343 21.87 -43.56 8.25
CA ILE D 343 21.32 -44.77 8.86
C ILE D 343 22.11 -46.02 8.54
N PHE D 344 23.09 -45.94 7.65
CA PHE D 344 23.82 -47.13 7.22
C PHE D 344 25.18 -46.71 6.70
N TYR D 345 26.21 -47.48 7.04
CA TYR D 345 27.55 -47.25 6.54
C TYR D 345 28.19 -48.60 6.28
N TYR D 346 28.81 -48.70 5.12
CA TYR D 346 29.44 -49.93 4.67
C TYR D 346 30.78 -49.51 4.09
N LYS D 347 31.88 -50.08 4.60
CA LYS D 347 33.18 -49.61 4.13
C LYS D 347 33.47 -50.18 2.74
N PRO D 348 34.17 -49.42 1.90
CA PRO D 348 34.58 -49.95 0.61
C PRO D 348 35.61 -51.07 0.78
N VAL D 349 35.55 -52.05 -0.11
CA VAL D 349 36.45 -53.19 -0.08
C VAL D 349 37.32 -53.17 -1.33
N ALA D 350 38.63 -53.32 -1.14
CA ALA D 350 39.58 -53.57 -2.21
C ALA D 350 39.96 -55.04 -2.17
N PHE D 351 39.64 -55.78 -3.23
CA PHE D 351 39.86 -57.21 -3.23
C PHE D 351 41.35 -57.53 -3.40
N ASP D 352 41.70 -58.77 -3.08
CA ASP D 352 43.10 -59.20 -3.06
C ASP D 352 43.71 -59.15 -4.46
N PRO D 353 44.85 -58.47 -4.64
CA PRO D 353 45.44 -58.38 -5.99
C PRO D 353 45.77 -59.73 -6.62
N ALA D 354 46.29 -60.68 -5.85
CA ALA D 354 46.60 -62.00 -6.42
C ALA D 354 45.33 -62.68 -6.94
N CYS D 355 44.23 -62.59 -6.19
CA CYS D 355 42.97 -63.15 -6.68
C CYS D 355 42.47 -62.38 -7.88
N VAL D 356 42.60 -61.05 -7.85
CA VAL D 356 42.20 -60.23 -8.98
C VAL D 356 42.97 -60.62 -10.23
N GLN D 357 44.30 -60.80 -10.08
CA GLN D 357 45.11 -61.14 -11.25
C GLN D 357 44.80 -62.55 -11.77
N ALA D 358 44.51 -63.49 -10.87
CA ALA D 358 44.15 -64.83 -11.33
C ALA D 358 42.88 -64.80 -12.16
N VAL D 359 41.92 -63.94 -11.80
CA VAL D 359 40.72 -63.79 -12.61
C VAL D 359 41.06 -63.16 -13.97
N ARG D 360 41.87 -62.11 -13.96
CA ARG D 360 42.22 -61.44 -15.21
C ARG D 360 42.94 -62.39 -16.17
N GLU D 361 43.88 -63.18 -15.66
CA GLU D 361 44.59 -64.12 -16.53
C GLU D 361 43.67 -65.22 -17.04
N ALA D 362 42.69 -65.63 -16.23
CA ALA D 362 41.74 -66.65 -16.68
C ALA D 362 40.94 -66.17 -17.88
N ALA D 363 40.40 -64.94 -17.81
CA ALA D 363 39.70 -64.38 -18.96
C ALA D 363 40.63 -64.26 -20.18
N GLU D 364 41.88 -63.86 -19.96
CA GLU D 364 42.83 -63.72 -21.06
C GLU D 364 43.07 -65.06 -21.76
N ARG D 365 43.24 -66.13 -20.99
CA ARG D 365 43.55 -67.43 -21.59
C ARG D 365 42.45 -67.87 -22.55
N PHE D 366 41.20 -67.55 -22.22
CA PHE D 366 40.06 -67.90 -23.06
C PHE D 366 39.75 -66.86 -24.13
N GLY D 367 40.42 -65.72 -24.11
CA GLY D 367 40.09 -64.66 -25.05
C GLY D 367 38.77 -63.98 -24.80
N TYR D 368 38.23 -64.07 -23.59
CA TYR D 368 36.99 -63.38 -23.24
C TYR D 368 37.25 -61.88 -23.11
N PRO D 369 36.57 -61.03 -23.88
CA PRO D 369 36.69 -59.58 -23.63
C PRO D 369 36.27 -59.24 -22.21
N HIS D 370 37.14 -58.51 -21.51
CA HIS D 370 36.99 -58.28 -20.08
C HIS D 370 37.41 -56.86 -19.74
N ARG D 371 37.04 -56.44 -18.53
CA ARG D 371 37.42 -55.13 -18.02
C ARG D 371 37.37 -55.15 -16.50
N ASP D 372 38.17 -54.27 -15.89
CA ASP D 372 38.08 -54.08 -14.45
C ASP D 372 36.77 -53.38 -14.12
N ILE D 373 36.15 -53.81 -13.03
CA ILE D 373 34.83 -53.31 -12.68
C ILE D 373 34.76 -53.20 -11.16
N VAL D 374 34.03 -52.19 -10.68
CA VAL D 374 33.76 -52.04 -9.26
C VAL D 374 32.36 -52.60 -9.00
N SER D 375 32.26 -53.49 -8.02
CA SER D 375 30.96 -54.05 -7.70
C SER D 375 30.11 -52.98 -7.05
N GLY D 376 28.95 -52.68 -7.65
CA GLY D 376 28.09 -51.67 -7.08
C GLY D 376 27.35 -52.12 -5.84
N ALA D 377 27.25 -53.43 -5.62
CA ALA D 377 26.54 -53.96 -4.46
C ALA D 377 27.48 -54.76 -3.57
N GLY D 378 27.00 -55.02 -2.36
CA GLY D 378 27.70 -55.90 -1.42
C GLY D 378 27.34 -57.36 -1.63
N HIS D 379 28.32 -58.22 -1.36
CA HIS D 379 28.19 -59.68 -1.52
C HIS D 379 28.85 -60.36 -0.34
N ASP D 380 28.57 -61.66 -0.18
CA ASP D 380 29.28 -62.41 0.86
C ASP D 380 30.80 -62.29 0.71
N ALA D 381 31.29 -62.12 -0.53
CA ALA D 381 32.72 -61.98 -0.74
C ALA D 381 33.31 -60.76 -0.04
N CYS D 382 32.49 -59.72 0.17
CA CYS D 382 32.98 -58.49 0.80
C CYS D 382 33.35 -58.73 2.25
N TYR D 383 32.56 -59.55 2.95
CA TYR D 383 32.93 -59.87 4.32
C TYR D 383 34.07 -60.89 4.33
N LEU D 384 34.01 -61.86 3.41
CA LEU D 384 35.05 -62.87 3.31
C LEU D 384 36.41 -62.24 3.03
N ALA D 385 36.45 -61.14 2.28
CA ALA D 385 37.71 -60.48 1.95
C ALA D 385 38.47 -60.01 3.19
N GLN D 386 37.79 -59.89 4.33
CA GLN D 386 38.44 -59.44 5.55
C GLN D 386 39.22 -60.53 6.26
N VAL D 387 38.96 -61.80 5.98
CA VAL D 387 39.64 -62.90 6.64
C VAL D 387 40.36 -63.82 5.67
N ALA D 388 40.23 -63.59 4.36
CA ALA D 388 40.84 -64.47 3.37
C ALA D 388 41.08 -63.67 2.10
N PRO D 389 42.16 -63.97 1.37
CA PRO D 389 42.36 -63.31 0.07
C PRO D 389 41.20 -63.66 -0.84
N THR D 390 40.54 -62.63 -1.37
CA THR D 390 39.27 -62.79 -2.08
C THR D 390 39.20 -61.81 -3.24
N SER D 391 38.49 -62.23 -4.28
CA SER D 391 38.06 -61.35 -5.36
C SER D 391 36.81 -61.97 -5.99
N MET D 392 36.26 -61.31 -7.00
CA MET D 392 35.00 -61.76 -7.58
C MET D 392 35.07 -61.79 -9.10
N VAL D 393 34.18 -62.58 -9.71
CA VAL D 393 34.03 -62.70 -11.15
C VAL D 393 32.62 -62.28 -11.53
N PHE D 394 32.50 -61.36 -12.49
CA PHE D 394 31.21 -60.88 -12.95
C PHE D 394 30.97 -61.32 -14.39
N VAL D 395 29.71 -61.65 -14.68
CA VAL D 395 29.23 -61.81 -16.05
C VAL D 395 28.10 -60.80 -16.23
N PRO D 396 27.78 -60.45 -17.47
CA PRO D 396 26.68 -59.49 -17.68
C PRO D 396 25.33 -60.13 -17.42
N CYS D 397 24.32 -59.27 -17.25
CA CYS D 397 22.93 -59.71 -17.22
C CYS D 397 22.11 -58.74 -18.06
N VAL D 398 21.03 -59.26 -18.65
CA VAL D 398 20.25 -58.51 -19.61
C VAL D 398 19.59 -57.31 -18.95
N ASP D 399 19.83 -56.13 -19.53
CA ASP D 399 19.34 -54.83 -19.08
C ASP D 399 19.82 -54.48 -17.66
N GLY D 400 20.79 -55.22 -17.13
CA GLY D 400 21.26 -54.98 -15.79
C GLY D 400 20.28 -55.30 -14.68
N ILE D 401 19.24 -56.08 -14.97
CA ILE D 401 18.17 -56.32 -14.00
C ILE D 401 18.56 -57.48 -13.10
N SER D 402 18.44 -57.26 -11.79
CA SER D 402 18.63 -58.30 -10.79
C SER D 402 17.71 -58.00 -9.62
N HIS D 403 17.56 -58.98 -8.73
CA HIS D 403 16.57 -58.92 -7.65
C HIS D 403 15.18 -58.69 -8.23
N ASN D 404 14.98 -59.17 -9.47
CA ASN D 404 13.73 -59.10 -10.20
C ASN D 404 13.55 -60.40 -10.97
N GLU D 405 12.28 -60.82 -11.12
CA GLU D 405 11.99 -62.12 -11.70
C GLU D 405 12.39 -62.24 -13.17
N VAL D 406 12.57 -61.13 -13.88
CA VAL D 406 12.92 -61.15 -15.30
C VAL D 406 14.45 -61.15 -15.50
N GLU D 407 15.18 -61.41 -14.42
CA GLU D 407 16.64 -61.59 -14.47
C GLU D 407 17.03 -62.56 -15.59
N ASP D 408 18.03 -62.19 -16.38
CA ASP D 408 18.39 -63.07 -17.48
C ASP D 408 19.88 -62.96 -17.81
N ALA D 409 20.44 -64.07 -18.26
CA ALA D 409 21.79 -64.14 -18.79
C ALA D 409 21.82 -65.20 -19.87
N THR D 410 22.68 -65.01 -20.87
CA THR D 410 22.72 -66.03 -21.91
C THR D 410 23.52 -67.24 -21.44
N PRO D 411 23.27 -68.41 -22.01
CA PRO D 411 24.12 -69.57 -21.69
C PRO D 411 25.59 -69.34 -21.98
N GLU D 412 25.92 -68.52 -22.99
CA GLU D 412 27.31 -68.21 -23.29
C GLU D 412 27.95 -67.42 -22.15
N TRP D 413 27.20 -66.47 -21.58
CA TRP D 413 27.70 -65.74 -20.42
C TRP D 413 27.90 -66.68 -19.23
N ILE D 414 26.88 -67.48 -18.91
CA ILE D 414 26.97 -68.41 -17.79
C ILE D 414 28.17 -69.33 -17.94
N GLU D 415 28.36 -69.88 -19.15
CA GLU D 415 29.47 -70.80 -19.37
C GLU D 415 30.81 -70.10 -19.25
N ALA D 416 30.90 -68.86 -19.74
CA ALA D 416 32.18 -68.15 -19.76
C ALA D 416 32.66 -67.82 -18.36
N GLY D 417 31.75 -67.35 -17.49
CA GLY D 417 32.14 -67.04 -16.13
C GLY D 417 32.59 -68.26 -15.36
N ALA D 418 31.95 -69.41 -15.60
CA ALA D 418 32.38 -70.64 -14.95
C ALA D 418 33.76 -71.06 -15.45
N ASN D 419 34.07 -70.82 -16.73
CA ASN D 419 35.40 -71.12 -17.24
C ASN D 419 36.46 -70.26 -16.55
N VAL D 420 36.13 -68.98 -16.33
CA VAL D 420 37.05 -68.09 -15.62
C VAL D 420 37.23 -68.56 -14.19
N LEU D 421 36.13 -68.88 -13.51
CA LEU D 421 36.22 -69.38 -12.14
C LEU D 421 37.04 -70.66 -12.06
N LEU D 422 36.85 -71.56 -13.02
CA LEU D 422 37.59 -72.82 -13.02
C LEU D 422 39.09 -72.60 -13.09
N HIS D 423 39.54 -71.74 -14.00
CA HIS D 423 40.98 -71.57 -14.16
C HIS D 423 41.57 -70.64 -13.12
N ALA D 424 40.82 -69.64 -12.66
CA ALA D 424 41.32 -68.81 -11.56
C ALA D 424 41.49 -69.65 -10.30
N MET D 425 40.54 -70.54 -10.03
CA MET D 425 40.68 -71.42 -8.87
C MET D 425 41.79 -72.42 -9.09
N LEU D 426 41.90 -72.95 -10.32
CA LEU D 426 42.94 -73.92 -10.62
C LEU D 426 44.33 -73.32 -10.49
N SER D 427 44.49 -72.05 -10.88
CA SER D 427 45.76 -71.36 -10.72
C SER D 427 46.19 -71.30 -9.26
N ARG D 428 45.26 -70.92 -8.38
CA ARG D 428 45.64 -70.76 -6.98
C ARG D 428 45.62 -72.09 -6.23
N ALA D 429 44.83 -73.06 -6.69
CA ALA D 429 44.82 -74.36 -6.03
C ALA D 429 46.06 -75.18 -6.36
N CYS D 430 46.75 -74.89 -7.47
CA CYS D 430 47.97 -75.60 -7.85
C CYS D 430 49.23 -74.91 -7.34
N GLU D 431 49.10 -73.87 -6.53
CA GLU D 431 50.26 -73.25 -5.90
C GLU D 431 50.85 -74.21 -4.88
N PRO D 432 52.13 -74.60 -5.00
CA PRO D 432 52.68 -75.60 -4.07
C PRO D 432 52.74 -75.05 -2.66
N VAL D 433 52.44 -75.90 -1.70
CA VAL D 433 52.40 -75.51 -0.29
C VAL D 433 53.81 -75.28 0.27
#